data_7HZM
# 
_entry.id   7HZM 
# 
_audit_conform.dict_name       mmcif_pdbx.dic 
_audit_conform.dict_version    5.402 
_audit_conform.dict_location   http://mmcif.pdb.org/dictionaries/ascii/mmcif_pdbx.dic 
# 
loop_
_database_2.database_id 
_database_2.database_code 
_database_2.pdbx_database_accession 
_database_2.pdbx_DOI 
PDB   7HZM         pdb_00007hzm 10.2210/pdb7hzm/pdb 
WWPDB D_1001408130 ?            ?                   
# 
_pdbx_audit_revision_history.ordinal             1 
_pdbx_audit_revision_history.data_content_type   'Structure model' 
_pdbx_audit_revision_history.major_revision      1 
_pdbx_audit_revision_history.minor_revision      0 
_pdbx_audit_revision_history.revision_date       2025-02-12 
# 
_pdbx_audit_revision_details.ordinal             1 
_pdbx_audit_revision_details.revision_ordinal    1 
_pdbx_audit_revision_details.data_content_type   'Structure model' 
_pdbx_audit_revision_details.provider            repository 
_pdbx_audit_revision_details.type                'Initial release' 
_pdbx_audit_revision_details.description         ? 
_pdbx_audit_revision_details.details             ? 
# 
_pdbx_database_status.entry_id                        7HZM 
_pdbx_database_status.status_code                     REL 
_pdbx_database_status.status_code_sf                  REL 
_pdbx_database_status.status_code_mr                  ? 
_pdbx_database_status.status_code_cs                  ? 
_pdbx_database_status.recvd_initial_deposition_date   2025-01-14 
_pdbx_database_status.status_code_nmr_data            ? 
_pdbx_database_status.deposit_site                    RCSB 
_pdbx_database_status.process_site                    RCSB 
_pdbx_database_status.SG_entry                        ? 
_pdbx_database_status.pdb_format_compatible           N 
_pdbx_database_status.methods_development_category    ? 
# 
_pdbx_contact_author.id                 1 
_pdbx_contact_author.email              frank.von-delft@diamond.ac.uk 
_pdbx_contact_author.name_first         Frank 
_pdbx_contact_author.name_last          'von Delft' 
_pdbx_contact_author.role               'principal investigator/group leader' 
_pdbx_contact_author.identifier_ORCID   0000-0003-0378-0017 
_pdbx_contact_author.name_mi            ? 
# 
loop_
_audit_author.name 
_audit_author.pdbx_ordinal 
_audit_author.identifier_ORCID 
'Lithgo, R.M.'        1  ? 
'Fairhead, M.'        2  ? 
'Koekemoer, L.'       3  ? 
'Balcomb, B.H.'       4  ? 
'Capkin, E.'          5  ? 
'Chandran, A.V.'      6  ? 
'Golding, M.'         7  ? 
'Godoy, A.S.'         8  ? 
'Aschenbrenner, J.C.' 9  ? 
'Marples, P.G.'       10 ? 
'Ni, X.'              11 ? 
'Thompson, W.'        12 ? 
'Tomlinson, C.W.E.'   13 ? 
'Wild, C.'            14 ? 
'Winokan, M.'         15 ? 
'Xavier, M.-A.E.'     16 ? 
'Kenton, N.'          17 ? 
'Tucker, J.'          18 ? 
'DiPoto, M.'          19 ? 
'Lee, A.'             20 ? 
'Fearon, D.'          21 ? 
'von Delft, F.'       22 ? 
# 
_citation.id                        primary 
_citation.title                     
'Group deposition of Coxsackievirus A16 (G-10) 2A protease in complex with inhibitors from the ASAP AViDD centre' 
_citation.journal_abbrev            'To Be Published' 
_citation.journal_volume            ? 
_citation.page_first                ? 
_citation.page_last                 ? 
_citation.year                      ? 
_citation.journal_id_ASTM           ? 
_citation.country                   ? 
_citation.journal_id_ISSN           ? 
_citation.journal_id_CSD            0353 
_citation.book_publisher            ? 
_citation.pdbx_database_id_PubMed   ? 
_citation.pdbx_database_id_DOI      ? 
# 
loop_
_citation_author.citation_id 
_citation_author.name 
_citation_author.identifier_ORCID 
_citation_author.ordinal 
primary 'Lithgo, R.M.'        ? 1  
primary 'Fairhead, M.'        ? 2  
primary 'Koekemoer, L.'       ? 3  
primary 'Balcomb, B.H.'       ? 4  
primary 'Capkin, E.'          ? 5  
primary 'Chandran, A.V.'      ? 6  
primary 'Golding, M.'         ? 7  
primary 'Godoy, A.S.'         ? 8  
primary 'Aschenbrenner, J.C.' ? 9  
primary 'Marples, P.G.'       ? 10 
primary 'Ni, X.'              ? 11 
primary 'Thompson, W.'        ? 12 
primary 'Tomlinson, C.W.E.'   ? 13 
primary 'Wild, C.'            ? 14 
primary 'Winokan, M.'         ? 15 
primary 'Xavier, M.-A.E.'     ? 16 
primary 'Kenton, N.'          ? 17 
primary 'Tucker, J.'          ? 18 
primary 'DiPoto, M.'          ? 19 
primary 'Lee, A.'             ? 20 
primary 'Fearon, D.'          ? 21 
primary 'von Delft, F.'       ? 22 
# 
loop_
_entity.id 
_entity.type 
_entity.src_method 
_entity.pdbx_description 
_entity.formula_weight 
_entity.pdbx_number_of_molecules 
_entity.pdbx_ec 
_entity.pdbx_mutation 
_entity.pdbx_fragment 
_entity.details 
1 polymer     man 'Protease 2A'                               15892.732 1   3.4.22.29 ? ? ? 
2 non-polymer syn 'ZINC ION'                                  65.409    1   ?         ? ? ? 
3 non-polymer syn 'DIMETHYL SULFOXIDE'                        78.133    4   ?         ? ? ? 
4 non-polymer syn 'SULFATE ION'                               96.063    1   ?         ? ? ? 
5 non-polymer syn 5-fluoro-1-methyl-1H-indazole-3-carboxamide 193.178   1   ?         ? ? ? 
6 water       nat water                                       18.015    228 ?         ? ? ? 
# 
_entity_name_com.entity_id   1 
_entity_name_com.name        'P2A,Picornain 2A,Protein 2A' 
# 
_entity_poly.entity_id                      1 
_entity_poly.type                           'polypeptide(L)' 
_entity_poly.nstd_linkage                   no 
_entity_poly.nstd_monomer                   no 
_entity_poly.pdbx_seq_one_letter_code       
;SGAIYVGNYRVVNRHLATHNDWANLVWEDSSRDLLVSSTTAQGCDTIARCDCQTGVYYCSSRRKHYPVSFSKPSLIFVEA
SEYYPARYQSHLMLAVGHSEPGDCGGILRCQHGVVGIVSTGGNGLVGFADVRDLLWLDEEAMEQ
;
_entity_poly.pdbx_seq_one_letter_code_can   
;SGAIYVGNYRVVNRHLATHNDWANLVWEDSSRDLLVSSTTAQGCDTIARCDCQTGVYYCSSRRKHYPVSFSKPSLIFVEA
SEYYPARYQSHLMLAVGHSEPGDCGGILRCQHGVVGIVSTGGNGLVGFADVRDLLWLDEEAMEQ
;
_entity_poly.pdbx_strand_id                 A 
_entity_poly.pdbx_target_identifier         ? 
# 
loop_
_pdbx_entity_nonpoly.entity_id 
_pdbx_entity_nonpoly.name 
_pdbx_entity_nonpoly.comp_id 
2 'ZINC ION'                                  ZN    
3 'DIMETHYL SULFOXIDE'                        DMS   
4 'SULFATE ION'                               SO4   
5 5-fluoro-1-methyl-1H-indazole-3-carboxamide A1BQ3 
6 water                                       HOH   
# 
loop_
_entity_poly_seq.entity_id 
_entity_poly_seq.num 
_entity_poly_seq.mon_id 
_entity_poly_seq.hetero 
1 1   SER n 
1 2   GLY n 
1 3   ALA n 
1 4   ILE n 
1 5   TYR n 
1 6   VAL n 
1 7   GLY n 
1 8   ASN n 
1 9   TYR n 
1 10  ARG n 
1 11  VAL n 
1 12  VAL n 
1 13  ASN n 
1 14  ARG n 
1 15  HIS n 
1 16  LEU n 
1 17  ALA n 
1 18  THR n 
1 19  HIS n 
1 20  ASN n 
1 21  ASP n 
1 22  TRP n 
1 23  ALA n 
1 24  ASN n 
1 25  LEU n 
1 26  VAL n 
1 27  TRP n 
1 28  GLU n 
1 29  ASP n 
1 30  SER n 
1 31  SER n 
1 32  ARG n 
1 33  ASP n 
1 34  LEU n 
1 35  LEU n 
1 36  VAL n 
1 37  SER n 
1 38  SER n 
1 39  THR n 
1 40  THR n 
1 41  ALA n 
1 42  GLN n 
1 43  GLY n 
1 44  CYS n 
1 45  ASP n 
1 46  THR n 
1 47  ILE n 
1 48  ALA n 
1 49  ARG n 
1 50  CYS n 
1 51  ASP n 
1 52  CYS n 
1 53  GLN n 
1 54  THR n 
1 55  GLY n 
1 56  VAL n 
1 57  TYR n 
1 58  TYR n 
1 59  CYS n 
1 60  SER n 
1 61  SER n 
1 62  ARG n 
1 63  ARG n 
1 64  LYS n 
1 65  HIS n 
1 66  TYR n 
1 67  PRO n 
1 68  VAL n 
1 69  SER n 
1 70  PHE n 
1 71  SER n 
1 72  LYS n 
1 73  PRO n 
1 74  SER n 
1 75  LEU n 
1 76  ILE n 
1 77  PHE n 
1 78  VAL n 
1 79  GLU n 
1 80  ALA n 
1 81  SER n 
1 82  GLU n 
1 83  TYR n 
1 84  TYR n 
1 85  PRO n 
1 86  ALA n 
1 87  ARG n 
1 88  TYR n 
1 89  GLN n 
1 90  SER n 
1 91  HIS n 
1 92  LEU n 
1 93  MET n 
1 94  LEU n 
1 95  ALA n 
1 96  VAL n 
1 97  GLY n 
1 98  HIS n 
1 99  SER n 
1 100 GLU n 
1 101 PRO n 
1 102 GLY n 
1 103 ASP n 
1 104 CYS n 
1 105 GLY n 
1 106 GLY n 
1 107 ILE n 
1 108 LEU n 
1 109 ARG n 
1 110 CYS n 
1 111 GLN n 
1 112 HIS n 
1 113 GLY n 
1 114 VAL n 
1 115 VAL n 
1 116 GLY n 
1 117 ILE n 
1 118 VAL n 
1 119 SER n 
1 120 THR n 
1 121 GLY n 
1 122 GLY n 
1 123 ASN n 
1 124 GLY n 
1 125 LEU n 
1 126 VAL n 
1 127 GLY n 
1 128 PHE n 
1 129 ALA n 
1 130 ASP n 
1 131 VAL n 
1 132 ARG n 
1 133 ASP n 
1 134 LEU n 
1 135 LEU n 
1 136 TRP n 
1 137 LEU n 
1 138 ASP n 
1 139 GLU n 
1 140 GLU n 
1 141 ALA n 
1 142 MET n 
1 143 GLU n 
1 144 GLN n 
# 
_entity_src_gen.entity_id                          1 
_entity_src_gen.pdbx_src_id                        1 
_entity_src_gen.pdbx_alt_source_flag               sample 
_entity_src_gen.pdbx_seq_type                      'Biological sequence' 
_entity_src_gen.pdbx_beg_seq_num                   1 
_entity_src_gen.pdbx_end_seq_num                   144 
_entity_src_gen.gene_src_common_name               ? 
_entity_src_gen.gene_src_genus                     ? 
_entity_src_gen.pdbx_gene_src_gene                 ? 
_entity_src_gen.gene_src_species                   ? 
_entity_src_gen.gene_src_strain                    ? 
_entity_src_gen.gene_src_tissue                    ? 
_entity_src_gen.gene_src_tissue_fraction           ? 
_entity_src_gen.gene_src_details                   ? 
_entity_src_gen.pdbx_gene_src_fragment             ? 
_entity_src_gen.pdbx_gene_src_scientific_name      'Coxsackievirus A16' 
_entity_src_gen.pdbx_gene_src_ncbi_taxonomy_id     31704 
_entity_src_gen.pdbx_gene_src_variant              ? 
_entity_src_gen.pdbx_gene_src_cell_line            ? 
_entity_src_gen.pdbx_gene_src_atcc                 ? 
_entity_src_gen.pdbx_gene_src_organ                ? 
_entity_src_gen.pdbx_gene_src_organelle            ? 
_entity_src_gen.pdbx_gene_src_cell                 ? 
_entity_src_gen.pdbx_gene_src_cellular_location    ? 
_entity_src_gen.host_org_common_name               ? 
_entity_src_gen.pdbx_host_org_scientific_name      'Escherichia coli' 
_entity_src_gen.pdbx_host_org_ncbi_taxonomy_id     562 
_entity_src_gen.host_org_genus                     ? 
_entity_src_gen.pdbx_host_org_gene                 ? 
_entity_src_gen.pdbx_host_org_organ                ? 
_entity_src_gen.host_org_species                   ? 
_entity_src_gen.pdbx_host_org_tissue               ? 
_entity_src_gen.pdbx_host_org_tissue_fraction      ? 
_entity_src_gen.pdbx_host_org_strain               ? 
_entity_src_gen.pdbx_host_org_variant              ? 
_entity_src_gen.pdbx_host_org_cell_line            ? 
_entity_src_gen.pdbx_host_org_atcc                 ? 
_entity_src_gen.pdbx_host_org_culture_collection   ? 
_entity_src_gen.pdbx_host_org_cell                 ? 
_entity_src_gen.pdbx_host_org_organelle            ? 
_entity_src_gen.pdbx_host_org_cellular_location    ? 
_entity_src_gen.pdbx_host_org_vector_type          ? 
_entity_src_gen.pdbx_host_org_vector               ? 
_entity_src_gen.host_org_details                   ? 
_entity_src_gen.expression_system_id               ? 
_entity_src_gen.plasmid_name                       ? 
_entity_src_gen.plasmid_details                    ? 
_entity_src_gen.pdbx_description                   ? 
# 
loop_
_chem_comp.id 
_chem_comp.type 
_chem_comp.mon_nstd_flag 
_chem_comp.name 
_chem_comp.pdbx_synonyms 
_chem_comp.formula 
_chem_comp.formula_weight 
A1BQ3 non-polymer         . 5-fluoro-1-methyl-1H-indazole-3-carboxamide ? 'C9 H8 F N3 O'   193.178 
ALA   'L-peptide linking' y ALANINE                                     ? 'C3 H7 N O2'     89.093  
ARG   'L-peptide linking' y ARGININE                                    ? 'C6 H15 N4 O2 1' 175.209 
ASN   'L-peptide linking' y ASPARAGINE                                  ? 'C4 H8 N2 O3'    132.118 
ASP   'L-peptide linking' y 'ASPARTIC ACID'                             ? 'C4 H7 N O4'     133.103 
CYS   'L-peptide linking' y CYSTEINE                                    ? 'C3 H7 N O2 S'   121.158 
DMS   non-polymer         . 'DIMETHYL SULFOXIDE'                        ? 'C2 H6 O S'      78.133  
GLN   'L-peptide linking' y GLUTAMINE                                   ? 'C5 H10 N2 O3'   146.144 
GLU   'L-peptide linking' y 'GLUTAMIC ACID'                             ? 'C5 H9 N O4'     147.129 
GLY   'peptide linking'   y GLYCINE                                     ? 'C2 H5 N O2'     75.067  
HIS   'L-peptide linking' y HISTIDINE                                   ? 'C6 H10 N3 O2 1' 156.162 
HOH   non-polymer         . WATER                                       ? 'H2 O'           18.015  
ILE   'L-peptide linking' y ISOLEUCINE                                  ? 'C6 H13 N O2'    131.173 
LEU   'L-peptide linking' y LEUCINE                                     ? 'C6 H13 N O2'    131.173 
LYS   'L-peptide linking' y LYSINE                                      ? 'C6 H15 N2 O2 1' 147.195 
MET   'L-peptide linking' y METHIONINE                                  ? 'C5 H11 N O2 S'  149.211 
PHE   'L-peptide linking' y PHENYLALANINE                               ? 'C9 H11 N O2'    165.189 
PRO   'L-peptide linking' y PROLINE                                     ? 'C5 H9 N O2'     115.130 
SER   'L-peptide linking' y SERINE                                      ? 'C3 H7 N O3'     105.093 
SO4   non-polymer         . 'SULFATE ION'                               ? 'O4 S -2'        96.063  
THR   'L-peptide linking' y THREONINE                                   ? 'C4 H9 N O3'     119.119 
TRP   'L-peptide linking' y TRYPTOPHAN                                  ? 'C11 H12 N2 O2'  204.225 
TYR   'L-peptide linking' y TYROSINE                                    ? 'C9 H11 N O3'    181.189 
VAL   'L-peptide linking' y VALINE                                      ? 'C5 H11 N O2'    117.146 
ZN    non-polymer         . 'ZINC ION'                                  ? 'Zn 2'           65.409  
# 
loop_
_pdbx_poly_seq_scheme.asym_id 
_pdbx_poly_seq_scheme.entity_id 
_pdbx_poly_seq_scheme.seq_id 
_pdbx_poly_seq_scheme.mon_id 
_pdbx_poly_seq_scheme.ndb_seq_num 
_pdbx_poly_seq_scheme.pdb_seq_num 
_pdbx_poly_seq_scheme.auth_seq_num 
_pdbx_poly_seq_scheme.pdb_mon_id 
_pdbx_poly_seq_scheme.auth_mon_id 
_pdbx_poly_seq_scheme.pdb_strand_id 
_pdbx_poly_seq_scheme.pdb_ins_code 
_pdbx_poly_seq_scheme.hetero 
A 1 1   SER 1   7   7   SER SER A . n 
A 1 2   GLY 2   8   8   GLY GLY A . n 
A 1 3   ALA 3   9   9   ALA ALA A . n 
A 1 4   ILE 4   10  10  ILE ILE A . n 
A 1 5   TYR 5   11  11  TYR TYR A . n 
A 1 6   VAL 6   12  12  VAL VAL A . n 
A 1 7   GLY 7   13  13  GLY GLY A . n 
A 1 8   ASN 8   14  14  ASN ASN A . n 
A 1 9   TYR 9   15  15  TYR TYR A . n 
A 1 10  ARG 10  16  16  ARG ARG A . n 
A 1 11  VAL 11  17  17  VAL VAL A . n 
A 1 12  VAL 12  18  18  VAL VAL A . n 
A 1 13  ASN 13  19  19  ASN ASN A . n 
A 1 14  ARG 14  20  20  ARG ARG A . n 
A 1 15  HIS 15  21  21  HIS HIS A . n 
A 1 16  LEU 16  22  22  LEU LEU A . n 
A 1 17  ALA 17  23  23  ALA ALA A . n 
A 1 18  THR 18  24  24  THR THR A . n 
A 1 19  HIS 19  25  25  HIS HIS A . n 
A 1 20  ASN 20  26  26  ASN ASN A . n 
A 1 21  ASP 21  27  27  ASP ASP A . n 
A 1 22  TRP 22  28  28  TRP TRP A . n 
A 1 23  ALA 23  29  29  ALA ALA A . n 
A 1 24  ASN 24  30  30  ASN ASN A . n 
A 1 25  LEU 25  31  31  LEU LEU A . n 
A 1 26  VAL 26  32  32  VAL VAL A . n 
A 1 27  TRP 27  33  33  TRP TRP A . n 
A 1 28  GLU 28  34  34  GLU GLU A . n 
A 1 29  ASP 29  35  35  ASP ASP A . n 
A 1 30  SER 30  36  36  SER SER A . n 
A 1 31  SER 31  37  37  SER SER A . n 
A 1 32  ARG 32  38  38  ARG ARG A . n 
A 1 33  ASP 33  39  39  ASP ASP A . n 
A 1 34  LEU 34  40  40  LEU LEU A . n 
A 1 35  LEU 35  41  41  LEU LEU A . n 
A 1 36  VAL 36  42  42  VAL VAL A . n 
A 1 37  SER 37  43  43  SER SER A . n 
A 1 38  SER 38  44  44  SER SER A . n 
A 1 39  THR 39  45  45  THR THR A . n 
A 1 40  THR 40  46  46  THR THR A . n 
A 1 41  ALA 41  47  47  ALA ALA A . n 
A 1 42  GLN 42  48  48  GLN GLN A . n 
A 1 43  GLY 43  49  49  GLY GLY A . n 
A 1 44  CYS 44  50  50  CYS CYS A . n 
A 1 45  ASP 45  51  51  ASP ASP A . n 
A 1 46  THR 46  52  52  THR THR A . n 
A 1 47  ILE 47  53  53  ILE ILE A . n 
A 1 48  ALA 48  54  54  ALA ALA A . n 
A 1 49  ARG 49  55  55  ARG ARG A . n 
A 1 50  CYS 50  56  56  CYS CYS A . n 
A 1 51  ASP 51  57  57  ASP ASP A . n 
A 1 52  CYS 52  58  58  CYS CYS A . n 
A 1 53  GLN 53  59  59  GLN GLN A . n 
A 1 54  THR 54  60  60  THR THR A . n 
A 1 55  GLY 55  61  61  GLY GLY A . n 
A 1 56  VAL 56  62  62  VAL VAL A . n 
A 1 57  TYR 57  63  63  TYR TYR A . n 
A 1 58  TYR 58  64  64  TYR TYR A . n 
A 1 59  CYS 59  65  65  CYS CYS A . n 
A 1 60  SER 60  66  66  SER SER A . n 
A 1 61  SER 61  67  67  SER SER A . n 
A 1 62  ARG 62  68  68  ARG ARG A . n 
A 1 63  ARG 63  69  69  ARG ARG A . n 
A 1 64  LYS 64  70  70  LYS LYS A . n 
A 1 65  HIS 65  71  71  HIS HIS A . n 
A 1 66  TYR 66  72  72  TYR TYR A . n 
A 1 67  PRO 67  73  73  PRO PRO A . n 
A 1 68  VAL 68  74  74  VAL VAL A . n 
A 1 69  SER 69  75  75  SER SER A . n 
A 1 70  PHE 70  76  76  PHE PHE A . n 
A 1 71  SER 71  77  77  SER SER A . n 
A 1 72  LYS 72  78  78  LYS LYS A . n 
A 1 73  PRO 73  79  79  PRO PRO A . n 
A 1 74  SER 74  80  80  SER SER A . n 
A 1 75  LEU 75  81  81  LEU LEU A . n 
A 1 76  ILE 76  82  82  ILE ILE A . n 
A 1 77  PHE 77  83  83  PHE PHE A . n 
A 1 78  VAL 78  84  84  VAL VAL A . n 
A 1 79  GLU 79  85  85  GLU GLU A . n 
A 1 80  ALA 80  86  86  ALA ALA A . n 
A 1 81  SER 81  87  87  SER SER A . n 
A 1 82  GLU 82  88  88  GLU GLU A . n 
A 1 83  TYR 83  89  89  TYR TYR A . n 
A 1 84  TYR 84  90  90  TYR TYR A . n 
A 1 85  PRO 85  91  91  PRO PRO A . n 
A 1 86  ALA 86  92  92  ALA ALA A . n 
A 1 87  ARG 87  93  93  ARG ARG A . n 
A 1 88  TYR 88  94  94  TYR TYR A . n 
A 1 89  GLN 89  95  95  GLN GLN A . n 
A 1 90  SER 90  96  96  SER SER A . n 
A 1 91  HIS 91  97  97  HIS HIS A . n 
A 1 92  LEU 92  98  98  LEU LEU A . n 
A 1 93  MET 93  99  99  MET MET A . n 
A 1 94  LEU 94  100 100 LEU LEU A . n 
A 1 95  ALA 95  101 101 ALA ALA A . n 
A 1 96  VAL 96  102 102 VAL VAL A . n 
A 1 97  GLY 97  103 103 GLY GLY A . n 
A 1 98  HIS 98  104 104 HIS HIS A . n 
A 1 99  SER 99  105 105 SER SER A . n 
A 1 100 GLU 100 106 106 GLU GLU A . n 
A 1 101 PRO 101 107 107 PRO PRO A . n 
A 1 102 GLY 102 108 108 GLY GLY A . n 
A 1 103 ASP 103 109 109 ASP ASP A . n 
A 1 104 CYS 104 110 110 CYS CYS A . n 
A 1 105 GLY 105 111 111 GLY GLY A . n 
A 1 106 GLY 106 112 112 GLY GLY A . n 
A 1 107 ILE 107 113 113 ILE ILE A . n 
A 1 108 LEU 108 114 114 LEU LEU A . n 
A 1 109 ARG 109 115 115 ARG ARG A . n 
A 1 110 CYS 110 116 116 CYS CYS A . n 
A 1 111 GLN 111 117 117 GLN GLN A . n 
A 1 112 HIS 112 118 118 HIS HIS A . n 
A 1 113 GLY 113 119 119 GLY GLY A . n 
A 1 114 VAL 114 120 120 VAL VAL A . n 
A 1 115 VAL 115 121 121 VAL VAL A . n 
A 1 116 GLY 116 122 122 GLY GLY A . n 
A 1 117 ILE 117 123 123 ILE ILE A . n 
A 1 118 VAL 118 124 124 VAL VAL A . n 
A 1 119 SER 119 125 125 SER SER A . n 
A 1 120 THR 120 126 126 THR THR A . n 
A 1 121 GLY 121 127 127 GLY GLY A . n 
A 1 122 GLY 122 128 128 GLY GLY A . n 
A 1 123 ASN 123 129 129 ASN ASN A . n 
A 1 124 GLY 124 130 130 GLY GLY A . n 
A 1 125 LEU 125 131 131 LEU LEU A . n 
A 1 126 VAL 126 132 132 VAL VAL A . n 
A 1 127 GLY 127 133 133 GLY GLY A . n 
A 1 128 PHE 128 134 134 PHE PHE A . n 
A 1 129 ALA 129 135 135 ALA ALA A . n 
A 1 130 ASP 130 136 136 ASP ASP A . n 
A 1 131 VAL 131 137 137 VAL VAL A . n 
A 1 132 ARG 132 138 138 ARG ARG A . n 
A 1 133 ASP 133 139 139 ASP ASP A . n 
A 1 134 LEU 134 140 140 LEU LEU A . n 
A 1 135 LEU 135 141 141 LEU LEU A . n 
A 1 136 TRP 136 142 142 TRP TRP A . n 
A 1 137 LEU 137 143 143 LEU LEU A . n 
A 1 138 ASP 138 144 144 ASP ASP A . n 
A 1 139 GLU 139 145 145 GLU GLU A . n 
A 1 140 GLU 140 146 146 GLU GLU A . n 
A 1 141 ALA 141 147 ?   ?   ?   A . n 
A 1 142 MET 142 148 ?   ?   ?   A . n 
A 1 143 GLU 143 149 ?   ?   ?   A . n 
A 1 144 GLN 144 150 ?   ?   ?   A . n 
# 
_pdbx_entity_instance_feature.ordinal        1 
_pdbx_entity_instance_feature.comp_id        A1BQ3 
_pdbx_entity_instance_feature.asym_id        ? 
_pdbx_entity_instance_feature.seq_num        ? 
_pdbx_entity_instance_feature.auth_comp_id   A1BQ3 
_pdbx_entity_instance_feature.auth_asym_id   ? 
_pdbx_entity_instance_feature.auth_seq_num   ? 
_pdbx_entity_instance_feature.feature_type   'SUBJECT OF INVESTIGATION' 
_pdbx_entity_instance_feature.details        ? 
# 
loop_
_pdbx_nonpoly_scheme.asym_id 
_pdbx_nonpoly_scheme.entity_id 
_pdbx_nonpoly_scheme.mon_id 
_pdbx_nonpoly_scheme.ndb_seq_num 
_pdbx_nonpoly_scheme.pdb_seq_num 
_pdbx_nonpoly_scheme.auth_seq_num 
_pdbx_nonpoly_scheme.pdb_mon_id 
_pdbx_nonpoly_scheme.auth_mon_id 
_pdbx_nonpoly_scheme.pdb_strand_id 
_pdbx_nonpoly_scheme.pdb_ins_code 
B 2 ZN    1   201 1   ZN    ZN  A . 
C 3 DMS   1   202 -1  DMS   DMS A . 
D 3 DMS   1   203 0   DMS   DMS A . 
E 3 DMS   1   204 1   DMS   DMS A . 
F 3 DMS   1   205 3   DMS   DMS A . 
G 4 SO4   1   206 1   SO4   SO4 A . 
H 5 A1BQ3 1   207 246 A1BQ3 LIG A . 
I 6 HOH   1   301 135 HOH   HOH A . 
I 6 HOH   2   302 94  HOH   HOH A . 
I 6 HOH   3   303 43  HOH   HOH A . 
I 6 HOH   4   304 238 HOH   HOH A . 
I 6 HOH   5   305 141 HOH   HOH A . 
I 6 HOH   6   306 147 HOH   HOH A . 
I 6 HOH   7   307 85  HOH   HOH A . 
I 6 HOH   8   308 77  HOH   HOH A . 
I 6 HOH   9   309 103 HOH   HOH A . 
I 6 HOH   10  310 234 HOH   HOH A . 
I 6 HOH   11  311 207 HOH   HOH A . 
I 6 HOH   12  312 219 HOH   HOH A . 
I 6 HOH   13  313 31  HOH   HOH A . 
I 6 HOH   14  314 33  HOH   HOH A . 
I 6 HOH   15  315 105 HOH   HOH A . 
I 6 HOH   16  316 35  HOH   HOH A . 
I 6 HOH   17  317 224 HOH   HOH A . 
I 6 HOH   18  318 34  HOH   HOH A . 
I 6 HOH   19  319 182 HOH   HOH A . 
I 6 HOH   20  320 5   HOH   HOH A . 
I 6 HOH   21  321 107 HOH   HOH A . 
I 6 HOH   22  322 60  HOH   HOH A . 
I 6 HOH   23  323 229 HOH   HOH A . 
I 6 HOH   24  324 70  HOH   HOH A . 
I 6 HOH   25  325 131 HOH   HOH A . 
I 6 HOH   26  326 59  HOH   HOH A . 
I 6 HOH   27  327 205 HOH   HOH A . 
I 6 HOH   28  328 63  HOH   HOH A . 
I 6 HOH   29  329 30  HOH   HOH A . 
I 6 HOH   30  330 152 HOH   HOH A . 
I 6 HOH   31  331 249 HOH   HOH A . 
I 6 HOH   32  332 45  HOH   HOH A . 
I 6 HOH   33  333 36  HOH   HOH A . 
I 6 HOH   34  334 184 HOH   HOH A . 
I 6 HOH   35  335 237 HOH   HOH A . 
I 6 HOH   36  336 211 HOH   HOH A . 
I 6 HOH   37  337 4   HOH   HOH A . 
I 6 HOH   38  338 110 HOH   HOH A . 
I 6 HOH   39  339 49  HOH   HOH A . 
I 6 HOH   40  340 97  HOH   HOH A . 
I 6 HOH   41  341 220 HOH   HOH A . 
I 6 HOH   42  342 231 HOH   HOH A . 
I 6 HOH   43  343 144 HOH   HOH A . 
I 6 HOH   44  344 236 HOH   HOH A . 
I 6 HOH   45  345 2   HOH   HOH A . 
I 6 HOH   46  346 197 HOH   HOH A . 
I 6 HOH   47  347 204 HOH   HOH A . 
I 6 HOH   48  348 74  HOH   HOH A . 
I 6 HOH   49  349 233 HOH   HOH A . 
I 6 HOH   50  350 247 HOH   HOH A . 
I 6 HOH   51  351 13  HOH   HOH A . 
I 6 HOH   52  352 66  HOH   HOH A . 
I 6 HOH   53  353 28  HOH   HOH A . 
I 6 HOH   54  354 137 HOH   HOH A . 
I 6 HOH   55  355 195 HOH   HOH A . 
I 6 HOH   56  356 112 HOH   HOH A . 
I 6 HOH   57  357 104 HOH   HOH A . 
I 6 HOH   58  358 37  HOH   HOH A . 
I 6 HOH   59  359 75  HOH   HOH A . 
I 6 HOH   60  360 50  HOH   HOH A . 
I 6 HOH   61  361 24  HOH   HOH A . 
I 6 HOH   62  362 164 HOH   HOH A . 
I 6 HOH   63  363 68  HOH   HOH A . 
I 6 HOH   64  364 88  HOH   HOH A . 
I 6 HOH   65  365 248 HOH   HOH A . 
I 6 HOH   66  366 138 HOH   HOH A . 
I 6 HOH   67  367 181 HOH   HOH A . 
I 6 HOH   68  368 109 HOH   HOH A . 
I 6 HOH   69  369 58  HOH   HOH A . 
I 6 HOH   70  370 29  HOH   HOH A . 
I 6 HOH   71  371 25  HOH   HOH A . 
I 6 HOH   72  372 78  HOH   HOH A . 
I 6 HOH   73  373 161 HOH   HOH A . 
I 6 HOH   74  374 116 HOH   HOH A . 
I 6 HOH   75  375 82  HOH   HOH A . 
I 6 HOH   76  376 113 HOH   HOH A . 
I 6 HOH   77  377 8   HOH   HOH A . 
I 6 HOH   78  378 15  HOH   HOH A . 
I 6 HOH   79  379 16  HOH   HOH A . 
I 6 HOH   80  380 96  HOH   HOH A . 
I 6 HOH   81  381 46  HOH   HOH A . 
I 6 HOH   82  382 42  HOH   HOH A . 
I 6 HOH   83  383 21  HOH   HOH A . 
I 6 HOH   84  384 108 HOH   HOH A . 
I 6 HOH   85  385 133 HOH   HOH A . 
I 6 HOH   86  386 203 HOH   HOH A . 
I 6 HOH   87  387 90  HOH   HOH A . 
I 6 HOH   88  388 84  HOH   HOH A . 
I 6 HOH   89  389 132 HOH   HOH A . 
I 6 HOH   90  390 174 HOH   HOH A . 
I 6 HOH   91  391 169 HOH   HOH A . 
I 6 HOH   92  392 12  HOH   HOH A . 
I 6 HOH   93  393 178 HOH   HOH A . 
I 6 HOH   94  394 69  HOH   HOH A . 
I 6 HOH   95  395 173 HOH   HOH A . 
I 6 HOH   96  396 72  HOH   HOH A . 
I 6 HOH   97  397 62  HOH   HOH A . 
I 6 HOH   98  398 213 HOH   HOH A . 
I 6 HOH   99  399 198 HOH   HOH A . 
I 6 HOH   100 400 186 HOH   HOH A . 
I 6 HOH   101 401 67  HOH   HOH A . 
I 6 HOH   102 402 19  HOH   HOH A . 
I 6 HOH   103 403 124 HOH   HOH A . 
I 6 HOH   104 404 7   HOH   HOH A . 
I 6 HOH   105 405 226 HOH   HOH A . 
I 6 HOH   106 406 150 HOH   HOH A . 
I 6 HOH   107 407 148 HOH   HOH A . 
I 6 HOH   108 408 20  HOH   HOH A . 
I 6 HOH   109 409 91  HOH   HOH A . 
I 6 HOH   110 410 71  HOH   HOH A . 
I 6 HOH   111 411 40  HOH   HOH A . 
I 6 HOH   112 412 41  HOH   HOH A . 
I 6 HOH   113 413 217 HOH   HOH A . 
I 6 HOH   114 414 111 HOH   HOH A . 
I 6 HOH   115 415 26  HOH   HOH A . 
I 6 HOH   116 416 128 HOH   HOH A . 
I 6 HOH   117 417 123 HOH   HOH A . 
I 6 HOH   118 418 57  HOH   HOH A . 
I 6 HOH   119 419 168 HOH   HOH A . 
I 6 HOH   120 420 114 HOH   HOH A . 
I 6 HOH   121 421 51  HOH   HOH A . 
I 6 HOH   122 422 81  HOH   HOH A . 
I 6 HOH   123 423 9   HOH   HOH A . 
I 6 HOH   124 424 199 HOH   HOH A . 
I 6 HOH   125 425 155 HOH   HOH A . 
I 6 HOH   126 426 126 HOH   HOH A . 
I 6 HOH   127 427 167 HOH   HOH A . 
I 6 HOH   128 428 218 HOH   HOH A . 
I 6 HOH   129 429 214 HOH   HOH A . 
I 6 HOH   130 430 157 HOH   HOH A . 
I 6 HOH   131 431 235 HOH   HOH A . 
I 6 HOH   132 432 101 HOH   HOH A . 
I 6 HOH   133 433 79  HOH   HOH A . 
I 6 HOH   134 434 159 HOH   HOH A . 
I 6 HOH   135 435 47  HOH   HOH A . 
I 6 HOH   136 436 119 HOH   HOH A . 
I 6 HOH   137 437 100 HOH   HOH A . 
I 6 HOH   138 438 61  HOH   HOH A . 
I 6 HOH   139 439 230 HOH   HOH A . 
I 6 HOH   140 440 17  HOH   HOH A . 
I 6 HOH   141 441 53  HOH   HOH A . 
I 6 HOH   142 442 215 HOH   HOH A . 
I 6 HOH   143 443 210 HOH   HOH A . 
I 6 HOH   144 444 89  HOH   HOH A . 
I 6 HOH   145 445 11  HOH   HOH A . 
I 6 HOH   146 446 64  HOH   HOH A . 
I 6 HOH   147 447 80  HOH   HOH A . 
I 6 HOH   148 448 38  HOH   HOH A . 
I 6 HOH   149 449 39  HOH   HOH A . 
I 6 HOH   150 450 48  HOH   HOH A . 
I 6 HOH   151 451 202 HOH   HOH A . 
I 6 HOH   152 452 117 HOH   HOH A . 
I 6 HOH   153 453 27  HOH   HOH A . 
I 6 HOH   154 454 177 HOH   HOH A . 
I 6 HOH   155 455 250 HOH   HOH A . 
I 6 HOH   156 456 10  HOH   HOH A . 
I 6 HOH   157 457 212 HOH   HOH A . 
I 6 HOH   158 458 65  HOH   HOH A . 
I 6 HOH   159 459 106 HOH   HOH A . 
I 6 HOH   160 460 171 HOH   HOH A . 
I 6 HOH   161 461 201 HOH   HOH A . 
I 6 HOH   162 462 14  HOH   HOH A . 
I 6 HOH   163 463 192 HOH   HOH A . 
I 6 HOH   164 464 136 HOH   HOH A . 
I 6 HOH   165 465 127 HOH   HOH A . 
I 6 HOH   166 466 121 HOH   HOH A . 
I 6 HOH   167 467 134 HOH   HOH A . 
I 6 HOH   168 468 176 HOH   HOH A . 
I 6 HOH   169 469 146 HOH   HOH A . 
I 6 HOH   170 470 23  HOH   HOH A . 
I 6 HOH   171 471 93  HOH   HOH A . 
I 6 HOH   172 472 95  HOH   HOH A . 
I 6 HOH   173 473 245 HOH   HOH A . 
I 6 HOH   174 474 52  HOH   HOH A . 
I 6 HOH   175 475 187 HOH   HOH A . 
I 6 HOH   176 476 158 HOH   HOH A . 
I 6 HOH   177 477 151 HOH   HOH A . 
I 6 HOH   178 478 32  HOH   HOH A . 
I 6 HOH   179 479 102 HOH   HOH A . 
I 6 HOH   180 480 225 HOH   HOH A . 
I 6 HOH   181 481 227 HOH   HOH A . 
I 6 HOH   182 482 189 HOH   HOH A . 
I 6 HOH   183 483 193 HOH   HOH A . 
I 6 HOH   184 484 216 HOH   HOH A . 
I 6 HOH   185 485 232 HOH   HOH A . 
I 6 HOH   186 486 228 HOH   HOH A . 
I 6 HOH   187 487 175 HOH   HOH A . 
I 6 HOH   188 488 179 HOH   HOH A . 
I 6 HOH   189 489 122 HOH   HOH A . 
I 6 HOH   190 490 76  HOH   HOH A . 
I 6 HOH   191 491 154 HOH   HOH A . 
I 6 HOH   192 492 56  HOH   HOH A . 
I 6 HOH   193 493 183 HOH   HOH A . 
I 6 HOH   194 494 223 HOH   HOH A . 
I 6 HOH   195 495 99  HOH   HOH A . 
I 6 HOH   196 496 240 HOH   HOH A . 
I 6 HOH   197 497 98  HOH   HOH A . 
I 6 HOH   198 498 156 HOH   HOH A . 
I 6 HOH   199 499 120 HOH   HOH A . 
I 6 HOH   200 500 162 HOH   HOH A . 
I 6 HOH   201 501 222 HOH   HOH A . 
I 6 HOH   202 502 153 HOH   HOH A . 
I 6 HOH   203 503 180 HOH   HOH A . 
I 6 HOH   204 504 140 HOH   HOH A . 
I 6 HOH   205 505 86  HOH   HOH A . 
I 6 HOH   206 506 83  HOH   HOH A . 
I 6 HOH   207 507 191 HOH   HOH A . 
I 6 HOH   208 508 87  HOH   HOH A . 
I 6 HOH   209 509 129 HOH   HOH A . 
I 6 HOH   210 510 209 HOH   HOH A . 
I 6 HOH   211 511 206 HOH   HOH A . 
I 6 HOH   212 512 73  HOH   HOH A . 
I 6 HOH   213 513 246 HOH   HOH A . 
I 6 HOH   214 514 190 HOH   HOH A . 
I 6 HOH   215 515 208 HOH   HOH A . 
I 6 HOH   216 516 221 HOH   HOH A . 
I 6 HOH   217 517 165 HOH   HOH A . 
I 6 HOH   218 518 241 HOH   HOH A . 
I 6 HOH   219 519 239 HOH   HOH A . 
I 6 HOH   220 520 200 HOH   HOH A . 
I 6 HOH   221 521 118 HOH   HOH A . 
I 6 HOH   222 522 92  HOH   HOH A . 
I 6 HOH   223 523 243 HOH   HOH A . 
I 6 HOH   224 524 242 HOH   HOH A . 
I 6 HOH   225 525 125 HOH   HOH A . 
I 6 HOH   226 526 142 HOH   HOH A . 
I 6 HOH   227 527 244 HOH   HOH A . 
I 6 HOH   228 528 160 HOH   HOH A . 
# 
loop_
_software.classification 
_software.name 
_software.version 
_software.citation_id 
_software.pdbx_ordinal 
refinement       REFMAC  5.8.0267 ? 1 
refinement       REFMAC5 .        ? 2 
'data scaling'   Aimless .        ? 3 
phasing          PHASER  .        ? 4 
'data reduction' XDS     .        ? 5 
# 
_cell.entry_id           7HZM 
_cell.length_a           86.468 
_cell.length_b           57.055 
_cell.length_c           32.376 
_cell.angle_alpha        90.00 
_cell.angle_beta         94.82 
_cell.angle_gamma        90.00 
_cell.Z_PDB              4 
_cell.pdbx_unique_axis   ? 
# 
_symmetry.entry_id                         7HZM 
_symmetry.space_group_name_H-M             'C 1 2 1' 
_symmetry.pdbx_full_space_group_name_H-M   ? 
_symmetry.cell_setting                     ? 
_symmetry.Int_Tables_number                5 
# 
_exptl.entry_id          7HZM 
_exptl.method            'X-RAY DIFFRACTION' 
_exptl.crystals_number   1 
# 
_exptl_crystal.id                    1 
_exptl_crystal.density_meas          ? 
_exptl_crystal.density_Matthews      2.50 
_exptl_crystal.density_percent_sol   50.87 
_exptl_crystal.description           ? 
# 
_exptl_crystal_grow.crystal_id      1 
_exptl_crystal_grow.method          'VAPOR DIFFUSION, SITTING DROP' 
_exptl_crystal_grow.pH              6.05 
_exptl_crystal_grow.temp            293.15 
_exptl_crystal_grow.pdbx_details    '0.1 M MES, pH 6.05, 16 % PEG 20,000' 
_exptl_crystal_grow.temp_details    ? 
_exptl_crystal_grow.pdbx_pH_range   ? 
# 
_diffrn.id                     1 
_diffrn.ambient_temp           100 
_diffrn.crystal_id             1 
_diffrn.ambient_temp_details   ? 
# 
_diffrn_detector.detector               PIXEL 
_diffrn_detector.type                   'DECTRIS EIGER2 XE 9M' 
_diffrn_detector.pdbx_collection_date   2024-09-04 
_diffrn_detector.diffrn_id              1 
_diffrn_detector.details                ? 
# 
_diffrn_radiation.diffrn_id                        1 
_diffrn_radiation.wavelength_id                    1 
_diffrn_radiation.pdbx_diffrn_protocol             'SINGLE WAVELENGTH' 
_diffrn_radiation.pdbx_monochromatic_or_laue_m_l   ? 
_diffrn_radiation.monochromator                    ? 
_diffrn_radiation.pdbx_scattering_type             x-ray 
# 
_diffrn_radiation_wavelength.id           1 
_diffrn_radiation_wavelength.wavelength   0.92134 
_diffrn_radiation_wavelength.wt           1.0 
# 
_diffrn_source.diffrn_id                   1 
_diffrn_source.source                      SYNCHROTRON 
_diffrn_source.type                        'DIAMOND BEAMLINE I04-1' 
_diffrn_source.pdbx_wavelength_list        0.92134 
_diffrn_source.pdbx_synchrotron_site       Diamond 
_diffrn_source.pdbx_synchrotron_beamline   I04-1 
_diffrn_source.pdbx_wavelength             ? 
# 
_reflns.entry_id                     7HZM 
_reflns.pdbx_diffrn_id               1 
_reflns.pdbx_ordinal                 1 
_reflns.d_resolution_low             47.57 
_reflns.d_resolution_high            1.19 
_reflns.number_obs                   41117 
_reflns.percent_possible_obs         81.2 
_reflns.pdbx_Rmerge_I_obs            0.042 
_reflns.pdbx_netI_over_sigmaI        19.5 
_reflns.pdbx_redundancy              5.5 
_reflns.pdbx_Rrim_I_all              0.046 
_reflns.pdbx_Rpim_I_all              0.018 
_reflns.pdbx_CC_half                 0.999 
_reflns.pdbx_number_measured_all     224762 
_reflns.pdbx_chi_squared             0.96 
_reflns.observed_criterion_sigma_I   ? 
_reflns.observed_criterion_sigma_F   ? 
_reflns.number_all                   ? 
_reflns.pdbx_Rsym_value              ? 
_reflns.B_iso_Wilson_estimate        ? 
_reflns.pdbx_CC_star                 ? 
# 
_reflns_shell.pdbx_diffrn_id              1 
_reflns_shell.pdbx_ordinal                1 
_reflns_shell.d_res_high                  1.19 
_reflns_shell.d_res_low                   1.25 
_reflns_shell.number_measured_all         3602 
_reflns_shell.number_unique_obs           2198 
_reflns_shell.Rmerge_I_obs                0.436 
_reflns_shell.pdbx_chi_squared            0.65 
_reflns_shell.pdbx_redundancy             1.6 
_reflns_shell.percent_possible_obs        29.9 
_reflns_shell.pdbx_netI_over_sigmaI_obs   1.3 
_reflns_shell.pdbx_Rrim_I_all             0.596 
_reflns_shell.pdbx_Rpim_I_all             0.403 
_reflns_shell.pdbx_CC_half                0.668 
_reflns_shell.percent_possible_all        ? 
_reflns_shell.pdbx_Rsym_value             ? 
_reflns_shell.meanI_over_sigI_obs         ? 
_reflns_shell.number_measured_obs         ? 
_reflns_shell.number_unique_all           ? 
_reflns_shell.pdbx_CC_star                ? 
# 
_refine.pdbx_refine_id                           'X-RAY DIFFRACTION' 
_refine.entry_id                                 7HZM 
_refine.pdbx_diffrn_id                           1 
_refine.pdbx_TLS_residual_ADP_flag               ? 
_refine.ls_number_reflns_obs                     39083 
_refine.ls_number_reflns_all                     ? 
_refine.pdbx_ls_sigma_I                          ? 
_refine.pdbx_ls_sigma_F                          ? 
_refine.pdbx_data_cutoff_high_absF               ? 
_refine.pdbx_data_cutoff_low_absF                ? 
_refine.pdbx_data_cutoff_high_rms_absF           ? 
_refine.ls_d_res_low                             47.57 
_refine.ls_d_res_high                            1.19 
_refine.ls_percent_reflns_obs                    81.11 
_refine.ls_R_factor_obs                          0.33233 
_refine.ls_R_factor_all                          ? 
_refine.ls_R_factor_R_work                       0.32973 
_refine.ls_R_factor_R_free                       0.38082 
_refine.ls_R_factor_R_free_error                 ? 
_refine.ls_R_factor_R_free_error_details         ? 
_refine.ls_percent_reflns_R_free                 4.9 
_refine.ls_number_reflns_R_free                  2034 
_refine.ls_number_parameters                     ? 
_refine.ls_number_restraints                     ? 
_refine.occupancy_min                            ? 
_refine.occupancy_max                            ? 
_refine.correlation_coeff_Fo_to_Fc               0.898 
_refine.correlation_coeff_Fo_to_Fc_free          0.866 
_refine.B_iso_mean                               18.582 
_refine.aniso_B[1][1]                            -0.03 
_refine.aniso_B[2][2]                            0.02 
_refine.aniso_B[3][3]                            -0.06 
_refine.aniso_B[1][2]                            -0.00 
_refine.aniso_B[1][3]                            0.42 
_refine.aniso_B[2][3]                            0.00 
_refine.solvent_model_details                    MASK 
_refine.solvent_model_param_ksol                 ? 
_refine.solvent_model_param_bsol                 ? 
_refine.pdbx_solvent_vdw_probe_radii             1.20 
_refine.pdbx_solvent_ion_probe_radii             0.80 
_refine.pdbx_solvent_shrinkage_radii             0.80 
_refine.pdbx_ls_cross_valid_method               THROUGHOUT 
_refine.details                                  'HYDROGENS HAVE BEEN ADDED IN THE RIDING POSITIONS' 
_refine.pdbx_starting_model                      ? 
_refine.pdbx_method_to_determine_struct          'MOLECULAR REPLACEMENT' 
_refine.pdbx_isotropic_thermal_model             ? 
_refine.pdbx_stereochemistry_target_values       'MAXIMUM LIKELIHOOD' 
_refine.pdbx_stereochem_target_val_spec_case     ? 
_refine.pdbx_R_Free_selection_details            RANDOM 
_refine.pdbx_overall_ESU_R                       0.117 
_refine.pdbx_overall_ESU_R_Free                  0.118 
_refine.overall_SU_ML                            0.124 
_refine.pdbx_overall_phase_error                 ? 
_refine.overall_SU_B                             2.738 
_refine.overall_SU_R_Cruickshank_DPI             ? 
_refine.pdbx_overall_SU_R_free_Cruickshank_DPI   ? 
_refine.pdbx_overall_SU_R_Blow_DPI               ? 
_refine.pdbx_overall_SU_R_free_Blow_DPI          ? 
# 
_refine_hist.pdbx_refine_id                   'X-RAY DIFFRACTION' 
_refine_hist.cycle_id                         1 
_refine_hist.pdbx_number_atoms_protein        1083 
_refine_hist.pdbx_number_atoms_nucleic_acid   0 
_refine_hist.pdbx_number_atoms_ligand         36 
_refine_hist.number_atoms_solvent             228 
_refine_hist.number_atoms_total               1347 
_refine_hist.d_res_high                       1.19 
_refine_hist.d_res_low                        47.57 
# 
loop_
_refine_ls_restr.type 
_refine_ls_restr.dev_ideal 
_refine_ls_restr.dev_ideal_target 
_refine_ls_restr.weight 
_refine_ls_restr.number 
_refine_ls_restr.pdbx_refine_id 
_refine_ls_restr.pdbx_restraint_function 
r_bond_refined_d             0.008  0.014  ? 2646 'X-RAY DIFFRACTION' ? 
r_bond_other_d               0.001  0.015  ? 1772 'X-RAY DIFFRACTION' ? 
r_angle_refined_deg          1.568  1.623  ? 2806 'X-RAY DIFFRACTION' ? 
r_angle_other_deg            1.291  1.580  ? 4080 'X-RAY DIFFRACTION' ? 
r_dihedral_angle_1_deg       7.170  5.000  ? 268  'X-RAY DIFFRACTION' ? 
r_dihedral_angle_2_deg       31.606 21.963 ? 107  'X-RAY DIFFRACTION' ? 
r_dihedral_angle_3_deg       13.455 15.000 ? 277  'X-RAY DIFFRACTION' ? 
r_dihedral_angle_4_deg       17.192 15.000 ? 12   'X-RAY DIFFRACTION' ? 
r_chiral_restr               0.063  0.200  ? 242  'X-RAY DIFFRACTION' ? 
r_gen_planes_refined         0.007  0.020  ? 2593 'X-RAY DIFFRACTION' ? 
r_gen_planes_other           0.002  0.020  ? 503  'X-RAY DIFFRACTION' ? 
r_nbd_refined                ?      ?      ? ?    'X-RAY DIFFRACTION' ? 
r_nbd_other                  ?      ?      ? ?    'X-RAY DIFFRACTION' ? 
r_nbtor_refined              ?      ?      ? ?    'X-RAY DIFFRACTION' ? 
r_nbtor_other                ?      ?      ? ?    'X-RAY DIFFRACTION' ? 
r_xyhbond_nbd_refined        ?      ?      ? ?    'X-RAY DIFFRACTION' ? 
r_xyhbond_nbd_other          ?      ?      ? ?    'X-RAY DIFFRACTION' ? 
r_metal_ion_refined          ?      ?      ? ?    'X-RAY DIFFRACTION' ? 
r_metal_ion_other            ?      ?      ? ?    'X-RAY DIFFRACTION' ? 
r_symmetry_vdw_refined       ?      ?      ? ?    'X-RAY DIFFRACTION' ? 
r_symmetry_vdw_other         ?      ?      ? ?    'X-RAY DIFFRACTION' ? 
r_symmetry_hbond_refined     ?      ?      ? ?    'X-RAY DIFFRACTION' ? 
r_symmetry_hbond_other       ?      ?      ? ?    'X-RAY DIFFRACTION' ? 
r_symmetry_metal_ion_refined ?      ?      ? ?    'X-RAY DIFFRACTION' ? 
r_symmetry_metal_ion_other   ?      ?      ? ?    'X-RAY DIFFRACTION' ? 
r_mcbond_it                  1.212  1.733  ? 1358 'X-RAY DIFFRACTION' ? 
r_mcbond_other               1.221  1.719  ? 1339 'X-RAY DIFFRACTION' ? 
r_mcangle_it                 2.258  2.592  ? 1312 'X-RAY DIFFRACTION' ? 
r_mcangle_other              2.257  2.592  ? 1313 'X-RAY DIFFRACTION' ? 
r_scbond_it                  0.990  1.950  ? 1288 'X-RAY DIFFRACTION' ? 
r_scbond_other               0.986  1.926  ? 1285 'X-RAY DIFFRACTION' ? 
r_scangle_it                 ?      ?      ? ?    'X-RAY DIFFRACTION' ? 
r_scangle_other              1.665  2.852  ? 1489 'X-RAY DIFFRACTION' ? 
r_long_range_B_refined       9.866  24.007 ? 2672 'X-RAY DIFFRACTION' ? 
r_long_range_B_other         9.864  24.023 ? 2673 'X-RAY DIFFRACTION' ? 
r_rigid_bond_restr           ?      ?      ? ?    'X-RAY DIFFRACTION' ? 
r_sphericity_free            ?      ?      ? ?    'X-RAY DIFFRACTION' ? 
r_sphericity_bonded          ?      ?      ? ?    'X-RAY DIFFRACTION' ? 
# 
_refine_ls_shell.pdbx_refine_id                   'X-RAY DIFFRACTION' 
_refine_ls_shell.pdbx_total_number_of_bins_used   20 
_refine_ls_shell.d_res_high                       1.187 
_refine_ls_shell.d_res_low                        1.217 
_refine_ls_shell.number_reflns_R_work             829 
_refine_ls_shell.R_factor_R_work                  0.391 
_refine_ls_shell.percent_reflns_obs               23.19 
_refine_ls_shell.R_factor_R_free                  0.347 
_refine_ls_shell.R_factor_R_free_error            ? 
_refine_ls_shell.percent_reflns_R_free            ? 
_refine_ls_shell.number_reflns_R_free             37 
_refine_ls_shell.number_reflns_all                ? 
_refine_ls_shell.R_factor_all                     ? 
_refine_ls_shell.R_factor_obs                     ? 
_refine_ls_shell.number_reflns_obs                ? 
# 
_struct.entry_id                  7HZM 
_struct.title                     
;Group deposition of Coxsackievirus A16 (G-10) 2A protease in complex with inhibitors from the ASAP AViDD centre -- Crystal structure of Coxsackievirus A16 (G-10) 2A protease in complex with ASAP-0030611-001 (A71EV2A-x2351)
;
_struct.pdbx_model_details        ? 
_struct.pdbx_CASP_flag            ? 
_struct.pdbx_model_type_details   ? 
# 
_struct_keywords.entry_id        7HZM 
_struct_keywords.pdbx_keywords   'VIRAL PROTEIN' 
_struct_keywords.text            
;Diamond Light Source, I04-1, ASAP, A71 2A, enterovirus, protease, crystallographic fragment screening, PanDDA, PanDDa2, XChemExplorer, VIRAL PROTEIN
;
# 
loop_
_struct_asym.id 
_struct_asym.pdbx_blank_PDB_chainid_flag 
_struct_asym.pdbx_modified 
_struct_asym.entity_id 
_struct_asym.details 
A N N 1 ? 
B N N 2 ? 
C N N 3 ? 
D N N 3 ? 
E N N 3 ? 
F N N 3 ? 
G N N 4 ? 
H N N 5 ? 
I N N 6 ? 
# 
_struct_ref.id                         1 
_struct_ref.db_name                    UNP 
_struct_ref.db_code                    POLG_CX16G 
_struct_ref.pdbx_db_accession          Q65900 
_struct_ref.pdbx_db_isoform            ? 
_struct_ref.entity_id                  1 
_struct_ref.pdbx_seq_one_letter_code   
;SGAIYVGNYRVVNRHLATHNDWANLVWEDSSRDLLVSSTTAQGCDTIARCDCQTGVYYCSSRRKHYPVSFSKPSLIFVEA
SEYYPARYQSHLMLAVGHSEPGDCGGILRCQHGVVGIVSTGGNGLVGFADVRDLLWLDEEAMEQ
;
_struct_ref.pdbx_align_begin           869 
# 
_struct_ref_seq.align_id                      1 
_struct_ref_seq.ref_id                        1 
_struct_ref_seq.pdbx_PDB_id_code              7HZM 
_struct_ref_seq.pdbx_strand_id                A 
_struct_ref_seq.seq_align_beg                 1 
_struct_ref_seq.pdbx_seq_align_beg_ins_code   ? 
_struct_ref_seq.seq_align_end                 144 
_struct_ref_seq.pdbx_seq_align_end_ins_code   ? 
_struct_ref_seq.pdbx_db_accession             Q65900 
_struct_ref_seq.db_align_beg                  869 
_struct_ref_seq.pdbx_db_align_beg_ins_code    ? 
_struct_ref_seq.db_align_end                  1012 
_struct_ref_seq.pdbx_db_align_end_ins_code    ? 
_struct_ref_seq.pdbx_auth_seq_align_beg       7 
_struct_ref_seq.pdbx_auth_seq_align_end       150 
# 
_pdbx_struct_assembly.id                   1 
_pdbx_struct_assembly.details              author_defined_assembly 
_pdbx_struct_assembly.method_details       ? 
_pdbx_struct_assembly.oligomeric_details   monomeric 
_pdbx_struct_assembly.oligomeric_count     1 
# 
_pdbx_struct_assembly_gen.assembly_id       1 
_pdbx_struct_assembly_gen.oper_expression   1 
_pdbx_struct_assembly_gen.asym_id_list      A,B,C,D,E,F,G,H,I 
# 
_pdbx_struct_oper_list.id                   1 
_pdbx_struct_oper_list.type                 'identity operation' 
_pdbx_struct_oper_list.name                 1_555 
_pdbx_struct_oper_list.symmetry_operation   x,y,z 
_pdbx_struct_oper_list.matrix[1][1]         1.0000000000 
_pdbx_struct_oper_list.matrix[1][2]         0.0000000000 
_pdbx_struct_oper_list.matrix[1][3]         0.0000000000 
_pdbx_struct_oper_list.vector[1]            0.0000000000 
_pdbx_struct_oper_list.matrix[2][1]         0.0000000000 
_pdbx_struct_oper_list.matrix[2][2]         1.0000000000 
_pdbx_struct_oper_list.matrix[2][3]         0.0000000000 
_pdbx_struct_oper_list.vector[2]            0.0000000000 
_pdbx_struct_oper_list.matrix[3][1]         0.0000000000 
_pdbx_struct_oper_list.matrix[3][2]         0.0000000000 
_pdbx_struct_oper_list.matrix[3][3]         1.0000000000 
_pdbx_struct_oper_list.vector[3]            0.0000000000 
# 
loop_
_struct_conf.conf_type_id 
_struct_conf.id 
_struct_conf.pdbx_PDB_helix_id 
_struct_conf.beg_label_comp_id 
_struct_conf.beg_label_asym_id 
_struct_conf.beg_label_seq_id 
_struct_conf.pdbx_beg_PDB_ins_code 
_struct_conf.end_label_comp_id 
_struct_conf.end_label_asym_id 
_struct_conf.end_label_seq_id 
_struct_conf.pdbx_end_PDB_ins_code 
_struct_conf.beg_auth_comp_id 
_struct_conf.beg_auth_asym_id 
_struct_conf.beg_auth_seq_id 
_struct_conf.end_auth_comp_id 
_struct_conf.end_auth_asym_id 
_struct_conf.end_auth_seq_id 
_struct_conf.pdbx_PDB_helix_class 
_struct_conf.details 
_struct_conf.pdbx_PDB_helix_length 
HELX_P HELX_P1 AA1 HIS A 15  ? ALA A 17  ? HIS A 21  ALA A 23  5 ? 3 
HELX_P HELX_P2 AA2 THR A 18  ? ASN A 24  ? THR A 24  ASN A 30  1 ? 7 
HELX_P HELX_P3 AA3 GLU A 100 ? CYS A 104 ? GLU A 106 CYS A 110 5 ? 5 
HELX_P HELX_P4 AA4 LEU A 134 ? GLU A 139 ? LEU A 140 GLU A 145 5 ? 6 
# 
_struct_conf_type.id          HELX_P 
_struct_conf_type.criteria    ? 
_struct_conf_type.reference   ? 
# 
loop_
_struct_conn.id 
_struct_conn.conn_type_id 
_struct_conn.pdbx_leaving_atom_flag 
_struct_conn.pdbx_PDB_id 
_struct_conn.ptnr1_label_asym_id 
_struct_conn.ptnr1_label_comp_id 
_struct_conn.ptnr1_label_seq_id 
_struct_conn.ptnr1_label_atom_id 
_struct_conn.pdbx_ptnr1_label_alt_id 
_struct_conn.pdbx_ptnr1_PDB_ins_code 
_struct_conn.pdbx_ptnr1_standard_comp_id 
_struct_conn.ptnr1_symmetry 
_struct_conn.ptnr2_label_asym_id 
_struct_conn.ptnr2_label_comp_id 
_struct_conn.ptnr2_label_seq_id 
_struct_conn.ptnr2_label_atom_id 
_struct_conn.pdbx_ptnr2_label_alt_id 
_struct_conn.pdbx_ptnr2_PDB_ins_code 
_struct_conn.ptnr1_auth_asym_id 
_struct_conn.ptnr1_auth_comp_id 
_struct_conn.ptnr1_auth_seq_id 
_struct_conn.ptnr2_auth_asym_id 
_struct_conn.ptnr2_auth_comp_id 
_struct_conn.ptnr2_auth_seq_id 
_struct_conn.ptnr2_symmetry 
_struct_conn.pdbx_ptnr3_label_atom_id 
_struct_conn.pdbx_ptnr3_label_seq_id 
_struct_conn.pdbx_ptnr3_label_comp_id 
_struct_conn.pdbx_ptnr3_label_asym_id 
_struct_conn.pdbx_ptnr3_label_alt_id 
_struct_conn.pdbx_ptnr3_PDB_ins_code 
_struct_conn.details 
_struct_conn.pdbx_dist_value 
_struct_conn.pdbx_value_order 
_struct_conn.pdbx_role 
metalc1 metalc ? ? A CYS 50  SG  ? ? ? 1_555 B ZN . ZN ? ? A CYS 56  A ZN 201 1_555 ? ? ? ? ? ? ? 2.384 ? ? 
metalc2 metalc ? ? A CYS 52  SG  ? ? ? 1_555 B ZN . ZN ? ? A CYS 58  A ZN 201 1_555 ? ? ? ? ? ? ? 2.395 ? ? 
metalc3 metalc ? ? A CYS 110 SG  ? ? ? 1_555 B ZN . ZN ? ? A CYS 116 A ZN 201 1_555 ? ? ? ? ? ? ? 2.331 ? ? 
metalc4 metalc ? ? A HIS 112 ND1 ? ? ? 1_555 B ZN . ZN ? ? A HIS 118 A ZN 201 1_555 ? ? ? ? ? ? ? 2.068 ? ? 
# 
_struct_conn_type.id          metalc 
_struct_conn_type.criteria    ? 
_struct_conn_type.reference   ? 
# 
loop_
_pdbx_struct_conn_angle.id 
_pdbx_struct_conn_angle.ptnr1_label_atom_id 
_pdbx_struct_conn_angle.ptnr1_label_alt_id 
_pdbx_struct_conn_angle.ptnr1_label_asym_id 
_pdbx_struct_conn_angle.ptnr1_label_comp_id 
_pdbx_struct_conn_angle.ptnr1_label_seq_id 
_pdbx_struct_conn_angle.ptnr1_auth_atom_id 
_pdbx_struct_conn_angle.ptnr1_auth_asym_id 
_pdbx_struct_conn_angle.ptnr1_auth_comp_id 
_pdbx_struct_conn_angle.ptnr1_auth_seq_id 
_pdbx_struct_conn_angle.ptnr1_PDB_ins_code 
_pdbx_struct_conn_angle.ptnr1_symmetry 
_pdbx_struct_conn_angle.ptnr2_label_atom_id 
_pdbx_struct_conn_angle.ptnr2_label_alt_id 
_pdbx_struct_conn_angle.ptnr2_label_asym_id 
_pdbx_struct_conn_angle.ptnr2_label_comp_id 
_pdbx_struct_conn_angle.ptnr2_label_seq_id 
_pdbx_struct_conn_angle.ptnr2_auth_atom_id 
_pdbx_struct_conn_angle.ptnr2_auth_asym_id 
_pdbx_struct_conn_angle.ptnr2_auth_comp_id 
_pdbx_struct_conn_angle.ptnr2_auth_seq_id 
_pdbx_struct_conn_angle.ptnr2_PDB_ins_code 
_pdbx_struct_conn_angle.ptnr2_symmetry 
_pdbx_struct_conn_angle.ptnr3_label_atom_id 
_pdbx_struct_conn_angle.ptnr3_label_alt_id 
_pdbx_struct_conn_angle.ptnr3_label_asym_id 
_pdbx_struct_conn_angle.ptnr3_label_comp_id 
_pdbx_struct_conn_angle.ptnr3_label_seq_id 
_pdbx_struct_conn_angle.ptnr3_auth_atom_id 
_pdbx_struct_conn_angle.ptnr3_auth_asym_id 
_pdbx_struct_conn_angle.ptnr3_auth_comp_id 
_pdbx_struct_conn_angle.ptnr3_auth_seq_id 
_pdbx_struct_conn_angle.ptnr3_PDB_ins_code 
_pdbx_struct_conn_angle.ptnr3_symmetry 
_pdbx_struct_conn_angle.value 
_pdbx_struct_conn_angle.value_esd 
1 SG ? A CYS 50  ? A CYS 56  ? 1_555 ZN ? B ZN . ? A ZN 201 ? 1_555 SG  ? A CYS 52  ? A CYS 58  ? 1_555 108.0 ? 
2 SG ? A CYS 50  ? A CYS 56  ? 1_555 ZN ? B ZN . ? A ZN 201 ? 1_555 SG  ? A CYS 110 ? A CYS 116 ? 1_555 108.4 ? 
3 SG ? A CYS 52  ? A CYS 58  ? 1_555 ZN ? B ZN . ? A ZN 201 ? 1_555 SG  ? A CYS 110 ? A CYS 116 ? 1_555 118.4 ? 
4 SG ? A CYS 50  ? A CYS 56  ? 1_555 ZN ? B ZN . ? A ZN 201 ? 1_555 ND1 ? A HIS 112 ? A HIS 118 ? 1_555 100.7 ? 
5 SG ? A CYS 52  ? A CYS 58  ? 1_555 ZN ? B ZN . ? A ZN 201 ? 1_555 ND1 ? A HIS 112 ? A HIS 118 ? 1_555 101.9 ? 
6 SG ? A CYS 110 ? A CYS 116 ? 1_555 ZN ? B ZN . ? A ZN 201 ? 1_555 ND1 ? A HIS 112 ? A HIS 118 ? 1_555 117.6 ? 
# 
loop_
_struct_sheet.id 
_struct_sheet.type 
_struct_sheet.number_strands 
_struct_sheet.details 
AA1 ? 3 ? 
AA2 ? 7 ? 
# 
loop_
_struct_sheet_order.sheet_id 
_struct_sheet_order.range_id_1 
_struct_sheet_order.range_id_2 
_struct_sheet_order.offset 
_struct_sheet_order.sense 
AA1 1 2 ? anti-parallel 
AA1 2 3 ? anti-parallel 
AA2 1 2 ? anti-parallel 
AA2 2 3 ? anti-parallel 
AA2 3 4 ? anti-parallel 
AA2 4 5 ? anti-parallel 
AA2 5 6 ? anti-parallel 
AA2 6 7 ? anti-parallel 
# 
loop_
_struct_sheet_range.sheet_id 
_struct_sheet_range.id 
_struct_sheet_range.beg_label_comp_id 
_struct_sheet_range.beg_label_asym_id 
_struct_sheet_range.beg_label_seq_id 
_struct_sheet_range.pdbx_beg_PDB_ins_code 
_struct_sheet_range.end_label_comp_id 
_struct_sheet_range.end_label_asym_id 
_struct_sheet_range.end_label_seq_id 
_struct_sheet_range.pdbx_end_PDB_ins_code 
_struct_sheet_range.beg_auth_comp_id 
_struct_sheet_range.beg_auth_asym_id 
_struct_sheet_range.beg_auth_seq_id 
_struct_sheet_range.end_auth_comp_id 
_struct_sheet_range.end_auth_asym_id 
_struct_sheet_range.end_auth_seq_id 
AA1 1 TYR A 9   ? ASN A 13  ? TYR A 15  ASN A 19  
AA1 2 LEU A 34  ? SER A 38  ? LEU A 40  SER A 44  
AA1 3 LEU A 25  ? ASP A 29  ? LEU A 31  ASP A 35  
AA2 1 LYS A 64  ? SER A 69  ? LYS A 70  SER A 75  
AA2 2 THR A 54  ? CYS A 59  ? THR A 60  CYS A 65  
AA2 3 ILE A 107 ? CYS A 110 ? ILE A 113 CYS A 116 
AA2 4 GLY A 113 ? GLY A 122 ? GLY A 119 GLY A 128 
AA2 5 LEU A 125 ? ASP A 130 ? LEU A 131 ASP A 136 
AA2 6 ARG A 87  ? VAL A 96  ? ARG A 93  VAL A 102 
AA2 7 SER A 74  ? VAL A 78  ? SER A 80  VAL A 84  
# 
loop_
_pdbx_struct_sheet_hbond.sheet_id 
_pdbx_struct_sheet_hbond.range_id_1 
_pdbx_struct_sheet_hbond.range_id_2 
_pdbx_struct_sheet_hbond.range_1_label_atom_id 
_pdbx_struct_sheet_hbond.range_1_label_comp_id 
_pdbx_struct_sheet_hbond.range_1_label_asym_id 
_pdbx_struct_sheet_hbond.range_1_label_seq_id 
_pdbx_struct_sheet_hbond.range_1_PDB_ins_code 
_pdbx_struct_sheet_hbond.range_1_auth_atom_id 
_pdbx_struct_sheet_hbond.range_1_auth_comp_id 
_pdbx_struct_sheet_hbond.range_1_auth_asym_id 
_pdbx_struct_sheet_hbond.range_1_auth_seq_id 
_pdbx_struct_sheet_hbond.range_2_label_atom_id 
_pdbx_struct_sheet_hbond.range_2_label_comp_id 
_pdbx_struct_sheet_hbond.range_2_label_asym_id 
_pdbx_struct_sheet_hbond.range_2_label_seq_id 
_pdbx_struct_sheet_hbond.range_2_PDB_ins_code 
_pdbx_struct_sheet_hbond.range_2_auth_atom_id 
_pdbx_struct_sheet_hbond.range_2_auth_comp_id 
_pdbx_struct_sheet_hbond.range_2_auth_asym_id 
_pdbx_struct_sheet_hbond.range_2_auth_seq_id 
AA1 1 2 N VAL A 12  ? N VAL A 18  O LEU A 35  ? O LEU A 41  
AA1 2 3 O LEU A 34  ? O LEU A 40  N ASP A 29  ? N ASP A 35  
AA2 1 2 O LYS A 64  ? O LYS A 70  N CYS A 59  ? N CYS A 65  
AA2 2 3 N VAL A 56  ? N VAL A 62  O ARG A 109 ? O ARG A 115 
AA2 3 4 N LEU A 108 ? N LEU A 114 O VAL A 115 ? O VAL A 121 
AA2 4 5 N SER A 119 ? N SER A 125 O GLY A 127 ? O GLY A 133 
AA2 5 6 O PHE A 128 ? O PHE A 134 N MET A 93  ? N MET A 99  
AA2 6 7 O ARG A 87  ? O ARG A 93  N VAL A 78  ? N VAL A 84  
# 
_pdbx_entry_details.entry_id                   7HZM 
_pdbx_entry_details.compound_details           ? 
_pdbx_entry_details.source_details             ? 
_pdbx_entry_details.nonpolymer_details         ? 
_pdbx_entry_details.sequence_details           ? 
_pdbx_entry_details.has_ligand_of_interest     Y 
_pdbx_entry_details.has_protein_modification   N 
# 
loop_
_pdbx_validate_close_contact.id 
_pdbx_validate_close_contact.PDB_model_num 
_pdbx_validate_close_contact.auth_atom_id_1 
_pdbx_validate_close_contact.auth_asym_id_1 
_pdbx_validate_close_contact.auth_comp_id_1 
_pdbx_validate_close_contact.auth_seq_id_1 
_pdbx_validate_close_contact.PDB_ins_code_1 
_pdbx_validate_close_contact.label_alt_id_1 
_pdbx_validate_close_contact.auth_atom_id_2 
_pdbx_validate_close_contact.auth_asym_id_2 
_pdbx_validate_close_contact.auth_comp_id_2 
_pdbx_validate_close_contact.auth_seq_id_2 
_pdbx_validate_close_contact.PDB_ins_code_2 
_pdbx_validate_close_contact.label_alt_id_2 
_pdbx_validate_close_contact.dist 
1 1 O  A HOH 383 ? ? O A HOH 443 ? ? 1.46 
2 1 O  A HOH 515 ? ? O A HOH 522 ? ? 1.95 
3 1 O  A HOH 330 ? ? O A HOH 402 ? ? 1.98 
4 1 O  A HOH 451 ? ? O A HOH 478 ? ? 2.04 
5 1 O  A VAL 32  ? ? O A HOH 301 ? ? 2.11 
6 1 O  A HOH 386 ? ? O A HOH 460 ? ? 2.11 
7 1 OH A TYR 15  ? ? O A HOH 302 ? ? 2.13 
8 1 N  A SER 105 ? ? O A HOH 303 ? ? 2.14 
9 1 O  A HOH 385 ? ? O A HOH 393 ? ? 2.14 
# 
loop_
_pdbx_validate_symm_contact.id 
_pdbx_validate_symm_contact.PDB_model_num 
_pdbx_validate_symm_contact.auth_atom_id_1 
_pdbx_validate_symm_contact.auth_asym_id_1 
_pdbx_validate_symm_contact.auth_comp_id_1 
_pdbx_validate_symm_contact.auth_seq_id_1 
_pdbx_validate_symm_contact.PDB_ins_code_1 
_pdbx_validate_symm_contact.label_alt_id_1 
_pdbx_validate_symm_contact.site_symmetry_1 
_pdbx_validate_symm_contact.auth_atom_id_2 
_pdbx_validate_symm_contact.auth_asym_id_2 
_pdbx_validate_symm_contact.auth_comp_id_2 
_pdbx_validate_symm_contact.auth_seq_id_2 
_pdbx_validate_symm_contact.PDB_ins_code_2 
_pdbx_validate_symm_contact.label_alt_id_2 
_pdbx_validate_symm_contact.site_symmetry_2 
_pdbx_validate_symm_contact.dist 
1 1 O A HOH 338 ? ? 1_555 O A HOH 433 ? ? 1_556 2.03 
2 1 O A HOH 328 ? ? 1_555 O A HOH 329 ? ? 2_556 2.16 
# 
loop_
_pdbx_validate_torsion.id 
_pdbx_validate_torsion.PDB_model_num 
_pdbx_validate_torsion.auth_comp_id 
_pdbx_validate_torsion.auth_asym_id 
_pdbx_validate_torsion.auth_seq_id 
_pdbx_validate_torsion.PDB_ins_code 
_pdbx_validate_torsion.label_alt_id 
_pdbx_validate_torsion.phi 
_pdbx_validate_torsion.psi 
1 1 VAL A 32  ? ? -130.02 -53.09 
2 1 SER A 125 ? ? -133.42 -39.45 
# 
loop_
_pdbx_distant_solvent_atoms.id 
_pdbx_distant_solvent_atoms.PDB_model_num 
_pdbx_distant_solvent_atoms.auth_atom_id 
_pdbx_distant_solvent_atoms.label_alt_id 
_pdbx_distant_solvent_atoms.auth_asym_id 
_pdbx_distant_solvent_atoms.auth_comp_id 
_pdbx_distant_solvent_atoms.auth_seq_id 
_pdbx_distant_solvent_atoms.PDB_ins_code 
_pdbx_distant_solvent_atoms.neighbor_macromolecule_distance 
_pdbx_distant_solvent_atoms.neighbor_ligand_distance 
1 1 O ? A HOH 527 ? 7.73  . 
2 1 O ? A HOH 528 ? 11.05 . 
# 
loop_
_pdbx_unobs_or_zero_occ_residues.id 
_pdbx_unobs_or_zero_occ_residues.PDB_model_num 
_pdbx_unobs_or_zero_occ_residues.polymer_flag 
_pdbx_unobs_or_zero_occ_residues.occupancy_flag 
_pdbx_unobs_or_zero_occ_residues.auth_asym_id 
_pdbx_unobs_or_zero_occ_residues.auth_comp_id 
_pdbx_unobs_or_zero_occ_residues.auth_seq_id 
_pdbx_unobs_or_zero_occ_residues.PDB_ins_code 
_pdbx_unobs_or_zero_occ_residues.label_asym_id 
_pdbx_unobs_or_zero_occ_residues.label_comp_id 
_pdbx_unobs_or_zero_occ_residues.label_seq_id 
1 1 Y 1 A ALA 147 ? A ALA 141 
2 1 Y 1 A MET 148 ? A MET 142 
3 1 Y 1 A GLU 149 ? A GLU 143 
4 1 Y 1 A GLN 150 ? A GLN 144 
# 
loop_
_chem_comp_atom.comp_id 
_chem_comp_atom.atom_id 
_chem_comp_atom.type_symbol 
_chem_comp_atom.pdbx_aromatic_flag 
_chem_comp_atom.pdbx_stereo_config 
_chem_comp_atom.pdbx_ordinal 
A1BQ3 N1   N  Y N 1   
A1BQ3 C4   C  Y N 2   
A1BQ3 C5   C  Y N 3   
A1BQ3 C6   C  Y N 4   
A1BQ3 C7   C  Y N 5   
A1BQ3 C8   C  Y N 6   
A1BQ3 N    N  Y N 7   
A1BQ3 C    C  N N 8   
A1BQ3 O    O  N N 9   
A1BQ3 C1   C  Y N 10  
A1BQ3 C2   C  N N 11  
A1BQ3 C3   C  Y N 12  
A1BQ3 F    F  N N 13  
A1BQ3 N2   N  N N 14  
A1BQ3 H5   H  N N 15  
A1BQ3 H6   H  N N 16  
A1BQ3 H7   H  N N 17  
A1BQ3 H1   H  N N 18  
A1BQ3 H    H  N N 19  
A1BQ3 H2   H  N N 20  
A1BQ3 H3   H  N N 21  
A1BQ3 H4   H  N N 22  
ALA   N    N  N N 23  
ALA   CA   C  N S 24  
ALA   C    C  N N 25  
ALA   O    O  N N 26  
ALA   CB   C  N N 27  
ALA   OXT  O  N N 28  
ALA   H    H  N N 29  
ALA   H2   H  N N 30  
ALA   HA   H  N N 31  
ALA   HB1  H  N N 32  
ALA   HB2  H  N N 33  
ALA   HB3  H  N N 34  
ALA   HXT  H  N N 35  
ARG   N    N  N N 36  
ARG   CA   C  N S 37  
ARG   C    C  N N 38  
ARG   O    O  N N 39  
ARG   CB   C  N N 40  
ARG   CG   C  N N 41  
ARG   CD   C  N N 42  
ARG   NE   N  N N 43  
ARG   CZ   C  N N 44  
ARG   NH1  N  N N 45  
ARG   NH2  N  N N 46  
ARG   OXT  O  N N 47  
ARG   H    H  N N 48  
ARG   H2   H  N N 49  
ARG   HA   H  N N 50  
ARG   HB2  H  N N 51  
ARG   HB3  H  N N 52  
ARG   HG2  H  N N 53  
ARG   HG3  H  N N 54  
ARG   HD2  H  N N 55  
ARG   HD3  H  N N 56  
ARG   HE   H  N N 57  
ARG   HH11 H  N N 58  
ARG   HH12 H  N N 59  
ARG   HH21 H  N N 60  
ARG   HH22 H  N N 61  
ARG   HXT  H  N N 62  
ASN   N    N  N N 63  
ASN   CA   C  N S 64  
ASN   C    C  N N 65  
ASN   O    O  N N 66  
ASN   CB   C  N N 67  
ASN   CG   C  N N 68  
ASN   OD1  O  N N 69  
ASN   ND2  N  N N 70  
ASN   OXT  O  N N 71  
ASN   H    H  N N 72  
ASN   H2   H  N N 73  
ASN   HA   H  N N 74  
ASN   HB2  H  N N 75  
ASN   HB3  H  N N 76  
ASN   HD21 H  N N 77  
ASN   HD22 H  N N 78  
ASN   HXT  H  N N 79  
ASP   N    N  N N 80  
ASP   CA   C  N S 81  
ASP   C    C  N N 82  
ASP   O    O  N N 83  
ASP   CB   C  N N 84  
ASP   CG   C  N N 85  
ASP   OD1  O  N N 86  
ASP   OD2  O  N N 87  
ASP   OXT  O  N N 88  
ASP   H    H  N N 89  
ASP   H2   H  N N 90  
ASP   HA   H  N N 91  
ASP   HB2  H  N N 92  
ASP   HB3  H  N N 93  
ASP   HD2  H  N N 94  
ASP   HXT  H  N N 95  
CYS   N    N  N N 96  
CYS   CA   C  N R 97  
CYS   C    C  N N 98  
CYS   O    O  N N 99  
CYS   CB   C  N N 100 
CYS   SG   S  N N 101 
CYS   OXT  O  N N 102 
CYS   H    H  N N 103 
CYS   H2   H  N N 104 
CYS   HA   H  N N 105 
CYS   HB2  H  N N 106 
CYS   HB3  H  N N 107 
CYS   HG   H  N N 108 
CYS   HXT  H  N N 109 
DMS   S    S  N N 110 
DMS   O    O  N N 111 
DMS   C1   C  N N 112 
DMS   C2   C  N N 113 
DMS   H11  H  N N 114 
DMS   H12  H  N N 115 
DMS   H13  H  N N 116 
DMS   H21  H  N N 117 
DMS   H22  H  N N 118 
DMS   H23  H  N N 119 
GLN   N    N  N N 120 
GLN   CA   C  N S 121 
GLN   C    C  N N 122 
GLN   O    O  N N 123 
GLN   CB   C  N N 124 
GLN   CG   C  N N 125 
GLN   CD   C  N N 126 
GLN   OE1  O  N N 127 
GLN   NE2  N  N N 128 
GLN   OXT  O  N N 129 
GLN   H    H  N N 130 
GLN   H2   H  N N 131 
GLN   HA   H  N N 132 
GLN   HB2  H  N N 133 
GLN   HB3  H  N N 134 
GLN   HG2  H  N N 135 
GLN   HG3  H  N N 136 
GLN   HE21 H  N N 137 
GLN   HE22 H  N N 138 
GLN   HXT  H  N N 139 
GLU   N    N  N N 140 
GLU   CA   C  N S 141 
GLU   C    C  N N 142 
GLU   O    O  N N 143 
GLU   CB   C  N N 144 
GLU   CG   C  N N 145 
GLU   CD   C  N N 146 
GLU   OE1  O  N N 147 
GLU   OE2  O  N N 148 
GLU   OXT  O  N N 149 
GLU   H    H  N N 150 
GLU   H2   H  N N 151 
GLU   HA   H  N N 152 
GLU   HB2  H  N N 153 
GLU   HB3  H  N N 154 
GLU   HG2  H  N N 155 
GLU   HG3  H  N N 156 
GLU   HE2  H  N N 157 
GLU   HXT  H  N N 158 
GLY   N    N  N N 159 
GLY   CA   C  N N 160 
GLY   C    C  N N 161 
GLY   O    O  N N 162 
GLY   OXT  O  N N 163 
GLY   H    H  N N 164 
GLY   H2   H  N N 165 
GLY   HA2  H  N N 166 
GLY   HA3  H  N N 167 
GLY   HXT  H  N N 168 
HIS   N    N  N N 169 
HIS   CA   C  N S 170 
HIS   C    C  N N 171 
HIS   O    O  N N 172 
HIS   CB   C  N N 173 
HIS   CG   C  Y N 174 
HIS   ND1  N  Y N 175 
HIS   CD2  C  Y N 176 
HIS   CE1  C  Y N 177 
HIS   NE2  N  Y N 178 
HIS   OXT  O  N N 179 
HIS   H    H  N N 180 
HIS   H2   H  N N 181 
HIS   HA   H  N N 182 
HIS   HB2  H  N N 183 
HIS   HB3  H  N N 184 
HIS   HD1  H  N N 185 
HIS   HD2  H  N N 186 
HIS   HE1  H  N N 187 
HIS   HE2  H  N N 188 
HIS   HXT  H  N N 189 
HOH   O    O  N N 190 
HOH   H1   H  N N 191 
HOH   H2   H  N N 192 
ILE   N    N  N N 193 
ILE   CA   C  N S 194 
ILE   C    C  N N 195 
ILE   O    O  N N 196 
ILE   CB   C  N S 197 
ILE   CG1  C  N N 198 
ILE   CG2  C  N N 199 
ILE   CD1  C  N N 200 
ILE   OXT  O  N N 201 
ILE   H    H  N N 202 
ILE   H2   H  N N 203 
ILE   HA   H  N N 204 
ILE   HB   H  N N 205 
ILE   HG12 H  N N 206 
ILE   HG13 H  N N 207 
ILE   HG21 H  N N 208 
ILE   HG22 H  N N 209 
ILE   HG23 H  N N 210 
ILE   HD11 H  N N 211 
ILE   HD12 H  N N 212 
ILE   HD13 H  N N 213 
ILE   HXT  H  N N 214 
LEU   N    N  N N 215 
LEU   CA   C  N S 216 
LEU   C    C  N N 217 
LEU   O    O  N N 218 
LEU   CB   C  N N 219 
LEU   CG   C  N N 220 
LEU   CD1  C  N N 221 
LEU   CD2  C  N N 222 
LEU   OXT  O  N N 223 
LEU   H    H  N N 224 
LEU   H2   H  N N 225 
LEU   HA   H  N N 226 
LEU   HB2  H  N N 227 
LEU   HB3  H  N N 228 
LEU   HG   H  N N 229 
LEU   HD11 H  N N 230 
LEU   HD12 H  N N 231 
LEU   HD13 H  N N 232 
LEU   HD21 H  N N 233 
LEU   HD22 H  N N 234 
LEU   HD23 H  N N 235 
LEU   HXT  H  N N 236 
LYS   N    N  N N 237 
LYS   CA   C  N S 238 
LYS   C    C  N N 239 
LYS   O    O  N N 240 
LYS   CB   C  N N 241 
LYS   CG   C  N N 242 
LYS   CD   C  N N 243 
LYS   CE   C  N N 244 
LYS   NZ   N  N N 245 
LYS   OXT  O  N N 246 
LYS   H    H  N N 247 
LYS   H2   H  N N 248 
LYS   HA   H  N N 249 
LYS   HB2  H  N N 250 
LYS   HB3  H  N N 251 
LYS   HG2  H  N N 252 
LYS   HG3  H  N N 253 
LYS   HD2  H  N N 254 
LYS   HD3  H  N N 255 
LYS   HE2  H  N N 256 
LYS   HE3  H  N N 257 
LYS   HZ1  H  N N 258 
LYS   HZ2  H  N N 259 
LYS   HZ3  H  N N 260 
LYS   HXT  H  N N 261 
MET   N    N  N N 262 
MET   CA   C  N S 263 
MET   C    C  N N 264 
MET   O    O  N N 265 
MET   CB   C  N N 266 
MET   CG   C  N N 267 
MET   SD   S  N N 268 
MET   CE   C  N N 269 
MET   OXT  O  N N 270 
MET   H    H  N N 271 
MET   H2   H  N N 272 
MET   HA   H  N N 273 
MET   HB2  H  N N 274 
MET   HB3  H  N N 275 
MET   HG2  H  N N 276 
MET   HG3  H  N N 277 
MET   HE1  H  N N 278 
MET   HE2  H  N N 279 
MET   HE3  H  N N 280 
MET   HXT  H  N N 281 
PHE   N    N  N N 282 
PHE   CA   C  N S 283 
PHE   C    C  N N 284 
PHE   O    O  N N 285 
PHE   CB   C  N N 286 
PHE   CG   C  Y N 287 
PHE   CD1  C  Y N 288 
PHE   CD2  C  Y N 289 
PHE   CE1  C  Y N 290 
PHE   CE2  C  Y N 291 
PHE   CZ   C  Y N 292 
PHE   OXT  O  N N 293 
PHE   H    H  N N 294 
PHE   H2   H  N N 295 
PHE   HA   H  N N 296 
PHE   HB2  H  N N 297 
PHE   HB3  H  N N 298 
PHE   HD1  H  N N 299 
PHE   HD2  H  N N 300 
PHE   HE1  H  N N 301 
PHE   HE2  H  N N 302 
PHE   HZ   H  N N 303 
PHE   HXT  H  N N 304 
PRO   N    N  N N 305 
PRO   CA   C  N S 306 
PRO   C    C  N N 307 
PRO   O    O  N N 308 
PRO   CB   C  N N 309 
PRO   CG   C  N N 310 
PRO   CD   C  N N 311 
PRO   OXT  O  N N 312 
PRO   H    H  N N 313 
PRO   HA   H  N N 314 
PRO   HB2  H  N N 315 
PRO   HB3  H  N N 316 
PRO   HG2  H  N N 317 
PRO   HG3  H  N N 318 
PRO   HD2  H  N N 319 
PRO   HD3  H  N N 320 
PRO   HXT  H  N N 321 
SER   N    N  N N 322 
SER   CA   C  N S 323 
SER   C    C  N N 324 
SER   O    O  N N 325 
SER   CB   C  N N 326 
SER   OG   O  N N 327 
SER   OXT  O  N N 328 
SER   H    H  N N 329 
SER   H2   H  N N 330 
SER   HA   H  N N 331 
SER   HB2  H  N N 332 
SER   HB3  H  N N 333 
SER   HG   H  N N 334 
SER   HXT  H  N N 335 
SO4   S    S  N N 336 
SO4   O1   O  N N 337 
SO4   O2   O  N N 338 
SO4   O3   O  N N 339 
SO4   O4   O  N N 340 
THR   N    N  N N 341 
THR   CA   C  N S 342 
THR   C    C  N N 343 
THR   O    O  N N 344 
THR   CB   C  N R 345 
THR   OG1  O  N N 346 
THR   CG2  C  N N 347 
THR   OXT  O  N N 348 
THR   H    H  N N 349 
THR   H2   H  N N 350 
THR   HA   H  N N 351 
THR   HB   H  N N 352 
THR   HG1  H  N N 353 
THR   HG21 H  N N 354 
THR   HG22 H  N N 355 
THR   HG23 H  N N 356 
THR   HXT  H  N N 357 
TRP   N    N  N N 358 
TRP   CA   C  N S 359 
TRP   C    C  N N 360 
TRP   O    O  N N 361 
TRP   CB   C  N N 362 
TRP   CG   C  Y N 363 
TRP   CD1  C  Y N 364 
TRP   CD2  C  Y N 365 
TRP   NE1  N  Y N 366 
TRP   CE2  C  Y N 367 
TRP   CE3  C  Y N 368 
TRP   CZ2  C  Y N 369 
TRP   CZ3  C  Y N 370 
TRP   CH2  C  Y N 371 
TRP   OXT  O  N N 372 
TRP   H    H  N N 373 
TRP   H2   H  N N 374 
TRP   HA   H  N N 375 
TRP   HB2  H  N N 376 
TRP   HB3  H  N N 377 
TRP   HD1  H  N N 378 
TRP   HE1  H  N N 379 
TRP   HE3  H  N N 380 
TRP   HZ2  H  N N 381 
TRP   HZ3  H  N N 382 
TRP   HH2  H  N N 383 
TRP   HXT  H  N N 384 
TYR   N    N  N N 385 
TYR   CA   C  N S 386 
TYR   C    C  N N 387 
TYR   O    O  N N 388 
TYR   CB   C  N N 389 
TYR   CG   C  Y N 390 
TYR   CD1  C  Y N 391 
TYR   CD2  C  Y N 392 
TYR   CE1  C  Y N 393 
TYR   CE2  C  Y N 394 
TYR   CZ   C  Y N 395 
TYR   OH   O  N N 396 
TYR   OXT  O  N N 397 
TYR   H    H  N N 398 
TYR   H2   H  N N 399 
TYR   HA   H  N N 400 
TYR   HB2  H  N N 401 
TYR   HB3  H  N N 402 
TYR   HD1  H  N N 403 
TYR   HD2  H  N N 404 
TYR   HE1  H  N N 405 
TYR   HE2  H  N N 406 
TYR   HH   H  N N 407 
TYR   HXT  H  N N 408 
VAL   N    N  N N 409 
VAL   CA   C  N S 410 
VAL   C    C  N N 411 
VAL   O    O  N N 412 
VAL   CB   C  N N 413 
VAL   CG1  C  N N 414 
VAL   CG2  C  N N 415 
VAL   OXT  O  N N 416 
VAL   H    H  N N 417 
VAL   H2   H  N N 418 
VAL   HA   H  N N 419 
VAL   HB   H  N N 420 
VAL   HG11 H  N N 421 
VAL   HG12 H  N N 422 
VAL   HG13 H  N N 423 
VAL   HG21 H  N N 424 
VAL   HG22 H  N N 425 
VAL   HG23 H  N N 426 
VAL   HXT  H  N N 427 
ZN    ZN   ZN N N 428 
# 
loop_
_chem_comp_bond.comp_id 
_chem_comp_bond.atom_id_1 
_chem_comp_bond.atom_id_2 
_chem_comp_bond.value_order 
_chem_comp_bond.pdbx_aromatic_flag 
_chem_comp_bond.pdbx_stereo_config 
_chem_comp_bond.pdbx_ordinal 
A1BQ3 C   N    sing N N 1   
A1BQ3 N   N1   sing Y N 2   
A1BQ3 N1  C1   doub Y N 3   
A1BQ3 C2  C1   sing N N 4   
A1BQ3 N2  C2   sing N N 5   
A1BQ3 O   C2   doub N N 6   
A1BQ3 C1  C3   sing Y N 7   
A1BQ3 C3  C4   doub Y N 8   
A1BQ3 C4  C5   sing Y N 9   
A1BQ3 C5  F    sing N N 10  
A1BQ3 C6  C5   doub Y N 11  
A1BQ3 C7  C6   sing Y N 12  
A1BQ3 C8  C7   doub Y N 13  
A1BQ3 C3  C8   sing Y N 14  
A1BQ3 N   C8   sing Y N 15  
A1BQ3 C4  H5   sing N N 16  
A1BQ3 C6  H6   sing N N 17  
A1BQ3 C7  H7   sing N N 18  
A1BQ3 C   H1   sing N N 19  
A1BQ3 C   H    sing N N 20  
A1BQ3 C   H2   sing N N 21  
A1BQ3 N2  H3   sing N N 22  
A1BQ3 N2  H4   sing N N 23  
ALA   N   CA   sing N N 24  
ALA   N   H    sing N N 25  
ALA   N   H2   sing N N 26  
ALA   CA  C    sing N N 27  
ALA   CA  CB   sing N N 28  
ALA   CA  HA   sing N N 29  
ALA   C   O    doub N N 30  
ALA   C   OXT  sing N N 31  
ALA   CB  HB1  sing N N 32  
ALA   CB  HB2  sing N N 33  
ALA   CB  HB3  sing N N 34  
ALA   OXT HXT  sing N N 35  
ARG   N   CA   sing N N 36  
ARG   N   H    sing N N 37  
ARG   N   H2   sing N N 38  
ARG   CA  C    sing N N 39  
ARG   CA  CB   sing N N 40  
ARG   CA  HA   sing N N 41  
ARG   C   O    doub N N 42  
ARG   C   OXT  sing N N 43  
ARG   CB  CG   sing N N 44  
ARG   CB  HB2  sing N N 45  
ARG   CB  HB3  sing N N 46  
ARG   CG  CD   sing N N 47  
ARG   CG  HG2  sing N N 48  
ARG   CG  HG3  sing N N 49  
ARG   CD  NE   sing N N 50  
ARG   CD  HD2  sing N N 51  
ARG   CD  HD3  sing N N 52  
ARG   NE  CZ   sing N N 53  
ARG   NE  HE   sing N N 54  
ARG   CZ  NH1  sing N N 55  
ARG   CZ  NH2  doub N N 56  
ARG   NH1 HH11 sing N N 57  
ARG   NH1 HH12 sing N N 58  
ARG   NH2 HH21 sing N N 59  
ARG   NH2 HH22 sing N N 60  
ARG   OXT HXT  sing N N 61  
ASN   N   CA   sing N N 62  
ASN   N   H    sing N N 63  
ASN   N   H2   sing N N 64  
ASN   CA  C    sing N N 65  
ASN   CA  CB   sing N N 66  
ASN   CA  HA   sing N N 67  
ASN   C   O    doub N N 68  
ASN   C   OXT  sing N N 69  
ASN   CB  CG   sing N N 70  
ASN   CB  HB2  sing N N 71  
ASN   CB  HB3  sing N N 72  
ASN   CG  OD1  doub N N 73  
ASN   CG  ND2  sing N N 74  
ASN   ND2 HD21 sing N N 75  
ASN   ND2 HD22 sing N N 76  
ASN   OXT HXT  sing N N 77  
ASP   N   CA   sing N N 78  
ASP   N   H    sing N N 79  
ASP   N   H2   sing N N 80  
ASP   CA  C    sing N N 81  
ASP   CA  CB   sing N N 82  
ASP   CA  HA   sing N N 83  
ASP   C   O    doub N N 84  
ASP   C   OXT  sing N N 85  
ASP   CB  CG   sing N N 86  
ASP   CB  HB2  sing N N 87  
ASP   CB  HB3  sing N N 88  
ASP   CG  OD1  doub N N 89  
ASP   CG  OD2  sing N N 90  
ASP   OD2 HD2  sing N N 91  
ASP   OXT HXT  sing N N 92  
CYS   N   CA   sing N N 93  
CYS   N   H    sing N N 94  
CYS   N   H2   sing N N 95  
CYS   CA  C    sing N N 96  
CYS   CA  CB   sing N N 97  
CYS   CA  HA   sing N N 98  
CYS   C   O    doub N N 99  
CYS   C   OXT  sing N N 100 
CYS   CB  SG   sing N N 101 
CYS   CB  HB2  sing N N 102 
CYS   CB  HB3  sing N N 103 
CYS   SG  HG   sing N N 104 
CYS   OXT HXT  sing N N 105 
DMS   S   O    doub N N 106 
DMS   S   C1   sing N N 107 
DMS   S   C2   sing N N 108 
DMS   C1  H11  sing N N 109 
DMS   C1  H12  sing N N 110 
DMS   C1  H13  sing N N 111 
DMS   C2  H21  sing N N 112 
DMS   C2  H22  sing N N 113 
DMS   C2  H23  sing N N 114 
GLN   N   CA   sing N N 115 
GLN   N   H    sing N N 116 
GLN   N   H2   sing N N 117 
GLN   CA  C    sing N N 118 
GLN   CA  CB   sing N N 119 
GLN   CA  HA   sing N N 120 
GLN   C   O    doub N N 121 
GLN   C   OXT  sing N N 122 
GLN   CB  CG   sing N N 123 
GLN   CB  HB2  sing N N 124 
GLN   CB  HB3  sing N N 125 
GLN   CG  CD   sing N N 126 
GLN   CG  HG2  sing N N 127 
GLN   CG  HG3  sing N N 128 
GLN   CD  OE1  doub N N 129 
GLN   CD  NE2  sing N N 130 
GLN   NE2 HE21 sing N N 131 
GLN   NE2 HE22 sing N N 132 
GLN   OXT HXT  sing N N 133 
GLU   N   CA   sing N N 134 
GLU   N   H    sing N N 135 
GLU   N   H2   sing N N 136 
GLU   CA  C    sing N N 137 
GLU   CA  CB   sing N N 138 
GLU   CA  HA   sing N N 139 
GLU   C   O    doub N N 140 
GLU   C   OXT  sing N N 141 
GLU   CB  CG   sing N N 142 
GLU   CB  HB2  sing N N 143 
GLU   CB  HB3  sing N N 144 
GLU   CG  CD   sing N N 145 
GLU   CG  HG2  sing N N 146 
GLU   CG  HG3  sing N N 147 
GLU   CD  OE1  doub N N 148 
GLU   CD  OE2  sing N N 149 
GLU   OE2 HE2  sing N N 150 
GLU   OXT HXT  sing N N 151 
GLY   N   CA   sing N N 152 
GLY   N   H    sing N N 153 
GLY   N   H2   sing N N 154 
GLY   CA  C    sing N N 155 
GLY   CA  HA2  sing N N 156 
GLY   CA  HA3  sing N N 157 
GLY   C   O    doub N N 158 
GLY   C   OXT  sing N N 159 
GLY   OXT HXT  sing N N 160 
HIS   N   CA   sing N N 161 
HIS   N   H    sing N N 162 
HIS   N   H2   sing N N 163 
HIS   CA  C    sing N N 164 
HIS   CA  CB   sing N N 165 
HIS   CA  HA   sing N N 166 
HIS   C   O    doub N N 167 
HIS   C   OXT  sing N N 168 
HIS   CB  CG   sing N N 169 
HIS   CB  HB2  sing N N 170 
HIS   CB  HB3  sing N N 171 
HIS   CG  ND1  sing Y N 172 
HIS   CG  CD2  doub Y N 173 
HIS   ND1 CE1  doub Y N 174 
HIS   ND1 HD1  sing N N 175 
HIS   CD2 NE2  sing Y N 176 
HIS   CD2 HD2  sing N N 177 
HIS   CE1 NE2  sing Y N 178 
HIS   CE1 HE1  sing N N 179 
HIS   NE2 HE2  sing N N 180 
HIS   OXT HXT  sing N N 181 
HOH   O   H1   sing N N 182 
HOH   O   H2   sing N N 183 
ILE   N   CA   sing N N 184 
ILE   N   H    sing N N 185 
ILE   N   H2   sing N N 186 
ILE   CA  C    sing N N 187 
ILE   CA  CB   sing N N 188 
ILE   CA  HA   sing N N 189 
ILE   C   O    doub N N 190 
ILE   C   OXT  sing N N 191 
ILE   CB  CG1  sing N N 192 
ILE   CB  CG2  sing N N 193 
ILE   CB  HB   sing N N 194 
ILE   CG1 CD1  sing N N 195 
ILE   CG1 HG12 sing N N 196 
ILE   CG1 HG13 sing N N 197 
ILE   CG2 HG21 sing N N 198 
ILE   CG2 HG22 sing N N 199 
ILE   CG2 HG23 sing N N 200 
ILE   CD1 HD11 sing N N 201 
ILE   CD1 HD12 sing N N 202 
ILE   CD1 HD13 sing N N 203 
ILE   OXT HXT  sing N N 204 
LEU   N   CA   sing N N 205 
LEU   N   H    sing N N 206 
LEU   N   H2   sing N N 207 
LEU   CA  C    sing N N 208 
LEU   CA  CB   sing N N 209 
LEU   CA  HA   sing N N 210 
LEU   C   O    doub N N 211 
LEU   C   OXT  sing N N 212 
LEU   CB  CG   sing N N 213 
LEU   CB  HB2  sing N N 214 
LEU   CB  HB3  sing N N 215 
LEU   CG  CD1  sing N N 216 
LEU   CG  CD2  sing N N 217 
LEU   CG  HG   sing N N 218 
LEU   CD1 HD11 sing N N 219 
LEU   CD1 HD12 sing N N 220 
LEU   CD1 HD13 sing N N 221 
LEU   CD2 HD21 sing N N 222 
LEU   CD2 HD22 sing N N 223 
LEU   CD2 HD23 sing N N 224 
LEU   OXT HXT  sing N N 225 
LYS   N   CA   sing N N 226 
LYS   N   H    sing N N 227 
LYS   N   H2   sing N N 228 
LYS   CA  C    sing N N 229 
LYS   CA  CB   sing N N 230 
LYS   CA  HA   sing N N 231 
LYS   C   O    doub N N 232 
LYS   C   OXT  sing N N 233 
LYS   CB  CG   sing N N 234 
LYS   CB  HB2  sing N N 235 
LYS   CB  HB3  sing N N 236 
LYS   CG  CD   sing N N 237 
LYS   CG  HG2  sing N N 238 
LYS   CG  HG3  sing N N 239 
LYS   CD  CE   sing N N 240 
LYS   CD  HD2  sing N N 241 
LYS   CD  HD3  sing N N 242 
LYS   CE  NZ   sing N N 243 
LYS   CE  HE2  sing N N 244 
LYS   CE  HE3  sing N N 245 
LYS   NZ  HZ1  sing N N 246 
LYS   NZ  HZ2  sing N N 247 
LYS   NZ  HZ3  sing N N 248 
LYS   OXT HXT  sing N N 249 
MET   N   CA   sing N N 250 
MET   N   H    sing N N 251 
MET   N   H2   sing N N 252 
MET   CA  C    sing N N 253 
MET   CA  CB   sing N N 254 
MET   CA  HA   sing N N 255 
MET   C   O    doub N N 256 
MET   C   OXT  sing N N 257 
MET   CB  CG   sing N N 258 
MET   CB  HB2  sing N N 259 
MET   CB  HB3  sing N N 260 
MET   CG  SD   sing N N 261 
MET   CG  HG2  sing N N 262 
MET   CG  HG3  sing N N 263 
MET   SD  CE   sing N N 264 
MET   CE  HE1  sing N N 265 
MET   CE  HE2  sing N N 266 
MET   CE  HE3  sing N N 267 
MET   OXT HXT  sing N N 268 
PHE   N   CA   sing N N 269 
PHE   N   H    sing N N 270 
PHE   N   H2   sing N N 271 
PHE   CA  C    sing N N 272 
PHE   CA  CB   sing N N 273 
PHE   CA  HA   sing N N 274 
PHE   C   O    doub N N 275 
PHE   C   OXT  sing N N 276 
PHE   CB  CG   sing N N 277 
PHE   CB  HB2  sing N N 278 
PHE   CB  HB3  sing N N 279 
PHE   CG  CD1  doub Y N 280 
PHE   CG  CD2  sing Y N 281 
PHE   CD1 CE1  sing Y N 282 
PHE   CD1 HD1  sing N N 283 
PHE   CD2 CE2  doub Y N 284 
PHE   CD2 HD2  sing N N 285 
PHE   CE1 CZ   doub Y N 286 
PHE   CE1 HE1  sing N N 287 
PHE   CE2 CZ   sing Y N 288 
PHE   CE2 HE2  sing N N 289 
PHE   CZ  HZ   sing N N 290 
PHE   OXT HXT  sing N N 291 
PRO   N   CA   sing N N 292 
PRO   N   CD   sing N N 293 
PRO   N   H    sing N N 294 
PRO   CA  C    sing N N 295 
PRO   CA  CB   sing N N 296 
PRO   CA  HA   sing N N 297 
PRO   C   O    doub N N 298 
PRO   C   OXT  sing N N 299 
PRO   CB  CG   sing N N 300 
PRO   CB  HB2  sing N N 301 
PRO   CB  HB3  sing N N 302 
PRO   CG  CD   sing N N 303 
PRO   CG  HG2  sing N N 304 
PRO   CG  HG3  sing N N 305 
PRO   CD  HD2  sing N N 306 
PRO   CD  HD3  sing N N 307 
PRO   OXT HXT  sing N N 308 
SER   N   CA   sing N N 309 
SER   N   H    sing N N 310 
SER   N   H2   sing N N 311 
SER   CA  C    sing N N 312 
SER   CA  CB   sing N N 313 
SER   CA  HA   sing N N 314 
SER   C   O    doub N N 315 
SER   C   OXT  sing N N 316 
SER   CB  OG   sing N N 317 
SER   CB  HB2  sing N N 318 
SER   CB  HB3  sing N N 319 
SER   OG  HG   sing N N 320 
SER   OXT HXT  sing N N 321 
SO4   S   O1   doub N N 322 
SO4   S   O2   doub N N 323 
SO4   S   O3   sing N N 324 
SO4   S   O4   sing N N 325 
THR   N   CA   sing N N 326 
THR   N   H    sing N N 327 
THR   N   H2   sing N N 328 
THR   CA  C    sing N N 329 
THR   CA  CB   sing N N 330 
THR   CA  HA   sing N N 331 
THR   C   O    doub N N 332 
THR   C   OXT  sing N N 333 
THR   CB  OG1  sing N N 334 
THR   CB  CG2  sing N N 335 
THR   CB  HB   sing N N 336 
THR   OG1 HG1  sing N N 337 
THR   CG2 HG21 sing N N 338 
THR   CG2 HG22 sing N N 339 
THR   CG2 HG23 sing N N 340 
THR   OXT HXT  sing N N 341 
TRP   N   CA   sing N N 342 
TRP   N   H    sing N N 343 
TRP   N   H2   sing N N 344 
TRP   CA  C    sing N N 345 
TRP   CA  CB   sing N N 346 
TRP   CA  HA   sing N N 347 
TRP   C   O    doub N N 348 
TRP   C   OXT  sing N N 349 
TRP   CB  CG   sing N N 350 
TRP   CB  HB2  sing N N 351 
TRP   CB  HB3  sing N N 352 
TRP   CG  CD1  doub Y N 353 
TRP   CG  CD2  sing Y N 354 
TRP   CD1 NE1  sing Y N 355 
TRP   CD1 HD1  sing N N 356 
TRP   CD2 CE2  doub Y N 357 
TRP   CD2 CE3  sing Y N 358 
TRP   NE1 CE2  sing Y N 359 
TRP   NE1 HE1  sing N N 360 
TRP   CE2 CZ2  sing Y N 361 
TRP   CE3 CZ3  doub Y N 362 
TRP   CE3 HE3  sing N N 363 
TRP   CZ2 CH2  doub Y N 364 
TRP   CZ2 HZ2  sing N N 365 
TRP   CZ3 CH2  sing Y N 366 
TRP   CZ3 HZ3  sing N N 367 
TRP   CH2 HH2  sing N N 368 
TRP   OXT HXT  sing N N 369 
TYR   N   CA   sing N N 370 
TYR   N   H    sing N N 371 
TYR   N   H2   sing N N 372 
TYR   CA  C    sing N N 373 
TYR   CA  CB   sing N N 374 
TYR   CA  HA   sing N N 375 
TYR   C   O    doub N N 376 
TYR   C   OXT  sing N N 377 
TYR   CB  CG   sing N N 378 
TYR   CB  HB2  sing N N 379 
TYR   CB  HB3  sing N N 380 
TYR   CG  CD1  doub Y N 381 
TYR   CG  CD2  sing Y N 382 
TYR   CD1 CE1  sing Y N 383 
TYR   CD1 HD1  sing N N 384 
TYR   CD2 CE2  doub Y N 385 
TYR   CD2 HD2  sing N N 386 
TYR   CE1 CZ   doub Y N 387 
TYR   CE1 HE1  sing N N 388 
TYR   CE2 CZ   sing Y N 389 
TYR   CE2 HE2  sing N N 390 
TYR   CZ  OH   sing N N 391 
TYR   OH  HH   sing N N 392 
TYR   OXT HXT  sing N N 393 
VAL   N   CA   sing N N 394 
VAL   N   H    sing N N 395 
VAL   N   H2   sing N N 396 
VAL   CA  C    sing N N 397 
VAL   CA  CB   sing N N 398 
VAL   CA  HA   sing N N 399 
VAL   C   O    doub N N 400 
VAL   C   OXT  sing N N 401 
VAL   CB  CG1  sing N N 402 
VAL   CB  CG2  sing N N 403 
VAL   CB  HB   sing N N 404 
VAL   CG1 HG11 sing N N 405 
VAL   CG1 HG12 sing N N 406 
VAL   CG1 HG13 sing N N 407 
VAL   CG2 HG21 sing N N 408 
VAL   CG2 HG22 sing N N 409 
VAL   CG2 HG23 sing N N 410 
VAL   OXT HXT  sing N N 411 
# 
_pdbx_audit_support.funding_organization   
'National Institutes of Health/National Institute Of Allergy and Infectious Diseases (NIH/NIAID)' 
_pdbx_audit_support.country                'United States' 
_pdbx_audit_support.grant_number           U19AI171399 
_pdbx_audit_support.ordinal                1 
# 
_pdbx_deposit_group.group_id            G_1002330 
_pdbx_deposit_group.group_description   
'Crystollographic structure of Coxsackievirus A16 (G-10) 2A protease in complex with inhibitor' 
_pdbx_deposit_group.group_title         
'Group deposition of Coxsackievirus A16 (G-10) 2A protease in complex with inhibitors from the ASAP AViDD centre' 
_pdbx_deposit_group.group_type          'changed state' 
# 
_pdbx_initial_refinement_model.accession_code   8POA 
_pdbx_initial_refinement_model.details          ? 
_pdbx_initial_refinement_model.entity_id_list   ? 
_pdbx_initial_refinement_model.id               1 
_pdbx_initial_refinement_model.source_name      PDB 
_pdbx_initial_refinement_model.type             'experimental model' 
# 
_atom_sites.entry_id                    7HZM 
_atom_sites.fract_transf_matrix[1][1]   -0.00283662 
_atom_sites.fract_transf_matrix[1][2]   0.01098315 
_atom_sites.fract_transf_matrix[1][3]   -0.00245435 
_atom_sites.fract_transf_matrix[2][1]   -0.01491059 
_atom_sites.fract_transf_matrix[2][2]   -0.00183347 
_atom_sites.fract_transf_matrix[2][3]   0.00902820 
_atom_sites.fract_transf_matrix[3][1]   0.01373660 
_atom_sites.fract_transf_matrix[3][2]   0.01190961 
_atom_sites.fract_transf_matrix[3][3]   0.02510540 
_atom_sites.fract_transf_vector[1]      0.182524 
_atom_sites.fract_transf_vector[2]      0.124977 
_atom_sites.fract_transf_vector[3]      0.452639 
# 
loop_
_atom_type.symbol 
C  
F  
N  
O  
S  
ZN 
# 
loop_
_atom_site.group_PDB 
_atom_site.id 
_atom_site.type_symbol 
_atom_site.label_atom_id 
_atom_site.label_alt_id 
_atom_site.label_comp_id 
_atom_site.label_asym_id 
_atom_site.label_entity_id 
_atom_site.label_seq_id 
_atom_site.pdbx_PDB_ins_code 
_atom_site.Cartn_x 
_atom_site.Cartn_y 
_atom_site.Cartn_z 
_atom_site.occupancy 
_atom_site.B_iso_or_equiv 
_atom_site.pdbx_formal_charge 
_atom_site.auth_seq_id 
_atom_site.auth_comp_id 
_atom_site.auth_asym_id 
_atom_site.auth_atom_id 
_atom_site.pdbx_PDB_model_num 
ATOM   1    N  N   . SER   A 1 1   ? 3.882   7.388   7.070   1.00 20.87  ? 7   SER   A N   1 
ATOM   2    C  CA  . SER   A 1 1   ? 2.955   8.008   6.087   1.00 20.30  ? 7   SER   A CA  1 
ATOM   3    C  C   . SER   A 1 1   ? 3.501   7.758   4.688   1.00 19.58  ? 7   SER   A C   1 
ATOM   4    O  O   . SER   A 1 1   ? 4.674   7.293   4.587   1.00 18.66  ? 7   SER   A O   1 
ATOM   5    C  CB  . SER   A 1 1   ? 2.807   9.476   6.316   1.00 22.25  ? 7   SER   A CB  1 
ATOM   6    O  OG  . SER   A 1 1   ? 4.073   10.115  6.213   1.00 24.71  ? 7   SER   A OG  1 
ATOM   7    N  N   . GLY   A 1 2   ? 2.737   8.161   3.674   1.00 16.79  ? 8   GLY   A N   1 
ATOM   8    C  CA  . GLY   A 1 2   ? 3.144   8.020   2.271   1.00 14.64  ? 8   GLY   A CA  1 
ATOM   9    C  C   . GLY   A 1 2   ? 1.957   7.816   1.361   1.00 12.96  ? 8   GLY   A C   1 
ATOM   10   O  O   . GLY   A 1 2   ? 0.934   7.226   1.807   1.00 12.57  ? 8   GLY   A O   1 
ATOM   11   N  N   . ALA   A 1 3   ? 2.081   8.281   0.136   1.00 12.27  ? 9   ALA   A N   1 
ATOM   12   C  CA  . ALA   A 1 3   ? 1.041   8.156   -0.904  1.00 11.66  ? 9   ALA   A CA  1 
ATOM   13   C  C   . ALA   A 1 3   ? 1.654   7.797   -2.269  1.00 12.49  ? 9   ALA   A C   1 
ATOM   14   O  O   . ALA   A 1 3   ? 2.897   7.991   -2.438  1.00 15.03  ? 9   ALA   A O   1 
ATOM   15   C  CB  . ALA   A 1 3   ? 0.268   9.464   -0.985  1.00 12.46  ? 9   ALA   A CB  1 
ATOM   16   N  N   . ILE   A 1 4   ? 0.824   7.270   -3.170  1.00 13.08  ? 10  ILE   A N   1 
ATOM   17   C  CA  . ILE   A 1 4   ? 1.094   7.087   -4.633  1.00 14.36  ? 10  ILE   A CA  1 
ATOM   18   C  C   . ILE   A 1 4   ? 0.353   8.235   -5.323  1.00 15.80  ? 10  ILE   A C   1 
ATOM   19   O  O   . ILE   A 1 4   ? -0.575  8.760   -4.720  1.00 15.63  ? 10  ILE   A O   1 
ATOM   20   C  CB  . ILE   A 1 4   ? 0.593   5.707   -5.141  1.00 13.72  ? 10  ILE   A CB  1 
ATOM   21   C  CG1 . ILE   A 1 4   ? 1.045   4.553   -4.235  1.00 14.14  ? 10  ILE   A CG1 1 
ATOM   22   C  CG2 . ILE   A 1 4   ? 0.932   5.420   -6.598  1.00 14.37  ? 10  ILE   A CG2 1 
ATOM   23   C  CD1 . ILE   A 1 4   ? 0.418   3.254   -4.647  1.00 14.91  ? 10  ILE   A CD1 1 
ATOM   24   N  N   . TYR   A 1 5   ? 0.700   8.576   -6.570  1.00 17.84  ? 11  TYR   A N   1 
ATOM   25   C  CA  . TYR   A 1 5   ? 0.137   9.729   -7.313  1.00 22.15  ? 11  TYR   A CA  1 
ATOM   26   C  C   . TYR   A 1 5   ? 0.037   9.304   -8.779  1.00 21.42  ? 11  TYR   A C   1 
ATOM   27   O  O   . TYR   A 1 5   ? 0.943   9.586   -9.583  1.00 27.70  ? 11  TYR   A O   1 
ATOM   28   C  CB  . TYR   A 1 5   ? 1.005   10.958  -7.030  1.00 21.81  ? 11  TYR   A CB  1 
ATOM   29   C  CG  . TYR   A 1 5   ? 0.806   11.586  -5.673  1.00 22.01  ? 11  TYR   A CG  1 
ATOM   30   C  CD1 . TYR   A 1 5   ? -0.384  12.209  -5.321  1.00 22.04  ? 11  TYR   A CD1 1 
ATOM   31   C  CD2 . TYR   A 1 5   ? 1.834   11.607  -4.752  1.00 22.39  ? 11  TYR   A CD2 1 
ATOM   32   C  CE1 . TYR   A 1 5   ? -0.546  12.793  -4.073  1.00 22.35  ? 11  TYR   A CE1 1 
ATOM   33   C  CE2 . TYR   A 1 5   ? 1.680   12.150  -3.492  1.00 24.37  ? 11  TYR   A CE2 1 
ATOM   34   C  CZ  . TYR   A 1 5   ? 0.479   12.749  -3.154  1.00 22.54  ? 11  TYR   A CZ  1 
ATOM   35   O  OH  . TYR   A 1 5   ? 0.359   13.280  -1.916  1.00 26.39  ? 11  TYR   A OH  1 
ATOM   36   N  N   . VAL   A 1 6   ? -0.960  8.481   -9.093  1.00 25.21  ? 12  VAL   A N   1 
ATOM   37   C  CA  . VAL   A 1 6   ? -1.168  8.014   -10.493 1.00 23.75  ? 12  VAL   A CA  1 
ATOM   38   C  C   . VAL   A 1 6   ? -2.136  9.007   -11.137 1.00 24.49  ? 12  VAL   A C   1 
ATOM   39   O  O   . VAL   A 1 6   ? -3.383  8.827   -10.991 1.00 22.31  ? 12  VAL   A O   1 
ATOM   40   C  CB  . VAL   A 1 6   ? -1.581  6.529   -10.588 1.00 24.43  ? 12  VAL   A CB  1 
ATOM   41   C  CG1 . VAL   A 1 6   ? -2.845  6.199   -9.812  1.00 24.02  ? 12  VAL   A CG1 1 
ATOM   42   C  CG2 . VAL   A 1 6   ? -1.690  6.073   -12.037 1.00 24.27  ? 12  VAL   A CG2 1 
ATOM   43   N  N   . GLY   A 1 7   ? -1.534  10.083  -11.691 1.00 27.56  ? 13  GLY   A N   1 
ATOM   44   C  CA  . GLY   A 1 7   ? -2.182  11.177  -12.439 1.00 26.38  ? 13  GLY   A CA  1 
ATOM   45   C  C   . GLY   A 1 7   ? -2.635  12.299  -11.525 1.00 24.15  ? 13  GLY   A C   1 
ATOM   46   O  O   . GLY   A 1 7   ? -1.771  12.964  -10.889 1.00 22.06  ? 13  GLY   A O   1 
ATOM   47   N  N   . ASN   A 1 8   ? -3.942  12.528  -11.461 1.00 21.93  ? 14  ASN   A N   1 
ATOM   48   C  CA  . ASN   A 1 8   ? -4.538  13.493  -10.496 1.00 23.21  ? 14  ASN   A CA  1 
ATOM   49   C  C   . ASN   A 1 8   ? -5.168  12.709  -9.345  1.00 23.13  ? 14  ASN   A C   1 
ATOM   50   O  O   . ASN   A 1 8   ? -6.128  13.233  -8.754  1.00 18.88  ? 14  ASN   A O   1 
ATOM   51   C  CB  . ASN   A 1 8   ? -5.562  14.430  -11.138 1.00 22.78  ? 14  ASN   A CB  1 
ATOM   52   C  CG  . ASN   A 1 8   ? -4.912  15.427  -12.064 1.00 26.24  ? 14  ASN   A CG  1 
ATOM   53   O  OD1 . ASN   A 1 8   ? -4.594  16.535  -11.648 1.00 25.74  ? 14  ASN   A OD1 1 
ATOM   54   N  ND2 . ASN   A 1 8   ? -4.703  15.023  -13.306 1.00 27.02  ? 14  ASN   A ND2 1 
ATOM   55   N  N   . TYR   A 1 9   ? -4.655  11.501  -9.067  1.00 25.04  ? 15  TYR   A N   1 
ATOM   56   C  CA  . TYR   A 1 9   ? -5.144  10.626  -7.968  1.00 26.32  ? 15  TYR   A CA  1 
ATOM   57   C  C   . TYR   A 1 9   ? -4.058  10.561  -6.898  1.00 25.25  ? 15  TYR   A C   1 
ATOM   58   O  O   . TYR   A 1 9   ? -2.841  10.683  -7.166  1.00 26.86  ? 15  TYR   A O   1 
ATOM   59   C  CB  . TYR   A 1 9   ? -5.526  9.210   -8.421  1.00 28.26  ? 15  TYR   A CB  1 
ATOM   60   C  CG  . TYR   A 1 9   ? -6.650  9.074   -9.420  1.00 32.94  ? 15  TYR   A CG  1 
ATOM   61   C  CD1 . TYR   A 1 9   ? -7.931  9.519   -9.134  1.00 36.02  ? 15  TYR   A CD1 1 
ATOM   62   C  CD2 . TYR   A 1 9   ? -6.446  8.437   -10.636 1.00 36.14  ? 15  TYR   A CD2 1 
ATOM   63   C  CE1 . TYR   A 1 9   ? -8.969  9.370   -10.044 1.00 37.12  ? 15  TYR   A CE1 1 
ATOM   64   C  CE2 . TYR   A 1 9   ? -7.471  8.278   -11.554 1.00 38.04  ? 15  TYR   A CE2 1 
ATOM   65   C  CZ  . TYR   A 1 9   ? -8.736  8.750   -11.259 1.00 39.26  ? 15  TYR   A CZ  1 
ATOM   66   O  OH  . TYR   A 1 9   ? -9.741  8.599   -12.167 1.00 41.16  ? 15  TYR   A OH  1 
ATOM   67   N  N   . ARG   A 1 10  ? -4.510  10.394  -5.667  1.00 21.42  ? 16  ARG   A N   1 
ATOM   68   C  CA  . ARG   A 1 10  ? -3.632  10.228  -4.498  1.00 18.50  ? 16  ARG   A CA  1 
ATOM   69   C  C   . ARG   A 1 10  ? -4.058  8.929   -3.834  1.00 15.82  ? 16  ARG   A C   1 
ATOM   70   O  O   . ARG   A 1 10  ? -5.219  8.846   -3.464  1.00 15.78  ? 16  ARG   A O   1 
ATOM   71   C  CB  . ARG   A 1 10  ? -3.805  11.429  -3.579  1.00 18.62  ? 16  ARG   A CB  1 
ATOM   72   C  CG  . ARG   A 1 10  ? -3.349  11.184  -2.159  1.00 20.39  ? 16  ARG   A CG  1 
ATOM   73   C  CD  . ARG   A 1 10  ? -3.265  12.520  -1.477  1.00 20.28  ? 16  ARG   A CD  1 
ATOM   74   N  NE  . ARG   A 1 10  ? -3.632  12.361  -0.090  1.00 20.60  ? 16  ARG   A NE  1 
ATOM   75   C  CZ  . ARG   A 1 10  ? -2.796  12.146  0.903   1.00 19.84  ? 16  ARG   A CZ  1 
ATOM   76   N  NH1 . ARG   A 1 10  ? -1.487  12.038  0.698   1.00 21.23  ? 16  ARG   A NH1 1 
ATOM   77   N  NH2 . ARG   A 1 10  ? -3.276  12.015  2.123   1.00 20.34  ? 16  ARG   A NH2 1 
ATOM   78   N  N   . VAL   A 1 11  ? -3.157  7.955   -3.703  1.00 12.22  ? 17  VAL   A N   1 
ATOM   79   C  CA  . VAL   A 1 11  ? -3.521  6.627   -3.129  1.00 10.27  ? 17  VAL   A CA  1 
ATOM   80   C  C   . VAL   A 1 11  ? -2.876  6.488   -1.768  1.00 9.14   ? 17  VAL   A C   1 
ATOM   81   O  O   . VAL   A 1 11  ? -1.674  6.658   -1.666  1.00 8.85   ? 17  VAL   A O   1 
ATOM   82   C  CB  . VAL   A 1 11  ? -3.053  5.458   -3.990  1.00 9.87   ? 17  VAL   A CB  1 
ATOM   83   C  CG1 . VAL   A 1 11  ? -3.640  4.173   -3.424  1.00 9.12   ? 17  VAL   A CG1 1 
ATOM   84   C  CG2 . VAL   A 1 11  ? -3.422  5.671   -5.454  1.00 10.65  ? 17  VAL   A CG2 1 
ATOM   85   N  N   . VAL   A 1 12  ? -3.706  6.271   -0.756  1.00 7.54   ? 18  VAL   A N   1 
ATOM   86   C  CA  . VAL   A 1 12  ? -3.248  6.308   0.652   1.00 7.14   ? 18  VAL   A CA  1 
ATOM   87   C  C   . VAL   A 1 12  ? -3.795  5.110   1.421   1.00 6.92   ? 18  VAL   A C   1 
ATOM   88   O  O   . VAL   A 1 12  ? -4.793  4.503   0.984   1.00 6.98   ? 18  VAL   A O   1 
ATOM   89   C  CB  . VAL   A 1 12  ? -3.668  7.600   1.373   1.00 8.11   ? 18  VAL   A CB  1 
ATOM   90   C  CG1 . VAL   A 1 12  ? -2.814  8.754   0.894   1.00 8.83   ? 18  VAL   A CG1 1 
ATOM   91   C  CG2 . VAL   A 1 12  ? -5.157  7.934   1.289   1.00 8.69   ? 18  VAL   A CG2 1 
ATOM   92   N  N   . ASN   A 1 13  ? -3.169  4.819   2.548   1.00 7.03   ? 19  ASN   A N   1 
ATOM   93   C  CA  . ASN   A 1 13  ? -3.774  3.863   3.501   1.00 7.85   ? 19  ASN   A CA  1 
ATOM   94   C  C   . ASN   A 1 13  ? -5.140  4.436   3.942   1.00 8.04   ? 19  ASN   A C   1 
ATOM   95   O  O   . ASN   A 1 13  ? -5.175  5.627   4.337   1.00 8.28   ? 19  ASN   A O   1 
ATOM   96   C  CB  . ASN   A 1 13  ? -2.892  3.684   4.728   1.00 7.68   ? 19  ASN   A CB  1 
ATOM   97   C  CG  . ASN   A 1 13  ? -1.529  3.119   4.353   1.00 7.58   ? 19  ASN   A CG  1 
ATOM   98   O  OD1 . ASN   A 1 13  ? -0.566  3.851   4.125   1.00 8.15   ? 19  ASN   A OD1 1 
ATOM   99   N  ND2 . ASN   A 1 13  ? -1.484  1.830   4.253   1.00 8.11   ? 19  ASN   A ND2 1 
ATOM   100  N  N   . ARG   A 1 14  ? -6.238  3.643   3.882   1.00 10.25  ? 20  ARG   A N   1 
ATOM   101  C  CA  . ARG   A 1 14  ? -7.556  4.145   4.403   1.00 11.30  ? 20  ARG   A CA  1 
ATOM   102  C  C   . ARG   A 1 14  ? -7.422  4.772   5.827   1.00 12.82  ? 20  ARG   A C   1 
ATOM   103  O  O   . ARG   A 1 14  ? -8.007  5.844   6.049   1.00 12.33  ? 20  ARG   A O   1 
ATOM   104  C  CB  . ARG   A 1 14  ? -8.613  3.040   4.368   1.00 12.76  ? 20  ARG   A CB  1 
ATOM   105  C  CG  . ARG   A 1 14  ? -10.040 3.566   4.532   1.00 12.89  ? 20  ARG   A CG  1 
ATOM   106  C  CD  . ARG   A 1 14  ? -10.998 2.406   4.672   1.00 14.56  ? 20  ARG   A CD  1 
ATOM   107  N  NE  . ARG   A 1 14  ? -12.404 2.758   4.892   1.00 15.79  ? 20  ARG   A NE  1 
ATOM   108  C  CZ  . ARG   A 1 14  ? -12.948 3.064   6.078   1.00 15.80  ? 20  ARG   A CZ  1 
ATOM   109  N  NH1 . ARG   A 1 14  ? -12.224 3.173   7.176   1.00 17.66  ? 20  ARG   A NH1 1 
ATOM   110  N  NH2 . ARG   A 1 14  ? -14.250 3.304   6.163   1.00 15.54  ? 20  ARG   A NH2 1 
ATOM   111  N  N   . HIS   A 1 15  ? -6.580  4.279   6.758   1.00 14.21  ? 21  HIS   A N   1 
ATOM   112  C  CA  . HIS   A 1 15  ? -6.462  4.833   8.151   1.00 14.69  ? 21  HIS   A CA  1 
ATOM   113  C  C   . HIS   A 1 15  ? -5.680  6.161   8.285   1.00 15.82  ? 21  HIS   A C   1 
ATOM   114  O  O   . HIS   A 1 15  ? -5.739  6.786   9.367   1.00 16.97  ? 21  HIS   A O   1 
ATOM   115  C  CB  . HIS   A 1 15  ? -5.866  3.810   9.151   1.00 16.12  ? 21  HIS   A CB  1 
ATOM   116  C  CG  . HIS   A 1 15  ? -4.396  3.579   9.037   1.00 16.81  ? 21  HIS   A CG  1 
ATOM   117  N  ND1 . HIS   A 1 15  ? -3.892  2.553   8.292   1.00 19.17  ? 21  HIS   A ND1 1 
ATOM   118  C  CD2 . HIS   A 1 15  ? -3.336  4.241   9.552   1.00 17.71  ? 21  HIS   A CD2 1 
ATOM   119  C  CE1 . HIS   A 1 15  ? -2.574  2.566   8.377   1.00 17.14  ? 21  HIS   A CE1 1 
ATOM   120  N  NE2 . HIS   A 1 15  ? -2.201  3.626   9.109   1.00 18.25  ? 21  HIS   A NE2 1 
ATOM   121  N  N   . LEU   A 1 16  ? -4.902  6.599   7.296   1.00 13.71  ? 22  LEU   A N   1 
ATOM   122  C  CA  . LEU   A 1 16  ? -4.187  7.903   7.327   1.00 15.89  ? 22  LEU   A CA  1 
ATOM   123  C  C   . LEU   A 1 16  ? -4.911  8.922   6.461   1.00 14.28  ? 22  LEU   A C   1 
ATOM   124  O  O   . LEU   A 1 16  ? -4.392  10.062  6.294   1.00 17.62  ? 22  LEU   A O   1 
ATOM   125  C  CB  . LEU   A 1 16  ? -2.756  7.691   6.843   1.00 15.84  ? 22  LEU   A CB  1 
ATOM   126  C  CG  . LEU   A 1 16  ? -1.945  6.759   7.730   1.00 16.01  ? 22  LEU   A CG  1 
ATOM   127  C  CD1 . LEU   A 1 16  ? -0.556  6.510   7.151   1.00 15.75  ? 22  LEU   A CD1 1 
ATOM   128  C  CD2 . LEU   A 1 16  ? -1.852  7.303   9.153   1.00 15.94  ? 22  LEU   A CD2 1 
ATOM   129  N  N   . ALA   A 1 17  ? -6.024  8.516   5.850   1.00 14.20  ? 23  ALA   A N   1 
ATOM   130  C  CA  . ALA   A 1 17  ? -6.810  9.367   4.928   1.00 14.20  ? 23  ALA   A CA  1 
ATOM   131  C  C   . ALA   A 1 17  ? -7.253  10.600  5.730   1.00 14.74  ? 23  ALA   A C   1 
ATOM   132  O  O   . ALA   A 1 17  ? -7.690  10.413  6.901   1.00 15.84  ? 23  ALA   A O   1 
ATOM   133  C  CB  . ALA   A 1 17  ? -7.993  8.610   4.336   1.00 12.99  ? 23  ALA   A CB  1 
ATOM   134  N  N   . THR   A 1 18  ? -7.097  11.773  5.130   1.00 16.95  ? 24  THR   A N   1 
ATOM   135  C  CA  . THR   A 1 18  ? -7.386  13.105  5.718   1.00 18.44  ? 24  THR   A CA  1 
ATOM   136  C  C   . THR   A 1 18  ? -8.847  13.477  5.437   1.00 18.28  ? 24  THR   A C   1 
ATOM   137  O  O   . THR   A 1 18  ? -9.521  12.798  4.625   1.00 14.68  ? 24  THR   A O   1 
ATOM   138  C  CB  . THR   A 1 18  ? -6.440  14.149  5.112   1.00 19.67  ? 24  THR   A CB  1 
ATOM   139  O  OG1 . THR   A 1 18  ? -6.727  14.212  3.718   1.00 21.90  ? 24  THR   A OG1 1 
ATOM   140  C  CG2 . THR   A 1 18  ? -4.973  13.826  5.333   1.00 20.02  ? 24  THR   A CG2 1 
ATOM   141  N  N   . HIS   A 1 19  ? -9.349  14.535  6.079   1.00 20.15  ? 25  HIS   A N   1 
ATOM   142  C  CA  . HIS   A 1 19  ? -10.659 15.138  5.730   1.00 20.69  ? 25  HIS   A CA  1 
ATOM   143  C  C   . HIS   A 1 19  ? -10.687 15.487  4.234   1.00 18.90  ? 25  HIS   A C   1 
ATOM   144  O  O   . HIS   A 1 19  ? -11.675 15.142  3.574   1.00 15.26  ? 25  HIS   A O   1 
ATOM   145  C  CB  . HIS   A 1 19  ? -11.008 16.363  6.588   1.00 22.29  ? 25  HIS   A CB  1 
ATOM   146  C  CG  . HIS   A 1 19  ? -12.174 17.101  6.019   1.00 23.08  ? 25  HIS   A CG  1 
ATOM   147  N  ND1 . HIS   A 1 19  ? -13.458 16.610  6.121   1.00 23.13  ? 25  HIS   A ND1 1 
ATOM   148  C  CD2 . HIS   A 1 19  ? -12.248 18.190  5.219   1.00 23.31  ? 25  HIS   A CD2 1 
ATOM   149  C  CE1 . HIS   A 1 19  ? -14.286 17.396  5.465   1.00 21.49  ? 25  HIS   A CE1 1 
ATOM   150  N  NE2 . HIS   A 1 19  ? -13.574 18.385  4.915   1.00 22.36  ? 25  HIS   A NE2 1 
ATOM   151  N  N   . ASN   A 1 20  ? -9.631  16.120  3.691   1.00 18.76  ? 26  ASN   A N   1 
ATOM   152  C  CA  . ASN   A 1 20  ? -9.560  16.475  2.252   1.00 21.31  ? 26  ASN   A CA  1 
ATOM   153  C  C   . ASN   A 1 20  ? -9.719  15.194  1.421   1.00 16.30  ? 26  ASN   A C   1 
ATOM   154  O  O   . ASN   A 1 20  ? -10.458 15.196  0.434   1.00 15.58  ? 26  ASN   A O   1 
ATOM   155  C  CB  . ASN   A 1 20  ? -8.258  17.201  1.899   1.00 22.37  ? 26  ASN   A CB  1 
ATOM   156  C  CG  . ASN   A 1 20  ? -8.319  17.873  0.538   1.00 26.32  ? 26  ASN   A CG  1 
ATOM   157  O  OD1 . ASN   A 1 20  ? -8.604  19.067  0.449   1.00 27.23  ? 26  ASN   A OD1 1 
ATOM   158  N  ND2 . ASN   A 1 20  ? -8.060  17.131  -0.532  1.00 24.82  ? 26  ASN   A ND2 1 
ATOM   159  N  N   . ASP   A 1 21  ? -9.058  14.102  1.834   1.00 16.31  ? 27  ASP   A N   1 
ATOM   160  C  CA  . ASP   A 1 21  ? -9.135  12.829  1.084   1.00 15.18  ? 27  ASP   A CA  1 
ATOM   161  C  C   . ASP   A 1 21  ? -10.589 12.383  1.057   1.00 12.76  ? 27  ASP   A C   1 
ATOM   162  O  O   . ASP   A 1 21  ? -11.075 12.029  0.027   1.00 10.48  ? 27  ASP   A O   1 
ATOM   163  C  CB  . ASP   A 1 21  ? -8.312  11.710  1.721   1.00 14.03  ? 27  ASP   A CB  1 
ATOM   164  C  CG  . ASP   A 1 21  ? -6.801  11.820  1.543   1.00 13.41  ? 27  ASP   A CG  1 
ATOM   165  O  OD1 . ASP   A 1 21  ? -6.362  12.269  0.448   1.00 15.64  ? 27  ASP   A OD1 1 
ATOM   166  O  OD2 . ASP   A 1 21  ? -6.077  11.513  2.495   1.00 14.42  ? 27  ASP   A OD2 1 
ATOM   167  N  N   . TRP   A 1 22  ? -11.255 12.399  2.215   1.00 12.19  ? 28  TRP   A N   1 
ATOM   168  C  CA  . TRP   A 1 22  ? -12.682 12.003  2.291   1.00 11.62  ? 28  TRP   A CA  1 
ATOM   169  C  C   . TRP   A 1 22  ? -13.575 13.055  1.607   1.00 12.16  ? 28  TRP   A C   1 
ATOM   170  O  O   . TRP   A 1 22  ? -14.489 12.627  1.018   1.00 10.47  ? 28  TRP   A O   1 
ATOM   171  C  CB  . TRP   A 1 22  ? -13.116 11.750  3.737   1.00 11.70  ? 28  TRP   A CB  1 
ATOM   172  C  CG  . TRP   A 1 22  ? -12.724 10.432  4.339   1.00 10.98  ? 28  TRP   A CG  1 
ATOM   173  C  CD1 . TRP   A 1 22  ? -11.728 10.232  5.244   1.00 11.99  ? 28  TRP   A CD1 1 
ATOM   174  C  CD2 . TRP   A 1 22  ? -13.332 9.152   4.101   1.00 11.44  ? 28  TRP   A CD2 1 
ATOM   175  N  NE1 . TRP   A 1 22  ? -11.704 8.916   5.612   1.00 10.83  ? 28  TRP   A NE1 1 
ATOM   176  C  CE2 . TRP   A 1 22  ? -12.632 8.216   4.888   1.00 10.71  ? 28  TRP   A CE2 1 
ATOM   177  C  CE3 . TRP   A 1 22  ? -14.393 8.714   3.328   1.00 11.30  ? 28  TRP   A CE3 1 
ATOM   178  C  CZ2 . TRP   A 1 22  ? -13.031 6.886   5.001   1.00 11.42  ? 28  TRP   A CZ2 1 
ATOM   179  C  CZ3 . TRP   A 1 22  ? -14.722 7.378   3.358   1.00 13.12  ? 28  TRP   A CZ3 1 
ATOM   180  C  CH2 . TRP   A 1 22  ? -14.038 6.477   4.165   1.00 12.50  ? 28  TRP   A CH2 1 
ATOM   181  N  N   . ALA   A 1 23  ? -13.178 14.330  1.507   1.00 12.57  ? 29  ALA   A N   1 
ATOM   182  C  CA  . ALA   A 1 23  ? -14.000 15.424  0.928   1.00 15.24  ? 29  ALA   A CA  1 
ATOM   183  C  C   . ALA   A 1 23  ? -13.737 15.481  -0.573  1.00 16.12  ? 29  ALA   A C   1 
ATOM   184  O  O   . ALA   A 1 23  ? -14.458 16.187  -1.296  1.00 17.78  ? 29  ALA   A O   1 
ATOM   185  C  CB  . ALA   A 1 23  ? -13.672 16.724  1.616   1.00 15.95  ? 29  ALA   A CB  1 
ATOM   186  N  N   . ASN   A 1 24  ? -12.723 14.738  -1.033  1.00 18.05  ? 30  ASN   A N   1 
ATOM   187  C  CA  . ASN   A 1 24  ? -12.469 14.557  -2.489  1.00 19.15  ? 30  ASN   A CA  1 
ATOM   188  C  C   . ASN   A 1 24  ? -12.235 13.070  -2.775  1.00 18.06  ? 30  ASN   A C   1 
ATOM   189  O  O   . ASN   A 1 24  ? -11.202 12.767  -3.427  1.00 17.54  ? 30  ASN   A O   1 
ATOM   190  C  CB  . ASN   A 1 24  ? -11.293 15.414  -2.960  1.00 21.10  ? 30  ASN   A CB  1 
ATOM   191  C  CG  . ASN   A 1 24  ? -11.440 16.882  -2.611  1.00 21.43  ? 30  ASN   A CG  1 
ATOM   192  O  OD1 . ASN   A 1 24  ? -11.803 17.697  -3.462  1.00 24.05  ? 30  ASN   A OD1 1 
ATOM   193  N  ND2 . ASN   A 1 24  ? -11.117 17.234  -1.377  1.00 23.95  ? 30  ASN   A ND2 1 
ATOM   194  N  N   . LEU   A 1 25  ? -13.166 12.192  -2.372  1.00 18.32  ? 31  LEU   A N   1 
ATOM   195  C  CA  . LEU   A 1 25  ? -13.024 10.708  -2.421  1.00 19.62  ? 31  LEU   A CA  1 
ATOM   196  C  C   . LEU   A 1 25  ? -13.261 10.220  -3.852  1.00 21.47  ? 31  LEU   A C   1 
ATOM   197  O  O   . LEU   A 1 25  ? -13.882 10.993  -4.619  1.00 19.96  ? 31  LEU   A O   1 
ATOM   198  C  CB  . LEU   A 1 25  ? -14.023 10.063  -1.453  1.00 18.70  ? 31  LEU   A CB  1 
ATOM   199  C  CG  . LEU   A 1 25  ? -14.071 8.530   -1.469  1.00 19.12  ? 31  LEU   A CG  1 
ATOM   200  C  CD1 . LEU   A 1 25  ? -12.771 7.929   -0.956  1.00 18.71  ? 31  LEU   A CD1 1 
ATOM   201  C  CD2 . LEU   A 1 25  ? -15.231 7.985   -0.663  1.00 20.47  ? 31  LEU   A CD2 1 
ATOM   202  N  N   . VAL   A 1 26  ? -12.772 9.003   -4.168  1.00 24.50  ? 32  VAL   A N   1 
ATOM   203  C  CA  . VAL   A 1 26  ? -12.951 8.269   -5.460  1.00 26.74  ? 32  VAL   A CA  1 
ATOM   204  C  C   . VAL   A 1 26  ? -13.427 6.840   -5.159  1.00 28.87  ? 32  VAL   A C   1 
ATOM   205  O  O   . VAL   A 1 26  ? -14.438 6.442   -5.745  1.00 30.99  ? 32  VAL   A O   1 
ATOM   206  C  CB  . VAL   A 1 26  ? -11.664 8.276   -6.311  1.00 28.75  ? 32  VAL   A CB  1 
ATOM   207  C  CG1 . VAL   A 1 26  ? -11.854 7.625   -7.674  1.00 28.94  ? 32  VAL   A CG1 1 
ATOM   208  C  CG2 . VAL   A 1 26  ? -11.099 9.670   -6.483  1.00 27.48  ? 32  VAL   A CG2 1 
ATOM   209  N  N   . TRP   A 1 27  ? -12.720 6.089   -4.301  1.00 25.06  ? 33  TRP   A N   1 
ATOM   210  C  CA  . TRP   A 1 27  ? -13.062 4.704   -3.872  1.00 24.59  ? 33  TRP   A CA  1 
ATOM   211  C  C   . TRP   A 1 27  ? -12.303 4.392   -2.572  1.00 20.67  ? 33  TRP   A C   1 
ATOM   212  O  O   . TRP   A 1 27  ? -11.210 5.024   -2.419  1.00 16.44  ? 33  TRP   A O   1 
ATOM   213  C  CB  . TRP   A 1 27  ? -12.733 3.719   -5.011  1.00 25.71  ? 33  TRP   A CB  1 
ATOM   214  C  CG  . TRP   A 1 27  ? -12.548 2.293   -4.594  1.00 28.34  ? 33  TRP   A CG  1 
ATOM   215  C  CD1 . TRP   A 1 27  ? -13.504 1.326   -4.469  1.00 28.30  ? 33  TRP   A CD1 1 
ATOM   216  C  CD2 . TRP   A 1 27  ? -11.296 1.661   -4.269  1.00 27.93  ? 33  TRP   A CD2 1 
ATOM   217  N  NE1 . TRP   A 1 27  ? -12.941 0.145   -4.063  1.00 29.61  ? 33  TRP   A NE1 1 
ATOM   218  C  CE2 . TRP   A 1 27  ? -11.589 0.321   -3.928  1.00 28.42  ? 33  TRP   A CE2 1 
ATOM   219  C  CE3 . TRP   A 1 27  ? -9.970  2.107   -4.203  1.00 28.15  ? 33  TRP   A CE3 1 
ATOM   220  C  CZ2 . TRP   A 1 27  ? -10.591 -0.582  -3.558  1.00 30.30  ? 33  TRP   A CZ2 1 
ATOM   221  C  CZ3 . TRP   A 1 27  ? -8.988  1.214   -3.839  1.00 28.79  ? 33  TRP   A CZ3 1 
ATOM   222  C  CH2 . TRP   A 1 27  ? -9.299  -0.109  -3.515  1.00 28.24  ? 33  TRP   A CH2 1 
ATOM   223  N  N   . GLU   A 1 28  ? -12.829 3.479   -1.727  1.00 19.23  ? 34  GLU   A N   1 
ATOM   224  C  CA  . GLU   A 1 28  ? -12.254 3.090   -0.397  1.00 21.32  ? 34  GLU   A CA  1 
ATOM   225  C  C   . GLU   A 1 28  ? -12.662 1.675   0.095   1.00 20.55  ? 34  GLU   A C   1 
ATOM   226  O  O   . GLU   A 1 28  ? -13.836 1.296   -0.102  1.00 20.26  ? 34  GLU   A O   1 
ATOM   227  C  CB  . GLU   A 1 28  ? -12.657 4.139   0.640   1.00 21.91  ? 34  GLU   A CB  1 
ATOM   228  C  CG  . GLU   A 1 28  ? -14.166 4.223   0.899   1.00 21.87  ? 34  GLU   A CG  1 
ATOM   229  C  CD  . GLU   A 1 28  ? -14.774 3.182   1.831   1.00 23.46  ? 34  GLU   A CD  1 
ATOM   230  O  OE1 . GLU   A 1 28  ? -16.007 2.990   1.758   1.00 26.03  ? 34  GLU   A OE1 1 
ATOM   231  O  OE2 . GLU   A 1 28  ? -14.047 2.586   2.654   1.00 24.31  ? 34  GLU   A OE2 1 
ATOM   232  N  N   . ASP   A 1 29  ? -11.778 0.942   0.816   1.00 18.59  ? 35  ASP   A N   1 
ATOM   233  C  CA  . ASP   A 1 29  ? -12.034 -0.436  1.353   1.00 19.36  ? 35  ASP   A CA  1 
ATOM   234  C  C   . ASP   A 1 29  ? -11.272 -0.706  2.666   1.00 19.26  ? 35  ASP   A C   1 
ATOM   235  O  O   . ASP   A 1 29  ? -10.027 -0.746  2.677   1.00 18.55  ? 35  ASP   A O   1 
ATOM   236  C  CB  . ASP   A 1 29  ? -11.696 -1.475  0.287   1.00 19.51  ? 35  ASP   A CB  1 
ATOM   237  C  CG  . ASP   A 1 29  ? -11.966 -2.929  0.651   1.00 21.44  ? 35  ASP   A CG  1 
ATOM   238  O  OD1 . ASP   A 1 29  ? -11.870 -3.300  1.854   1.00 22.33  ? 35  ASP   A OD1 1 
ATOM   239  O  OD2 . ASP   A 1 29  ? -12.223 -3.682  -0.277  1.00 23.89  ? 35  ASP   A OD2 1 
ATOM   240  N  N   A SER   A 1 30  ? -12.013 -0.912  3.757   0.22 17.91  ? 36  SER   A N   1 
ATOM   241  N  N   B SER   A 1 30  ? -12.027 -0.918  3.744   0.22 18.51  ? 36  SER   A N   1 
ATOM   242  C  CA  A SER   A 1 30  ? -11.464 -1.112  5.125   0.22 17.97  ? 36  SER   A CA  1 
ATOM   243  C  CA  B SER   A 1 30  ? -11.528 -1.125  5.130   0.22 18.90  ? 36  SER   A CA  1 
ATOM   244  C  C   A SER   A 1 30  ? -10.690 -2.432  5.222   0.22 17.97  ? 36  SER   A C   1 
ATOM   245  C  C   B SER   A 1 30  ? -10.721 -2.426  5.237   0.22 18.50  ? 36  SER   A C   1 
ATOM   246  O  O   A SER   A 1 30  ? -9.622  -2.430  5.874   0.22 17.69  ? 36  SER   A O   1 
ATOM   247  O  O   B SER   A 1 30  ? -9.657  -2.403  5.896   0.22 18.17  ? 36  SER   A O   1 
ATOM   248  C  CB  A SER   A 1 30  ? -12.543 -1.054  6.173   0.22 17.62  ? 36  SER   A CB  1 
ATOM   249  C  CB  B SER   A 1 30  ? -12.677 -1.106  6.107   0.22 19.05  ? 36  SER   A CB  1 
ATOM   250  O  OG  A SER   A 1 30  ? -12.008 -1.390  7.448   0.22 17.87  ? 36  SER   A OG  1 
ATOM   251  O  OG  B SER   A 1 30  ? -13.759 -1.891  5.629   0.22 20.43  ? 36  SER   A OG  1 
ATOM   252  N  N   . SER   A 1 31  ? -11.214 -3.508  4.623   1.00 18.93  ? 37  SER   A N   1 
ATOM   253  C  CA  . SER   A 1 31  ? -10.545 -4.835  4.601   1.00 20.17  ? 37  SER   A CA  1 
ATOM   254  C  C   . SER   A 1 31  ? -9.154  -4.748  3.951   1.00 18.38  ? 37  SER   A C   1 
ATOM   255  O  O   . SER   A 1 31  ? -8.312  -5.563  4.319   1.00 19.03  ? 37  SER   A O   1 
ATOM   256  C  CB  . SER   A 1 31  ? -11.378 -5.880  3.912   1.00 22.18  ? 37  SER   A CB  1 
ATOM   257  O  OG  . SER   A 1 31  ? -11.582 -5.563  2.548   1.00 26.12  ? 37  SER   A OG  1 
ATOM   258  N  N   . ARG   A 1 32  ? -8.917  -3.799  3.026   1.00 17.94  ? 38  ARG   A N   1 
ATOM   259  C  CA  . ARG   A 1 32  ? -7.627  -3.610  2.308   1.00 18.11  ? 38  ARG   A CA  1 
ATOM   260  C  C   . ARG   A 1 32  ? -6.836  -2.423  2.873   1.00 17.58  ? 38  ARG   A C   1 
ATOM   261  O  O   . ARG   A 1 32  ? -5.635  -2.310  2.514   1.00 18.18  ? 38  ARG   A O   1 
ATOM   262  C  CB  . ARG   A 1 32  ? -7.884  -3.350  0.820   1.00 15.29  ? 38  ARG   A CB  1 
ATOM   263  C  CG  . ARG   A 1 32  ? -8.694  -4.423  0.107   1.00 17.20  ? 38  ARG   A CG  1 
ATOM   264  C  CD  . ARG   A 1 32  ? -8.818  -4.207  -1.386  1.00 16.59  ? 38  ARG   A CD  1 
ATOM   265  N  NE  . ARG   A 1 32  ? -7.523  -4.147  -2.031  1.00 17.84  ? 38  ARG   A NE  1 
ATOM   266  C  CZ  . ARG   A 1 32  ? -7.307  -4.332  -3.323  1.00 18.43  ? 38  ARG   A CZ  1 
ATOM   267  N  NH1 . ARG   A 1 32  ? -8.298  -4.658  -4.139  1.00 20.52  ? 38  ARG   A NH1 1 
ATOM   268  N  NH2 . ARG   A 1 32  ? -6.062  -4.283  -3.758  1.00 18.02  ? 38  ARG   A NH2 1 
ATOM   269  N  N   . ASP   A 1 33  ? -7.438  -1.552  3.690   1.00 17.50  ? 39  ASP   A N   1 
ATOM   270  C  CA  . ASP   A 1 33  ? -6.790  -0.291  4.125   1.00 15.40  ? 39  ASP   A CA  1 
ATOM   271  C  C   . ASP   A 1 33  ? -6.414  0.565   2.908   1.00 14.26  ? 39  ASP   A C   1 
ATOM   272  O  O   . ASP   A 1 33  ? -5.325  1.112   2.989   1.00 14.18  ? 39  ASP   A O   1 
ATOM   273  C  CB  . ASP   A 1 33  ? -5.476  -0.570  4.872   1.00 14.11  ? 39  ASP   A CB  1 
ATOM   274  C  CG  . ASP   A 1 33  ? -4.883  0.564   5.695   1.00 16.50  ? 39  ASP   A CG  1 
ATOM   275  O  OD1 . ASP   A 1 33  ? -5.625  1.395   6.167   1.00 13.82  ? 39  ASP   A OD1 1 
ATOM   276  O  OD2 . ASP   A 1 33  ? -3.652  0.592   5.890   1.00 14.74  ? 39  ASP   A OD2 1 
ATOM   277  N  N   . LEU   A 1 34  ? -7.207  0.634   1.821   1.00 12.24  ? 40  LEU   A N   1 
ATOM   278  C  CA  . LEU   A 1 34  ? -6.941  1.565   0.676   1.00 12.25  ? 40  LEU   A CA  1 
ATOM   279  C  C   . LEU   A 1 34  ? -8.027  2.651   0.579   1.00 11.05  ? 40  LEU   A C   1 
ATOM   280  O  O   . LEU   A 1 34  ? -9.244  2.331   0.793   1.00 14.94  ? 40  LEU   A O   1 
ATOM   281  C  CB  . LEU   A 1 34  ? -6.839  0.834   -0.666  1.00 12.16  ? 40  LEU   A CB  1 
ATOM   282  C  CG  . LEU   A 1 34  ? -5.520  0.080   -0.938  1.00 14.02  ? 40  LEU   A CG  1 
ATOM   283  C  CD1 . LEU   A 1 34  ? -5.519  -0.528  -2.325  1.00 14.87  ? 40  LEU   A CD1 1 
ATOM   284  C  CD2 . LEU   A 1 34  ? -4.276  0.948   -0.728  1.00 14.64  ? 40  LEU   A CD2 1 
ATOM   285  N  N   . LEU   A 1 35  ? -7.604  3.836   0.134   1.00 9.54   ? 41  LEU   A N   1 
ATOM   286  C  CA  . LEU   A 1 35  ? -8.487  4.980   -0.231  1.00 9.44   ? 41  LEU   A CA  1 
ATOM   287  C  C   . LEU   A 1 35  ? -7.788  5.813   -1.315  1.00 9.72   ? 41  LEU   A C   1 
ATOM   288  O  O   . LEU   A 1 35  ? -6.521  6.012   -1.234  1.00 10.46  ? 41  LEU   A O   1 
ATOM   289  C  CB  . LEU   A 1 35  ? -8.791  5.817   1.019   1.00 8.05   ? 41  LEU   A CB  1 
ATOM   290  C  CG  . LEU   A 1 35  ? -9.776  6.975   0.828   1.00 8.43   ? 41  LEU   A CG  1 
ATOM   291  C  CD1 . LEU   A 1 35  ? -10.659 7.175   2.034   1.00 8.19   ? 41  LEU   A CD1 1 
ATOM   292  C  CD2 . LEU   A 1 35  ? -9.061  8.250   0.484   1.00 8.56   ? 41  LEU   A CD2 1 
ATOM   293  N  N   . VAL   A 1 36  ? -8.533  6.226   -2.356  1.00 11.87  ? 42  VAL   A N   1 
ATOM   294  C  CA  . VAL   A 1 36  ? -8.004  7.163   -3.404  1.00 12.47  ? 42  VAL   A CA  1 
ATOM   295  C  C   . VAL   A 1 36  ? -8.840  8.454   -3.431  1.00 11.76  ? 42  VAL   A C   1 
ATOM   296  O  O   . VAL   A 1 36  ? -10.085 8.340   -3.384  1.00 16.19  ? 42  VAL   A O   1 
ATOM   297  C  CB  . VAL   A 1 36  ? -7.931  6.537   -4.810  1.00 12.18  ? 42  VAL   A CB  1 
ATOM   298  C  CG1 . VAL   A 1 36  ? -7.369  7.508   -5.847  1.00 12.52  ? 42  VAL   A CG1 1 
ATOM   299  C  CG2 . VAL   A 1 36  ? -7.106  5.247   -4.746  1.00 12.20  ? 42  VAL   A CG2 1 
ATOM   300  N  N   . SER   A 1 37  ? -8.139  9.584   -3.435  1.00 13.52  ? 43  SER   A N   1 
ATOM   301  C  CA  . SER   A 1 37  ? -8.676  10.979  -3.472  1.00 15.84  ? 43  SER   A CA  1 
ATOM   302  C  C   . SER   A 1 37  ? -8.115  11.745  -4.686  1.00 16.70  ? 43  SER   A C   1 
ATOM   303  O  O   . SER   A 1 37  ? -7.049  11.345  -5.267  1.00 14.60  ? 43  SER   A O   1 
ATOM   304  C  CB  . SER   A 1 37  ? -8.357  11.701  -2.195  1.00 15.30  ? 43  SER   A CB  1 
ATOM   305  O  OG  . SER   A 1 37  ? -6.967  11.931  -2.025  1.00 15.71  ? 43  SER   A OG  1 
ATOM   306  N  N   . SER   A 1 38  ? -8.819  12.814  -5.076  1.00 19.84  ? 44  SER   A N   1 
ATOM   307  C  CA  . SER   A 1 38  ? -8.543  13.621  -6.299  1.00 23.29  ? 44  SER   A CA  1 
ATOM   308  C  C   . SER   A 1 38  ? -7.490  14.699  -6.012  1.00 26.85  ? 44  SER   A C   1 
ATOM   309  O  O   . SER   A 1 38  ? -7.421  15.243  -4.873  1.00 25.38  ? 44  SER   A O   1 
ATOM   310  C  CB  . SER   A 1 38  ? -9.808  14.215  -6.868  1.00 25.23  ? 44  SER   A CB  1 
ATOM   311  O  OG  . SER   A 1 38  ? -10.422 15.070  -5.913  1.00 25.47  ? 44  SER   A OG  1 
ATOM   312  N  N   . THR   A 1 39  ? -6.703  15.027  -7.038  1.00 31.11  ? 45  THR   A N   1 
ATOM   313  C  CA  . THR   A 1 39  ? -5.659  16.075  -6.985  1.00 35.78  ? 45  THR   A CA  1 
ATOM   314  C  C   . THR   A 1 39  ? -5.873  17.014  -8.177  1.00 38.01  ? 45  THR   A C   1 
ATOM   315  O  O   . THR   A 1 39  ? -6.631  16.654  -9.103  1.00 38.25  ? 45  THR   A O   1 
ATOM   316  C  CB  . THR   A 1 39  ? -4.259  15.449  -6.865  1.00 36.73  ? 45  THR   A CB  1 
ATOM   317  O  OG1 . THR   A 1 39  ? -3.704  15.168  -8.150  1.00 36.58  ? 45  THR   A OG1 1 
ATOM   318  C  CG2 . THR   A 1 39  ? -4.261  14.174  -6.049  1.00 36.17  ? 45  THR   A CG2 1 
ATOM   319  N  N   . THR   A 1 40  ? -5.281  18.203  -8.096  1.00 44.57  ? 46  THR   A N   1 
ATOM   320  C  CA  . THR   A 1 40  ? -5.445  19.312  -9.072  1.00 47.98  ? 46  THR   A CA  1 
ATOM   321  C  C   . THR   A 1 40  ? -4.194  19.394  -9.956  1.00 51.18  ? 46  THR   A C   1 
ATOM   322  O  O   . THR   A 1 40  ? -4.327  19.818  -11.121 1.00 53.50  ? 46  THR   A O   1 
ATOM   323  C  CB  . THR   A 1 40  ? -5.768  20.616  -8.330  1.00 48.12  ? 46  THR   A CB  1 
ATOM   324  O  OG1 . THR   A 1 40  ? -4.782  20.838  -7.319  1.00 48.37  ? 46  THR   A OG1 1 
ATOM   325  C  CG2 . THR   A 1 40  ? -7.135  20.588  -7.685  1.00 48.98  ? 46  THR   A CG2 1 
ATOM   326  N  N   . ALA   A 1 41  ? -3.035  19.001  -9.413  1.00 52.80  ? 47  ALA   A N   1 
ATOM   327  C  CA  . ALA   A 1 41  ? -1.748  18.819  -10.126 1.00 53.02  ? 47  ALA   A CA  1 
ATOM   328  C  C   . ALA   A 1 41  ? -1.431  17.322  -10.224 1.00 54.22  ? 47  ALA   A C   1 
ATOM   329  O  O   . ALA   A 1 41  ? -1.606  16.620  -9.202  1.00 50.70  ? 47  ALA   A O   1 
ATOM   330  C  CB  . ALA   A 1 41  ? -0.653  19.557  -9.400  1.00 52.80  ? 47  ALA   A CB  1 
ATOM   331  N  N   . GLN   A 1 42  ? -0.954  16.866  -11.391 1.00 55.92  ? 48  GLN   A N   1 
ATOM   332  C  CA  . GLN   A 1 42  ? -0.709  15.426  -11.691 1.00 54.64  ? 48  GLN   A CA  1 
ATOM   333  C  C   . GLN   A 1 42  ? 0.505   14.920  -10.900 1.00 54.12  ? 48  GLN   A C   1 
ATOM   334  O  O   . GLN   A 1 42  ? 1.236   15.753  -10.324 1.00 52.76  ? 48  GLN   A O   1 
ATOM   335  C  CB  . GLN   A 1 42  ? -0.525  15.184  -13.190 1.00 57.58  ? 48  GLN   A CB  1 
ATOM   336  C  CG  . GLN   A 1 42  ? -1.840  14.985  -13.931 1.00 57.63  ? 48  GLN   A CG  1 
ATOM   337  C  CD  . GLN   A 1 42  ? -1.638  14.521  -15.352 1.00 60.85  ? 48  GLN   A CD  1 
ATOM   338  O  OE1 . GLN   A 1 42  ? -0.964  15.178  -16.145 1.00 65.94  ? 48  GLN   A OE1 1 
ATOM   339  N  NE2 . GLN   A 1 42  ? -2.226  13.385  -15.692 1.00 60.50  ? 48  GLN   A NE2 1 
ATOM   340  N  N   . GLY   A 1 43  ? 0.693   13.594  -10.877 1.00 53.10  ? 49  GLY   A N   1 
ATOM   341  C  CA  . GLY   A 1 43  ? 1.733   12.894  -10.094 1.00 51.41  ? 49  GLY   A CA  1 
ATOM   342  C  C   . GLY   A 1 43  ? 2.847   12.352  -10.973 1.00 49.05  ? 49  GLY   A C   1 
ATOM   343  O  O   . GLY   A 1 43  ? 2.857   12.665  -12.173 1.00 46.37  ? 49  GLY   A O   1 
ATOM   344  N  N   . CYS   A 1 44  ? 3.735   11.530  -10.405 1.00 48.75  ? 50  CYS   A N   1 
ATOM   345  C  CA  . CYS   A 1 44  ? 4.973   11.041  -11.072 1.00 47.33  ? 50  CYS   A CA  1 
ATOM   346  C  C   . CYS   A 1 44  ? 5.030   9.497   -11.144 1.00 43.49  ? 50  CYS   A C   1 
ATOM   347  O  O   . CYS   A 1 44  ? 6.152   9.007   -11.367 1.00 45.92  ? 50  CYS   A O   1 
ATOM   348  C  CB  . CYS   A 1 44  ? 6.199   11.606  -10.353 1.00 50.04  ? 50  CYS   A CB  1 
ATOM   349  S  SG  . CYS   A 1 44  ? 6.538   13.350  -10.720 1.00 55.72  ? 50  CYS   A SG  1 
ATOM   350  N  N   . ASP   A 1 45  ? 3.898   8.757   -11.072 1.00 37.52  ? 51  ASP   A N   1 
ATOM   351  C  CA  . ASP   A 1 45  ? 3.876   7.304   -10.709 1.00 29.62  ? 51  ASP   A CA  1 
ATOM   352  C  C   . ASP   A 1 45  ? 3.052   6.409   -11.655 1.00 25.43  ? 51  ASP   A C   1 
ATOM   353  O  O   . ASP   A 1 45  ? 1.849   6.683   -11.909 1.00 27.18  ? 51  ASP   A O   1 
ATOM   354  C  CB  . ASP   A 1 45  ? 3.334   7.087   -9.292  1.00 29.81  ? 51  ASP   A CB  1 
ATOM   355  C  CG  . ASP   A 1 45  ? 4.196   7.700   -8.208  1.00 28.19  ? 51  ASP   A CG  1 
ATOM   356  O  OD1 . ASP   A 1 45  ? 5.398   7.840   -8.435  1.00 33.22  ? 51  ASP   A OD1 1 
ATOM   357  O  OD2 . ASP   A 1 45  ? 3.645   8.056   -7.144  1.00 34.17  ? 51  ASP   A OD2 1 
ATOM   358  N  N   . THR   A 1 46  ? 3.670   5.308   -12.088 1.00 19.48  ? 52  THR   A N   1 
ATOM   359  C  CA  . THR   A 1 46  ? 3.043   4.173   -12.827 1.00 19.74  ? 52  THR   A CA  1 
ATOM   360  C  C   . THR   A 1 46  ? 2.800   2.982   -11.896 1.00 17.72  ? 52  THR   A C   1 
ATOM   361  O  O   . THR   A 1 46  ? 3.729   2.606   -11.146 1.00 19.43  ? 52  THR   A O   1 
ATOM   362  C  CB  . THR   A 1 46  ? 3.944   3.711   -13.978 1.00 19.64  ? 52  THR   A CB  1 
ATOM   363  O  OG1 . THR   A 1 46  ? 4.301   4.854   -14.756 1.00 19.91  ? 52  THR   A OG1 1 
ATOM   364  C  CG2 . THR   A 1 46  ? 3.288   2.688   -14.882 1.00 20.83  ? 52  THR   A CG2 1 
ATOM   365  N  N   . ILE   A 1 47  ? 1.646   2.343   -12.004 1.00 17.06  ? 53  ILE   A N   1 
ATOM   366  C  CA  . ILE   A 1 47  ? 1.249   1.145   -11.224 1.00 16.02  ? 53  ILE   A CA  1 
ATOM   367  C  C   . ILE   A 1 47  ? 1.694   -0.119  -11.969 1.00 14.84  ? 53  ILE   A C   1 
ATOM   368  O  O   . ILE   A 1 47  ? 1.494   -0.224  -13.199 1.00 14.49  ? 53  ILE   A O   1 
ATOM   369  C  CB  . ILE   A 1 47  ? -0.262  1.115   -10.975 1.00 15.71  ? 53  ILE   A CB  1 
ATOM   370  C  CG1 . ILE   A 1 47  ? -0.789  2.436   -10.388 1.00 16.76  ? 53  ILE   A CG1 1 
ATOM   371  C  CG2 . ILE   A 1 47  ? -0.620  -0.073  -10.113 1.00 15.75  ? 53  ILE   A CG2 1 
ATOM   372  C  CD1 . ILE   A 1 47  ? 0.139   3.111   -9.345  1.00 16.59  ? 53  ILE   A CD1 1 
ATOM   373  N  N   . ALA   A 1 48  ? 2.263   -1.072  -11.236 1.00 13.93  ? 54  ALA   A N   1 
ATOM   374  C  CA  . ALA   A 1 48  ? 2.732   -2.357  -11.807 1.00 15.75  ? 54  ALA   A CA  1 
ATOM   375  C  C   . ALA   A 1 48  ? 1.528   -3.184  -12.269 1.00 14.92  ? 54  ALA   A C   1 
ATOM   376  O  O   . ALA   A 1 48  ? 0.560   -3.319  -11.457 1.00 15.74  ? 54  ALA   A O   1 
ATOM   377  C  CB  . ALA   A 1 48  ? 3.533   -3.093  -10.771 1.00 15.47  ? 54  ALA   A CB  1 
ATOM   378  N  N   . ARG   A 1 49  ? 1.563   -3.732  -13.494 1.00 15.60  ? 55  ARG   A N   1 
ATOM   379  C  CA  . ARG   A 1 49  ? 0.580   -4.747  -13.932 1.00 15.93  ? 55  ARG   A CA  1 
ATOM   380  C  C   . ARG   A 1 49  ? 1.364   -6.026  -14.205 1.00 15.93  ? 55  ARG   A C   1 
ATOM   381  O  O   . ARG   A 1 49  ? 1.908   -6.158  -15.321 1.00 18.46  ? 55  ARG   A O   1 
ATOM   382  C  CB  . ARG   A 1 49  ? -0.243  -4.212  -15.103 1.00 16.97  ? 55  ARG   A CB  1 
ATOM   383  C  CG  . ARG   A 1 49  ? -0.872  -2.847  -14.841 1.00 17.38  ? 55  ARG   A CG  1 
ATOM   384  C  CD  . ARG   A 1 49  ? -1.904  -2.795  -13.734 1.00 18.44  ? 55  ARG   A CD  1 
ATOM   385  N  NE  . ARG   A 1 49  ? -2.424  -1.442  -13.517 1.00 18.93  ? 55  ARG   A NE  1 
ATOM   386  C  CZ  . ARG   A 1 49  ? -3.136  -1.055  -12.448 1.00 17.24  ? 55  ARG   A CZ  1 
ATOM   387  N  NH1 . ARG   A 1 49  ? -3.490  -1.941  -11.529 1.00 16.80  ? 55  ARG   A NH1 1 
ATOM   388  N  NH2 . ARG   A 1 49  ? -3.579  0.190   -12.327 1.00 19.56  ? 55  ARG   A NH2 1 
ATOM   389  N  N   . CYS   A 1 50  ? 1.391   -6.902  -13.205 1.00 15.35  ? 56  CYS   A N   1 
ATOM   390  C  CA  . CYS   A 1 50  ? 2.349   -8.032  -13.117 1.00 14.19  ? 56  CYS   A CA  1 
ATOM   391  C  C   . CYS   A 1 50  ? 2.081   -8.966  -11.921 1.00 14.66  ? 56  CYS   A C   1 
ATOM   392  O  O   . CYS   A 1 50  ? 1.188   -8.685  -11.048 1.00 12.98  ? 56  CYS   A O   1 
ATOM   393  C  CB  . CYS   A 1 50  ? 3.768   -7.484  -13.010 1.00 14.27  ? 56  CYS   A CB  1 
ATOM   394  S  SG  . CYS   A 1 50  ? 4.105   -6.885  -11.335 1.00 14.07  ? 56  CYS   A SG  1 
ATOM   395  N  N   A ASP   A 1 51  ? 2.803   -10.091 -11.861 0.25 14.80  ? 57  ASP   A N   1 
ATOM   396  N  N   B ASP   A 1 51  ? 2.914   -10.006 -11.893 0.25 15.39  ? 57  ASP   A N   1 
ATOM   397  C  CA  A ASP   A 1 51  ? 2.731   -11.073 -10.742 0.25 15.75  ? 57  ASP   A CA  1 
ATOM   398  C  CA  B ASP   A 1 51  ? 2.874   -11.201 -11.019 0.25 16.72  ? 57  ASP   A CA  1 
ATOM   399  C  C   A ASP   A 1 51  ? 4.113   -11.214 -10.091 0.25 16.14  ? 57  ASP   A C   1 
ATOM   400  C  C   B ASP   A 1 51  ? 4.100   -11.210 -10.094 0.25 16.64  ? 57  ASP   A C   1 
ATOM   401  O  O   A ASP   A 1 51  ? 4.383   -12.277 -9.507  0.25 17.15  ? 57  ASP   A O   1 
ATOM   402  O  O   B ASP   A 1 51  ? 4.244   -12.176 -9.322  0.25 17.36  ? 57  ASP   A O   1 
ATOM   403  C  CB  A ASP   A 1 51  ? 2.212   -12.438 -11.211 0.25 15.92  ? 57  ASP   A CB  1 
ATOM   404  C  CB  B ASP   A 1 51  ? 2.870   -12.431 -11.928 0.25 17.41  ? 57  ASP   A CB  1 
ATOM   405  C  CG  A ASP   A 1 51  ? 3.109   -13.130 -12.225 0.25 16.60  ? 57  ASP   A CG  1 
ATOM   406  C  CG  B ASP   A 1 51  ? 2.201   -13.661 -11.352 0.25 17.82  ? 57  ASP   A CG  1 
ATOM   407  O  OD1 A ASP   A 1 51  ? 4.222   -12.625 -12.469 0.25 16.58  ? 57  ASP   A OD1 1 
ATOM   408  O  OD1 B ASP   A 1 51  ? 1.541   -13.534 -10.305 0.25 19.04  ? 57  ASP   A OD1 1 
ATOM   409  O  OD2 A ASP   A 1 51  ? 2.683   -14.170 -12.765 0.25 16.94  ? 57  ASP   A OD2 1 
ATOM   410  O  OD2 B ASP   A 1 51  ? 2.345   -14.739 -11.963 0.25 17.93  ? 57  ASP   A OD2 1 
ATOM   411  N  N   . CYS   A 1 52  ? 4.945   -10.173 -10.161 1.00 17.24  ? 58  CYS   A N   1 
ATOM   412  C  CA  . CYS   A 1 52  ? 6.269   -10.152 -9.479  1.00 16.54  ? 58  CYS   A CA  1 
ATOM   413  C  C   . CYS   A 1 52  ? 6.132   -10.407 -7.989  1.00 15.70  ? 58  CYS   A C   1 
ATOM   414  O  O   . CYS   A 1 52  ? 5.169   -9.877  -7.388  1.00 15.66  ? 58  CYS   A O   1 
ATOM   415  C  CB  . CYS   A 1 52  ? 6.931   -8.803  -9.515  1.00 15.89  ? 58  CYS   A CB  1 
ATOM   416  S  SG  . CYS   A 1 52  ? 7.626   -8.472  -11.138 1.00 15.45  ? 58  CYS   A SG  1 
ATOM   417  N  N   . GLN   A 1 53  ? 7.126   -11.109 -7.448  1.00 14.37  ? 59  GLN   A N   1 
ATOM   418  C  CA  . GLN   A 1 53  ? 7.291   -11.392 -6.009  1.00 15.20  ? 59  GLN   A CA  1 
ATOM   419  C  C   . GLN   A 1 53  ? 8.685   -10.905 -5.604  1.00 11.35  ? 59  GLN   A C   1 
ATOM   420  O  O   . GLN   A 1 53  ? 9.072   -11.267 -4.504  1.00 14.37  ? 59  GLN   A O   1 
ATOM   421  C  CB  . GLN   A 1 53  ? 7.074   -12.875 -5.697  1.00 14.40  ? 59  GLN   A CB  1 
ATOM   422  C  CG  . GLN   A 1 53  ? 5.621   -13.285 -5.720  1.00 15.62  ? 59  GLN   A CG  1 
ATOM   423  C  CD  . GLN   A 1 53  ? 5.378   -14.707 -5.295  1.00 15.32  ? 59  GLN   A CD  1 
ATOM   424  O  OE1 . GLN   A 1 53  ? 4.986   -15.542 -6.108  1.00 21.21  ? 59  GLN   A OE1 1 
ATOM   425  N  NE2 . GLN   A 1 53  ? 5.525   -14.970 -4.001  1.00 17.89  ? 59  GLN   A NE2 1 
ATOM   426  N  N   . THR   A 1 54  ? 9.318   -10.037 -6.422  1.00 11.62  ? 60  THR   A N   1 
ATOM   427  C  CA  . THR   A 1 54  ? 10.566  -9.322  -6.020  1.00 12.30  ? 60  THR   A CA  1 
ATOM   428  C  C   . THR   A 1 54  ? 10.452  -7.811  -6.269  1.00 11.01  ? 60  THR   A C   1 
ATOM   429  O  O   . THR   A 1 54  ? 9.991   -7.401  -7.327  1.00 11.59  ? 60  THR   A O   1 
ATOM   430  C  CB  . THR   A 1 54  ? 11.824  -9.880  -6.704  1.00 14.12  ? 60  THR   A CB  1 
ATOM   431  O  OG1 . THR   A 1 54  ? 11.721  -9.653  -8.103  1.00 20.87  ? 60  THR   A OG1 1 
ATOM   432  C  CG2 . THR   A 1 54  ? 12.038  -11.354 -6.425  1.00 14.26  ? 60  THR   A CG2 1 
ATOM   433  N  N   . GLY   A 1 55  ? 10.972  -6.995  -5.354  1.00 9.36   ? 61  GLY   A N   1 
ATOM   434  C  CA  . GLY   A 1 55  ? 10.973  -5.539  -5.523  1.00 7.93   ? 61  GLY   A CA  1 
ATOM   435  C  C   . GLY   A 1 55  ? 11.725  -4.888  -4.388  1.00 6.71   ? 61  GLY   A C   1 
ATOM   436  O  O   . GLY   A 1 55  ? 12.574  -5.549  -3.773  1.00 7.39   ? 61  GLY   A O   1 
ATOM   437  N  N   . VAL   A 1 56  ? 11.512  -3.587  -4.261  1.00 6.13   ? 62  VAL   A N   1 
ATOM   438  C  CA  . VAL   A 1 56  ? 12.241  -2.795  -3.235  1.00 5.86   ? 62  VAL   A CA  1 
ATOM   439  C  C   . VAL   A 1 56  ? 11.219  -1.941  -2.497  1.00 6.05   ? 62  VAL   A C   1 
ATOM   440  O  O   . VAL   A 1 56  ? 10.363  -1.369  -3.160  1.00 6.45   ? 62  VAL   A O   1 
ATOM   441  C  CB  . VAL   A 1 56  ? 13.309  -1.918  -3.912  1.00 6.07   ? 62  VAL   A CB  1 
ATOM   442  C  CG1 . VAL   A 1 56  ? 13.995  -0.996  -2.915  1.00 6.41   ? 62  VAL   A CG1 1 
ATOM   443  C  CG2 . VAL   A 1 56  ? 14.317  -2.793  -4.627  1.00 6.62   ? 62  VAL   A CG2 1 
ATOM   444  N  N   . TYR   A 1 57  ? 11.238  -1.896  -1.177  1.00 6.00   ? 63  TYR   A N   1 
ATOM   445  C  CA  . TYR   A 1 57  ? 10.289  -1.012  -0.434  1.00 6.60   ? 63  TYR   A CA  1 
ATOM   446  C  C   . TYR   A 1 57  ? 11.068  0.016   0.405   1.00 7.58   ? 63  TYR   A C   1 
ATOM   447  O  O   . TYR   A 1 57  ? 12.187  -0.199  0.889   1.00 8.73   ? 63  TYR   A O   1 
ATOM   448  C  CB  . TYR   A 1 57  ? 9.304   -1.813  0.440   1.00 7.25   ? 63  TYR   A CB  1 
ATOM   449  C  CG  . TYR   A 1 57  ? 9.784   -2.259  1.807   1.00 7.99   ? 63  TYR   A CG  1 
ATOM   450  C  CD1 . TYR   A 1 57  ? 10.602  -3.360  1.943   1.00 9.15   ? 63  TYR   A CD1 1 
ATOM   451  C  CD2 . TYR   A 1 57  ? 9.359   -1.621  2.972   1.00 9.45   ? 63  TYR   A CD2 1 
ATOM   452  C  CE1 . TYR   A 1 57  ? 11.005  -3.815  3.181   1.00 9.81   ? 63  TYR   A CE1 1 
ATOM   453  C  CE2 . TYR   A 1 57  ? 9.776   -2.049  4.225   1.00 10.99  ? 63  TYR   A CE2 1 
ATOM   454  C  CZ  . TYR   A 1 57  ? 10.607  -3.146  4.313   1.00 10.94  ? 63  TYR   A CZ  1 
ATOM   455  O  OH  . TYR   A 1 57  ? 11.035  -3.652  5.491   1.00 13.27  ? 63  TYR   A OH  1 
ATOM   456  N  N   . TYR   A 1 58  ? 10.409  1.135   0.659   1.00 8.13   ? 64  TYR   A N   1 
ATOM   457  C  CA  . TYR   A 1 58  ? 10.935  2.165   1.596   1.00 9.86   ? 64  TYR   A CA  1 
ATOM   458  C  C   . TYR   A 1 58  ? 10.384  1.917   2.994   1.00 11.37  ? 64  TYR   A C   1 
ATOM   459  O  O   . TYR   A 1 58  ? 9.169   1.865   3.168   1.00 11.64  ? 64  TYR   A O   1 
ATOM   460  C  CB  . TYR   A 1 58  ? 10.557  3.559   1.098   1.00 12.14  ? 64  TYR   A CB  1 
ATOM   461  C  CG  . TYR   A 1 58  ? 11.131  4.616   2.012   1.00 15.70  ? 64  TYR   A CG  1 
ATOM   462  C  CD1 . TYR   A 1 58  ? 12.506  4.756   2.101   1.00 17.11  ? 64  TYR   A CD1 1 
ATOM   463  C  CD2 . TYR   A 1 58  ? 10.329  5.356   2.877   1.00 17.90  ? 64  TYR   A CD2 1 
ATOM   464  C  CE1 . TYR   A 1 58  ? 13.078  5.659   2.981   1.00 19.97  ? 64  TYR   A CE1 1 
ATOM   465  C  CE2 . TYR   A 1 58  ? 10.893  6.269   3.759   1.00 20.16  ? 64  TYR   A CE2 1 
ATOM   466  C  CZ  . TYR   A 1 58  ? 12.268  6.434   3.791   1.00 22.36  ? 64  TYR   A CZ  1 
ATOM   467  O  OH  . TYR   A 1 58  ? 12.868  7.302   4.660   1.00 23.78  ? 64  TYR   A OH  1 
ATOM   468  N  N   . CYS   A 1 59  ? 11.280  1.850   3.997   1.00 11.24  ? 65  CYS   A N   1 
ATOM   469  C  CA  . CYS   A 1 59  ? 10.973  1.556   5.434   1.00 12.78  ? 65  CYS   A CA  1 
ATOM   470  C  C   . CYS   A 1 59  ? 11.362  2.727   6.338   1.00 13.33  ? 65  CYS   A C   1 
ATOM   471  O  O   . CYS   A 1 59  ? 12.557  2.850   6.658   1.00 13.64  ? 65  CYS   A O   1 
ATOM   472  C  CB  . CYS   A 1 59  ? 11.718  0.331   5.939   1.00 12.14  ? 65  CYS   A CB  1 
ATOM   473  S  SG  . CYS   A 1 59  ? 11.649  0.119   7.746   1.00 15.98  ? 65  CYS   A SG  1 
ATOM   474  N  N   . SER   A 1 60  ? 10.386  3.562   6.699   1.00 14.23  ? 66  SER   A N   1 
ATOM   475  C  CA  . SER   A 1 60  ? 10.599  4.870   7.372   1.00 14.15  ? 66  SER   A CA  1 
ATOM   476  C  C   . SER   A 1 60  ? 11.209  4.634   8.756   1.00 12.81  ? 66  SER   A C   1 
ATOM   477  O  O   . SER   A 1 60  ? 12.034  5.456   9.191   1.00 17.65  ? 66  SER   A O   1 
ATOM   478  C  CB  . SER   A 1 60  ? 9.344   5.738   7.447   1.00 15.06  ? 66  SER   A CB  1 
ATOM   479  O  OG  . SER   A 1 60  ? 8.406   5.243   8.372   1.00 15.78  ? 66  SER   A OG  1 
ATOM   480  N  N   . SER   A 1 61  ? 10.879  3.532   9.426   1.00 13.83  ? 67  SER   A N   1 
ATOM   481  C  CA  . SER   A 1 61  ? 11.425  3.255   10.788  1.00 13.73  ? 67  SER   A CA  1 
ATOM   482  C  C   . SER   A 1 61  ? 12.889  2.790   10.688  1.00 14.49  ? 67  SER   A C   1 
ATOM   483  O  O   . SER   A 1 61  ? 13.479  2.511   11.725  1.00 14.35  ? 67  SER   A O   1 
ATOM   484  C  CB  . SER   A 1 61  ? 10.587  2.248   11.573  1.00 14.86  ? 67  SER   A CB  1 
ATOM   485  O  OG  . SER   A 1 61  ? 10.571  0.984   10.942  1.00 15.30  ? 67  SER   A OG  1 
ATOM   486  N  N   . ARG   A 1 62  ? 13.483  2.740   9.489   1.00 14.57  ? 68  ARG   A N   1 
ATOM   487  C  CA  . ARG   A 1 62  ? 14.937  2.472   9.315   1.00 14.28  ? 68  ARG   A CA  1 
ATOM   488  C  C   . ARG   A 1 62  ? 15.615  3.482   8.378   1.00 13.02  ? 68  ARG   A C   1 
ATOM   489  O  O   . ARG   A 1 62  ? 16.833  3.301   8.190   1.00 16.63  ? 68  ARG   A O   1 
ATOM   490  C  CB  . ARG   A 1 62  ? 15.178  1.079   8.729   1.00 13.99  ? 68  ARG   A CB  1 
ATOM   491  C  CG  . ARG   A 1 62  ? 14.754  -0.051  9.651   1.00 15.39  ? 68  ARG   A CG  1 
ATOM   492  C  CD  . ARG   A 1 62  ? 15.743  -0.178  10.810  1.00 15.01  ? 68  ARG   A CD  1 
ATOM   493  N  NE  . ARG   A 1 62  ? 15.426  -1.334  11.631  1.00 15.34  ? 68  ARG   A NE  1 
ATOM   494  C  CZ  . ARG   A 1 62  ? 14.724  -1.313  12.778  1.00 14.68  ? 68  ARG   A CZ  1 
ATOM   495  N  NH1 . ARG   A 1 62  ? 14.182  -0.187  13.230  1.00 14.63  ? 68  ARG   A NH1 1 
ATOM   496  N  NH2 . ARG   A 1 62  ? 14.506  -2.442  13.433  1.00 18.01  ? 68  ARG   A NH2 1 
ATOM   497  N  N   . ARG   A 1 63  ? 14.874  4.369   7.691   1.00 16.64  ? 69  ARG   A N   1 
ATOM   498  C  CA  . ARG   A 1 63  ? 15.352  5.317   6.643   1.00 17.33  ? 69  ARG   A CA  1 
ATOM   499  C  C   . ARG   A 1 63  ? 16.065  4.595   5.479   1.00 21.02  ? 69  ARG   A C   1 
ATOM   500  O  O   . ARG   A 1 63  ? 17.014  5.177   4.907   1.00 20.21  ? 69  ARG   A O   1 
ATOM   501  C  CB  . ARG   A 1 63  ? 16.252  6.384   7.270   1.00 20.05  ? 69  ARG   A CB  1 
ATOM   502  C  CG  . ARG   A 1 63  ? 15.479  7.560   7.845   1.00 21.83  ? 69  ARG   A CG  1 
ATOM   503  C  CD  . ARG   A 1 63  ? 16.431  8.608   8.381   1.00 22.70  ? 69  ARG   A CD  1 
ATOM   504  N  NE  . ARG   A 1 63  ? 15.729  9.506   9.290   1.00 24.01  ? 69  ARG   A NE  1 
ATOM   505  C  CZ  . ARG   A 1 63  ? 16.019  9.714   10.579  1.00 24.47  ? 69  ARG   A CZ  1 
ATOM   506  N  NH1 . ARG   A 1 63  ? 17.061  9.137   11.156  1.00 23.34  ? 69  ARG   A NH1 1 
ATOM   507  N  NH2 . ARG   A 1 63  ? 15.284  10.564  11.274  1.00 23.81  ? 69  ARG   A NH2 1 
ATOM   508  N  N   . LYS   A 1 64  ? 15.594  3.422   5.055   1.00 20.53  ? 70  LYS   A N   1 
ATOM   509  C  CA  . LYS   A 1 64  ? 16.289  2.589   4.033   1.00 20.17  ? 70  LYS   A CA  1 
ATOM   510  C  C   . LYS   A 1 64  ? 15.293  2.035   3.002   1.00 17.56  ? 70  LYS   A C   1 
ATOM   511  O  O   . LYS   A 1 64  ? 14.131  1.715   3.385   1.00 18.31  ? 70  LYS   A O   1 
ATOM   512  C  CB  . LYS   A 1 64  ? 17.000  1.435   4.741   1.00 20.78  ? 70  LYS   A CB  1 
ATOM   513  C  CG  . LYS   A 1 64  ? 18.445  1.725   5.129   1.00 23.90  ? 70  LYS   A CG  1 
ATOM   514  C  CD  . LYS   A 1 64  ? 19.213  0.492   5.556   1.00 25.35  ? 70  LYS   A CD  1 
ATOM   515  C  CE  . LYS   A 1 64  ? 20.655  0.776   5.921   1.00 27.68  ? 70  LYS   A CE  1 
ATOM   516  N  NZ  . LYS   A 1 64  ? 20.761  1.700   7.072   1.00 28.79  ? 70  LYS   A NZ  1 
ATOM   517  N  N   . HIS   A 1 65  ? 15.747  1.875   1.764   1.00 17.07  ? 71  HIS   A N   1 
ATOM   518  C  CA  . HIS   A 1 65  ? 15.048  1.022   0.769   1.00 14.61  ? 71  HIS   A CA  1 
ATOM   519  C  C   . HIS   A 1 65  ? 15.632  -0.386  0.914   1.00 12.57  ? 71  HIS   A C   1 
ATOM   520  O  O   . HIS   A 1 65  ? 16.895  -0.548  0.981   1.00 15.22  ? 71  HIS   A O   1 
ATOM   521  C  CB  . HIS   A 1 65  ? 15.176  1.572   -0.636  1.00 14.45  ? 71  HIS   A CB  1 
ATOM   522  C  CG  . HIS   A 1 65  ? 14.544  2.913   -0.782  1.00 14.41  ? 71  HIS   A CG  1 
ATOM   523  N  ND1 . HIS   A 1 65  ? 13.370  3.140   -1.503  1.00 14.86  ? 71  HIS   A ND1 1 
ATOM   524  C  CD2 . HIS   A 1 65  ? 14.909  4.106   -0.271  1.00 15.70  ? 71  HIS   A CD2 1 
ATOM   525  C  CE1 . HIS   A 1 65  ? 13.083  4.419   -1.445  1.00 14.77  ? 71  HIS   A CE1 1 
ATOM   526  N  NE2 . HIS   A 1 65  ? 13.957  5.007   -0.644  1.00 16.57  ? 71  HIS   A NE2 1 
ATOM   527  N  N   . TYR   A 1 66  ? 14.792  -1.390  1.089   1.00 11.36  ? 72  TYR   A N   1 
ATOM   528  C  CA  . TYR   A 1 66  ? 15.249  -2.792  1.213   1.00 9.77   ? 72  TYR   A CA  1 
ATOM   529  C  C   . TYR   A 1 66  ? 14.740  -3.602  0.036   1.00 9.09   ? 72  TYR   A C   1 
ATOM   530  O  O   . TYR   A 1 66  ? 13.524  -3.573  -0.257  1.00 7.88   ? 72  TYR   A O   1 
ATOM   531  C  CB  . TYR   A 1 66  ? 14.680  -3.475  2.451   1.00 10.37  ? 72  TYR   A CB  1 
ATOM   532  C  CG  . TYR   A 1 66  ? 15.182  -2.959  3.788   1.00 11.40  ? 72  TYR   A CG  1 
ATOM   533  C  CD1 . TYR   A 1 66  ? 16.455  -3.306  4.236   1.00 11.71  ? 72  TYR   A CD1 1 
ATOM   534  C  CD2 . TYR   A 1 66  ? 14.436  -2.106  4.600   1.00 12.00  ? 72  TYR   A CD2 1 
ATOM   535  C  CE1 . TYR   A 1 66  ? 16.956  -2.857  5.453   1.00 12.15  ? 72  TYR   A CE1 1 
ATOM   536  C  CE2 . TYR   A 1 66  ? 14.923  -1.655  5.821   1.00 12.30  ? 72  TYR   A CE2 1 
ATOM   537  C  CZ  . TYR   A 1 66  ? 16.172  -2.044  6.252   1.00 12.60  ? 72  TYR   A CZ  1 
ATOM   538  O  OH  . TYR   A 1 66  ? 16.607  -1.534  7.450   1.00 14.84  ? 72  TYR   A OH  1 
ATOM   539  N  N   . PRO   A 1 67  ? 15.622  -4.418  -0.594  1.00 8.86   ? 73  PRO   A N   1 
ATOM   540  C  CA  . PRO   A 1 67  ? 15.144  -5.392  -1.575  1.00 9.25   ? 73  PRO   A CA  1 
ATOM   541  C  C   . PRO   A 1 67  ? 14.462  -6.574  -0.876  1.00 9.52   ? 73  PRO   A C   1 
ATOM   542  O  O   . PRO   A 1 67  ? 15.012  -7.134  0.077   1.00 11.56  ? 73  PRO   A O   1 
ATOM   543  C  CB  . PRO   A 1 67  ? 16.419  -5.875  -2.265  1.00 9.31   ? 73  PRO   A CB  1 
ATOM   544  C  CG  . PRO   A 1 67  ? 17.510  -5.626  -1.249  1.00 9.65   ? 73  PRO   A CG  1 
ATOM   545  C  CD  . PRO   A 1 67  ? 17.083  -4.470  -0.370  1.00 9.63   ? 73  PRO   A CD  1 
ATOM   546  N  N   . VAL   A 1 68  ? 13.332  -7.015  -1.393  1.00 8.94   ? 74  VAL   A N   1 
ATOM   547  C  CA  . VAL   A 1 68  ? 12.511  -8.094  -0.776  1.00 9.61   ? 74  VAL   A CA  1 
ATOM   548  C  C   . VAL   A 1 68  ? 11.873  -8.970  -1.853  1.00 10.36  ? 74  VAL   A C   1 
ATOM   549  O  O   . VAL   A 1 68  ? 11.541  -8.510  -2.952  1.00 9.06   ? 74  VAL   A O   1 
ATOM   550  C  CB  . VAL   A 1 68  ? 11.403  -7.509  0.119   1.00 11.38  ? 74  VAL   A CB  1 
ATOM   551  C  CG1 . VAL   A 1 68  ? 11.968  -6.889  1.375   1.00 11.89  ? 74  VAL   A CG1 1 
ATOM   552  C  CG2 . VAL   A 1 68  ? 10.548  -6.482  -0.634  1.00 11.45  ? 74  VAL   A CG2 1 
ATOM   553  N  N   . SER   A 1 69  ? 11.706  -10.239 -1.465  1.00 9.60   ? 75  SER   A N   1 
ATOM   554  C  CA  . SER   A 1 69  ? 10.720  -11.214 -1.975  1.00 10.56  ? 75  SER   A CA  1 
ATOM   555  C  C   . SER   A 1 69  ? 9.426   -11.033 -1.192  1.00 10.60  ? 75  SER   A C   1 
ATOM   556  O  O   . SER   A 1 69  ? 9.478   -10.926 0.037   1.00 13.06  ? 75  SER   A O   1 
ATOM   557  C  CB  . SER   A 1 69  ? 11.200  -12.620 -1.861  1.00 12.10  ? 75  SER   A CB  1 
ATOM   558  O  OG  . SER   A 1 69  ? 12.454  -12.736 -2.470  1.00 14.19  ? 75  SER   A OG  1 
ATOM   559  N  N   . PHE   A 1 70  ? 8.300   -11.069 -1.894  1.00 12.81  ? 76  PHE   A N   1 
ATOM   560  C  CA  . PHE   A 1 70  ? 7.000   -10.821 -1.221  1.00 13.54  ? 76  PHE   A CA  1 
ATOM   561  C  C   . PHE   A 1 70  ? 6.001   -11.824 -1.751  1.00 15.79  ? 76  PHE   A C   1 
ATOM   562  O  O   . PHE   A 1 70  ? 6.101   -12.223 -2.888  1.00 14.20  ? 76  PHE   A O   1 
ATOM   563  C  CB  . PHE   A 1 70  ? 6.559   -9.353  -1.311  1.00 12.51  ? 76  PHE   A CB  1 
ATOM   564  C  CG  . PHE   A 1 70  ? 6.503   -8.790  -2.709  1.00 10.98  ? 76  PHE   A CG  1 
ATOM   565  C  CD1 . PHE   A 1 70  ? 7.577   -8.140  -3.304  1.00 11.05  ? 76  PHE   A CD1 1 
ATOM   566  C  CD2 . PHE   A 1 70  ? 5.313   -8.909  -3.416  1.00 12.79  ? 76  PHE   A CD2 1 
ATOM   567  C  CE1 . PHE   A 1 70  ? 7.457   -7.643  -4.585  1.00 10.56  ? 76  PHE   A CE1 1 
ATOM   568  C  CE2 . PHE   A 1 70  ? 5.223   -8.451  -4.708  1.00 10.82  ? 76  PHE   A CE2 1 
ATOM   569  C  CZ  . PHE   A 1 70  ? 6.271   -7.771  -5.289  1.00 10.38  ? 76  PHE   A CZ  1 
ATOM   570  N  N   . SER   A 1 71  ? 5.071   -12.185 -0.879  1.00 15.42  ? 77  SER   A N   1 
ATOM   571  C  CA  . SER   A 1 71  ? 4.050   -13.247 -1.106  1.00 17.70  ? 77  SER   A CA  1 
ATOM   572  C  C   . SER   A 1 71  ? 2.963   -12.716 -2.047  1.00 19.13  ? 77  SER   A C   1 
ATOM   573  O  O   . SER   A 1 71  ? 2.930   -11.503 -2.228  1.00 15.57  ? 77  SER   A O   1 
ATOM   574  C  CB  . SER   A 1 71  ? 3.454   -13.672 0.184   1.00 19.27  ? 77  SER   A CB  1 
ATOM   575  O  OG  . SER   A 1 71  ? 2.321   -12.869 0.491   1.00 21.45  ? 77  SER   A OG  1 
ATOM   576  N  N   . LYS   A 1 72  ? 2.067   -13.552 -2.585  1.00 21.53  ? 78  LYS   A N   1 
ATOM   577  C  CA  . LYS   A 1 72  ? 0.998   -13.028 -3.489  1.00 23.94  ? 78  LYS   A CA  1 
ATOM   578  C  C   . LYS   A 1 72  ? -0.145  -12.492 -2.622  1.00 19.95  ? 78  LYS   A C   1 
ATOM   579  O  O   . LYS   A 1 72  ? -0.287  -12.882 -1.451  1.00 20.45  ? 78  LYS   A O   1 
ATOM   580  C  CB  . LYS   A 1 72  ? 0.590   -14.032 -4.582  1.00 26.79  ? 78  LYS   A CB  1 
ATOM   581  C  CG  . LYS   A 1 72  ? 1.345   -13.873 -5.902  1.00 29.32  ? 78  LYS   A CG  1 
ATOM   582  C  CD  . LYS   A 1 72  ? 0.987   -14.868 -6.991  1.00 32.50  ? 78  LYS   A CD  1 
ATOM   583  C  CE  . LYS   A 1 72  ? 2.162   -15.208 -7.884  1.00 34.12  ? 78  LYS   A CE  1 
ATOM   584  N  NZ  . LYS   A 1 72  ? 1.749   -15.915 -9.117  1.00 36.18  ? 78  LYS   A NZ  1 
ATOM   585  N  N   . PRO   A 1 73  ? -0.902  -11.485 -3.131  1.00 19.10  ? 79  PRO   A N   1 
ATOM   586  C  CA  . PRO   A 1 73  ? -1.930  -10.771 -2.368  1.00 19.79  ? 79  PRO   A CA  1 
ATOM   587  C  C   . PRO   A 1 73  ? -2.995  -11.767 -1.923  1.00 19.51  ? 79  PRO   A C   1 
ATOM   588  O  O   . PRO   A 1 73  ? -3.507  -12.467 -2.732  1.00 20.76  ? 79  PRO   A O   1 
ATOM   589  C  CB  . PRO   A 1 73  ? -2.574  -9.795  -3.360  1.00 20.00  ? 79  PRO   A CB  1 
ATOM   590  C  CG  . PRO   A 1 73  ? -1.633  -9.727  -4.528  1.00 18.52  ? 79  PRO   A CG  1 
ATOM   591  C  CD  . PRO   A 1 73  ? -0.844  -11.020 -4.530  1.00 17.43  ? 79  PRO   A CD  1 
ATOM   592  N  N   A SER   A 1 74  ? -3.271  -11.820 -0.617  0.22 19.46  ? 80  SER   A N   1 
ATOM   593  N  N   B SER   A 1 74  ? -3.287  -11.813 -0.620  0.22 19.66  ? 80  SER   A N   1 
ATOM   594  C  CA  A SER   A 1 74  ? -4.156  -12.842 0.007   0.22 19.91  ? 80  SER   A CA  1 
ATOM   595  C  CA  B SER   A 1 74  ? -4.182  -12.832 -0.010  0.22 20.20  ? 80  SER   A CA  1 
ATOM   596  C  C   A SER   A 1 74  ? -4.829  -12.285 1.267   0.22 19.67  ? 80  SER   A C   1 
ATOM   597  C  C   B SER   A 1 74  ? -4.692  -12.374 1.362   0.22 19.81  ? 80  SER   A C   1 
ATOM   598  O  O   A SER   A 1 74  ? -4.650  -11.085 1.568   0.22 19.29  ? 80  SER   A O   1 
ATOM   599  O  O   B SER   A 1 74  ? -4.250  -11.309 1.843   0.22 19.59  ? 80  SER   A O   1 
ATOM   600  C  CB  A SER   A 1 74  ? -3.374  -14.094 0.311   0.22 20.32  ? 80  SER   A CB  1 
ATOM   601  C  CB  B SER   A 1 74  ? -3.464  -14.150 0.084   0.22 20.74  ? 80  SER   A CB  1 
ATOM   602  O  OG  A SER   A 1 74  ? -2.287  -14.235 -0.586  0.22 20.37  ? 80  SER   A OG  1 
ATOM   603  O  OG  B SER   A 1 74  ? -3.000  -14.552 -1.194  0.22 21.01  ? 80  SER   A OG  1 
ATOM   604  N  N   . LEU   A 1 75  ? -5.576  -13.140 1.973   0.44 18.20  ? 81  LEU   A N   1 
ATOM   605  C  CA  . LEU   A 1 75  ? -6.236  -12.812 3.261   0.44 17.97  ? 81  LEU   A CA  1 
ATOM   606  C  C   . LEU   A 1 75  ? -5.347  -13.291 4.415   0.44 17.58  ? 81  LEU   A C   1 
ATOM   607  O  O   . LEU   A 1 75  ? -5.195  -14.521 4.573   0.44 17.49  ? 81  LEU   A O   1 
ATOM   608  C  CB  . LEU   A 1 75  ? -7.610  -13.485 3.300   0.44 18.35  ? 81  LEU   A CB  1 
ATOM   609  C  CG  . LEU   A 1 75  ? -8.443  -13.178 4.544   0.44 18.35  ? 81  LEU   A CG  1 
ATOM   610  C  CD1 . LEU   A 1 75  ? -9.633  -12.297 4.193   0.44 18.85  ? 81  LEU   A CD1 1 
ATOM   611  C  CD2 . LEU   A 1 75  ? -8.894  -14.464 5.214   0.44 19.03  ? 81  LEU   A CD2 1 
ATOM   612  N  N   . ILE   A 1 76  ? -4.823  -12.350 5.205   0.44 16.96  ? 82  ILE   A N   1 
ATOM   613  C  CA  . ILE   A 1 76  ? -3.771  -12.584 6.239   0.44 17.32  ? 82  ILE   A CA  1 
ATOM   614  C  C   . ILE   A 1 76  ? -4.262  -12.029 7.579   0.44 17.54  ? 82  ILE   A C   1 
ATOM   615  O  O   . ILE   A 1 76  ? -4.760  -10.882 7.606   0.44 16.77  ? 82  ILE   A O   1 
ATOM   616  C  CB  . ILE   A 1 76  ? -2.441  -11.917 5.834   0.44 17.13  ? 82  ILE   A CB  1 
ATOM   617  C  CG1 . ILE   A 1 76  ? -1.981  -12.314 4.428   0.44 17.58  ? 82  ILE   A CG1 1 
ATOM   618  C  CG2 . ILE   A 1 76  ? -1.368  -12.178 6.883   0.44 16.95  ? 82  ILE   A CG2 1 
ATOM   619  C  CD1 . ILE   A 1 76  ? -1.723  -13.788 4.245   0.44 17.64  ? 82  ILE   A CD1 1 
ATOM   620  N  N   . PHE   A 1 77  ? -4.098  -12.795 8.659   0.44 17.92  ? 83  PHE   A N   1 
ATOM   621  C  CA  . PHE   A 1 77  ? -4.359  -12.317 10.040  0.44 17.96  ? 83  PHE   A CA  1 
ATOM   622  C  C   . PHE   A 1 77  ? -3.171  -11.449 10.479  0.44 17.66  ? 83  PHE   A C   1 
ATOM   623  O  O   . PHE   A 1 77  ? -2.007  -11.906 10.393  0.44 16.81  ? 83  PHE   A O   1 
ATOM   624  C  CB  . PHE   A 1 77  ? -4.635  -13.480 10.997  0.44 18.59  ? 83  PHE   A CB  1 
ATOM   625  C  CG  . PHE   A 1 77  ? -5.392  -13.051 12.225  0.44 18.92  ? 83  PHE   A CG  1 
ATOM   626  C  CD1 . PHE   A 1 77  ? -6.777  -13.007 12.221  0.44 19.46  ? 83  PHE   A CD1 1 
ATOM   627  C  CD2 . PHE   A 1 77  ? -4.723  -12.628 13.362  0.44 19.31  ? 83  PHE   A CD2 1 
ATOM   628  C  CE1 . PHE   A 1 77  ? -7.480  -12.582 13.337  0.44 19.39  ? 83  PHE   A CE1 1 
ATOM   629  C  CE2 . PHE   A 1 77  ? -5.426  -12.200 14.478  0.44 19.23  ? 83  PHE   A CE2 1 
ATOM   630  C  CZ  . PHE   A 1 77  ? -6.802  -12.179 14.464  0.44 19.32  ? 83  PHE   A CZ  1 
ATOM   631  N  N   . VAL   A 1 78  ? -3.458  -10.209 10.891  0.44 17.50  ? 84  VAL   A N   1 
ATOM   632  C  CA  . VAL   A 1 78  ? -2.443  -9.227  11.376  0.44 17.56  ? 84  VAL   A CA  1 
ATOM   633  C  C   . VAL   A 1 78  ? -2.815  -8.829  12.813  0.44 17.72  ? 84  VAL   A C   1 
ATOM   634  O  O   . VAL   A 1 78  ? -4.019  -8.640  13.098  0.44 18.12  ? 84  VAL   A O   1 
ATOM   635  C  CB  . VAL   A 1 78  ? -2.297  -8.028  10.411  0.44 17.62  ? 84  VAL   A CB  1 
ATOM   636  C  CG1 . VAL   A 1 78  ? -3.622  -7.569  9.825   0.44 17.21  ? 84  VAL   A CG1 1 
ATOM   637  C  CG2 . VAL   A 1 78  ? -1.558  -6.857  11.041  0.44 17.89  ? 84  VAL   A CG2 1 
ATOM   638  N  N   . GLU   A 1 79  ? -1.814  -8.773  13.699  0.44 17.34  ? 85  GLU   A N   1 
ATOM   639  C  CA  . GLU   A 1 79  ? -1.994  -8.519  15.154  0.44 17.66  ? 85  GLU   A CA  1 
ATOM   640  C  C   . GLU   A 1 79  ? -2.330  -7.037  15.376  0.44 17.31  ? 85  GLU   A C   1 
ATOM   641  O  O   . GLU   A 1 79  ? -2.147  -6.229  14.439  0.44 16.28  ? 85  GLU   A O   1 
ATOM   642  C  CB  . GLU   A 1 79  ? -0.743  -8.918  15.942  0.44 17.88  ? 85  GLU   A CB  1 
ATOM   643  C  CG  . GLU   A 1 79  ? -0.358  -10.381 15.796  0.44 18.38  ? 85  GLU   A CG  1 
ATOM   644  C  CD  . GLU   A 1 79  ? -1.167  -11.333 16.659  0.44 18.06  ? 85  GLU   A CD  1 
ATOM   645  O  OE1 . GLU   A 1 79  ? -1.057  -11.241 17.896  0.44 18.39  ? 85  GLU   A OE1 1 
ATOM   646  O  OE2 . GLU   A 1 79  ? -1.904  -12.158 16.091  0.44 19.06  ? 85  GLU   A OE2 1 
ATOM   647  N  N   . ALA   A 1 80  ? -2.779  -6.702  16.590  0.44 17.79  ? 86  ALA   A N   1 
ATOM   648  C  CA  . ALA   A 1 80  ? -3.288  -5.367  16.992  0.44 18.56  ? 86  ALA   A CA  1 
ATOM   649  C  C   . ALA   A 1 80  ? -2.222  -4.283  16.790  0.44 19.20  ? 86  ALA   A C   1 
ATOM   650  O  O   . ALA   A 1 80  ? -1.017  -4.617  16.730  0.44 17.89  ? 86  ALA   A O   1 
ATOM   651  C  CB  . ALA   A 1 80  ? -3.738  -5.407  18.433  0.44 18.80  ? 86  ALA   A CB  1 
ATOM   652  N  N   . SER   A 1 81  ? -2.678  -3.028  16.702  0.44 20.29  ? 87  SER   A N   1 
ATOM   653  C  CA  . SER   A 1 81  ? -1.866  -1.784  16.610  0.44 21.21  ? 87  SER   A CA  1 
ATOM   654  C  C   . SER   A 1 81  ? -2.741  -0.580  16.988  0.44 22.00  ? 87  SER   A C   1 
ATOM   655  O  O   . SER   A 1 81  ? -3.901  -0.802  17.382  0.44 22.38  ? 87  SER   A O   1 
ATOM   656  C  CB  . SER   A 1 81  ? -1.262  -1.633  15.234  0.44 21.07  ? 87  SER   A CB  1 
ATOM   657  O  OG  . SER   A 1 81  ? -2.255  -1.328  14.265  0.44 21.16  ? 87  SER   A OG  1 
ATOM   658  N  N   . GLU   A 1 82  ? -2.215  0.645   16.864  0.44 23.55  ? 88  GLU   A N   1 
ATOM   659  C  CA  . GLU   A 1 82  ? -2.907  1.904   17.260  0.44 24.40  ? 88  GLU   A CA  1 
ATOM   660  C  C   . GLU   A 1 82  ? -4.134  2.139   16.368  0.44 24.57  ? 88  GLU   A C   1 
ATOM   661  O  O   . GLU   A 1 82  ? -5.050  2.850   16.820  0.44 24.67  ? 88  GLU   A O   1 
ATOM   662  C  CB  . GLU   A 1 82  ? -1.962  3.106   17.156  0.44 25.19  ? 88  GLU   A CB  1 
ATOM   663  C  CG  . GLU   A 1 82  ? -2.447  4.333   17.917  0.44 25.85  ? 88  GLU   A CG  1 
ATOM   664  C  CD  . GLU   A 1 82  ? -1.905  5.666   17.425  0.44 26.48  ? 88  GLU   A CD  1 
ATOM   665  O  OE1 . GLU   A 1 82  ? -1.362  6.425   18.255  0.44 27.70  ? 88  GLU   A OE1 1 
ATOM   666  O  OE2 . GLU   A 1 82  ? -2.046  5.954   16.222  0.44 26.44  ? 88  GLU   A OE2 1 
ATOM   667  N  N   . TYR   A 1 83  ? -4.150  1.567   15.157  0.44 24.67  ? 89  TYR   A N   1 
ATOM   668  C  CA  . TYR   A 1 83  ? -5.058  1.956   14.044  0.44 24.08  ? 89  TYR   A CA  1 
ATOM   669  C  C   . TYR   A 1 83  ? -6.154  0.909   13.802  0.44 23.78  ? 89  TYR   A C   1 
ATOM   670  O  O   . TYR   A 1 83  ? -7.261  1.308   13.394  0.44 23.71  ? 89  TYR   A O   1 
ATOM   671  C  CB  . TYR   A 1 83  ? -4.224  2.251   12.796  0.44 24.05  ? 89  TYR   A CB  1 
ATOM   672  C  CG  . TYR   A 1 83  ? -3.574  3.609   12.843  0.44 23.66  ? 89  TYR   A CG  1 
ATOM   673  C  CD1 . TYR   A 1 83  ? -4.267  4.736   12.434  0.44 23.45  ? 89  TYR   A CD1 1 
ATOM   674  C  CD2 . TYR   A 1 83  ? -2.295  3.784   13.343  0.44 23.29  ? 89  TYR   A CD2 1 
ATOM   675  C  CE1 . TYR   A 1 83  ? -3.697  5.997   12.484  0.44 23.82  ? 89  TYR   A CE1 1 
ATOM   676  C  CE2 . TYR   A 1 83  ? -1.708  5.038   13.401  0.44 23.19  ? 89  TYR   A CE2 1 
ATOM   677  C  CZ  . TYR   A 1 83  ? -2.413  6.149   12.970  0.44 23.48  ? 89  TYR   A CZ  1 
ATOM   678  O  OH  . TYR   A 1 83  ? -1.854  7.391   13.021  0.44 24.74  ? 89  TYR   A OH  1 
ATOM   679  N  N   . TYR   A 1 84  ? -5.870  -0.377  14.025  0.44 23.22  ? 90  TYR   A N   1 
ATOM   680  C  CA  . TYR   A 1 84  ? -6.836  -1.492  13.836  0.44 22.52  ? 90  TYR   A CA  1 
ATOM   681  C  C   . TYR   A 1 84  ? -6.717  -2.474  15.001  0.44 22.50  ? 90  TYR   A C   1 
ATOM   682  O  O   . TYR   A 1 84  ? -5.732  -2.454  15.737  0.44 22.01  ? 90  TYR   A O   1 
ATOM   683  C  CB  . TYR   A 1 84  ? -6.599  -2.175  12.484  0.44 21.90  ? 90  TYR   A CB  1 
ATOM   684  C  CG  . TYR   A 1 84  ? -6.816  -1.286  11.284  0.44 21.34  ? 90  TYR   A CG  1 
ATOM   685  C  CD1 . TYR   A 1 84  ? -8.072  -0.781  10.987  0.44 20.96  ? 90  TYR   A CD1 1 
ATOM   686  C  CD2 . TYR   A 1 84  ? -5.770  -0.942  10.442  0.44 21.09  ? 90  TYR   A CD2 1 
ATOM   687  C  CE1 . TYR   A 1 84  ? -8.286  0.039   9.889   0.44 20.86  ? 90  TYR   A CE1 1 
ATOM   688  C  CE2 . TYR   A 1 84  ? -5.964  -0.123  9.340   0.44 21.17  ? 90  TYR   A CE2 1 
ATOM   689  C  CZ  . TYR   A 1 84  ? -7.226  0.372   9.062   0.44 20.67  ? 90  TYR   A CZ  1 
ATOM   690  O  OH  . TYR   A 1 84  ? -7.436  1.172   7.977   0.44 20.28  ? 90  TYR   A OH  1 
ATOM   691  N  N   . PRO   A 1 85  ? -7.742  -3.326  15.236  0.44 22.23  ? 91  PRO   A N   1 
ATOM   692  C  CA  . PRO   A 1 85  ? -7.603  -4.482  16.122  0.44 22.01  ? 91  PRO   A CA  1 
ATOM   693  C  C   . PRO   A 1 85  ? -6.969  -5.669  15.379  0.44 22.05  ? 91  PRO   A C   1 
ATOM   694  O  O   . PRO   A 1 85  ? -6.668  -5.528  14.209  0.44 21.53  ? 91  PRO   A O   1 
ATOM   695  C  CB  . PRO   A 1 85  ? -9.061  -4.769  16.509  0.44 22.21  ? 91  PRO   A CB  1 
ATOM   696  C  CG  . PRO   A 1 85  ? -9.831  -4.410  15.256  0.44 22.28  ? 91  PRO   A CG  1 
ATOM   697  C  CD  . PRO   A 1 85  ? -9.103  -3.209  14.684  0.44 22.14  ? 91  PRO   A CD  1 
ATOM   698  N  N   . ALA   A 1 86  ? -6.803  -6.805  16.064  0.44 21.33  ? 92  ALA   A N   1 
ATOM   699  C  CA  . ALA   A 1 86  ? -6.286  -8.072  15.493  0.44 21.10  ? 92  ALA   A CA  1 
ATOM   700  C  C   . ALA   A 1 86  ? -7.345  -8.674  14.565  0.44 20.55  ? 92  ALA   A C   1 
ATOM   701  O  O   . ALA   A 1 86  ? -8.288  -9.320  15.077  0.44 20.80  ? 92  ALA   A O   1 
ATOM   702  C  CB  . ALA   A 1 86  ? -5.918  -9.033  16.596  0.44 21.28  ? 92  ALA   A CB  1 
ATOM   703  N  N   . ARG   A 1 87  ? -7.186  -8.472  13.251  0.44 19.66  ? 93  ARG   A N   1 
ATOM   704  C  CA  . ARG   A 1 87  ? -8.193  -8.840  12.222  0.44 18.89  ? 93  ARG   A CA  1 
ATOM   705  C  C   . ARG   A 1 87  ? -7.504  -9.449  10.996  0.44 18.09  ? 93  ARG   A C   1 
ATOM   706  O  O   . ARG   A 1 87  ? -6.249  -9.444  10.940  0.44 16.65  ? 93  ARG   A O   1 
ATOM   707  C  CB  . ARG   A 1 87  ? -8.983  -7.597  11.796  0.44 18.80  ? 93  ARG   A CB  1 
ATOM   708  C  CG  . ARG   A 1 87  ? -8.140  -6.574  11.044  0.44 18.88  ? 93  ARG   A CG  1 
ATOM   709  C  CD  . ARG   A 1 87  ? -8.910  -5.340  10.611  0.44 19.04  ? 93  ARG   A CD  1 
ATOM   710  N  NE  . ARG   A 1 87  ? -8.065  -4.435  9.837   0.44 19.14  ? 93  ARG   A NE  1 
ATOM   711  C  CZ  . ARG   A 1 87  ? -8.497  -3.411  9.101   0.44 19.17  ? 93  ARG   A CZ  1 
ATOM   712  N  NH1 . ARG   A 1 87  ? -9.787  -3.129  9.009   0.44 20.08  ? 93  ARG   A NH1 1 
ATOM   713  N  NH2 . ARG   A 1 87  ? -7.625  -2.669  8.445   0.44 19.06  ? 93  ARG   A NH2 1 
ATOM   714  N  N   . TYR   A 1 88  ? -8.311  -9.931  10.045  0.44 18.44  ? 94  TYR   A N   1 
ATOM   715  C  CA  . TYR   A 1 88  ? -7.887  -10.298 8.669   0.44 18.55  ? 94  TYR   A CA  1 
ATOM   716  C  C   . TYR   A 1 88  ? -7.925  -9.053  7.780   0.44 18.16  ? 94  TYR   A C   1 
ATOM   717  O  O   . TYR   A 1 88  ? -8.996  -8.417  7.688   0.44 18.12  ? 94  TYR   A O   1 
ATOM   718  C  CB  . TYR   A 1 88  ? -8.795  -11.379 8.083   0.44 19.14  ? 94  TYR   A CB  1 
ATOM   719  C  CG  . TYR   A 1 88  ? -8.664  -12.711 8.771   0.44 19.56  ? 94  TYR   A CG  1 
ATOM   720  C  CD1 . TYR   A 1 88  ? -7.660  -13.598 8.415   0.44 19.97  ? 94  TYR   A CD1 1 
ATOM   721  C  CD2 . TYR   A 1 88  ? -9.529  -13.076 9.789   0.44 20.16  ? 94  TYR   A CD2 1 
ATOM   722  C  CE1 . TYR   A 1 88  ? -7.523  -14.821 9.049   0.44 20.03  ? 94  TYR   A CE1 1 
ATOM   723  C  CE2 . TYR   A 1 88  ? -9.408  -14.296 10.431  0.44 20.35  ? 94  TYR   A CE2 1 
ATOM   724  C  CZ  . TYR   A 1 88  ? -8.403  -15.170 10.059  0.44 20.69  ? 94  TYR   A CZ  1 
ATOM   725  O  OH  . TYR   A 1 88  ? -8.303  -16.367 10.699  0.44 21.50  ? 94  TYR   A OH  1 
ATOM   726  N  N   . GLN   A 1 89  ? -6.789  -8.724  7.161   0.44 17.61  ? 95  GLN   A N   1 
ATOM   727  C  CA  . GLN   A 1 89  ? -6.684  -7.737  6.054   0.44 17.10  ? 95  GLN   A CA  1 
ATOM   728  C  C   . GLN   A 1 89  ? -6.565  -8.518  4.740   0.44 16.87  ? 95  GLN   A C   1 
ATOM   729  O  O   . GLN   A 1 89  ? -5.737  -9.455  4.688   0.44 16.68  ? 95  GLN   A O   1 
ATOM   730  C  CB  . GLN   A 1 89  ? -5.486  -6.817  6.289   0.44 16.73  ? 95  GLN   A CB  1 
ATOM   731  C  CG  . GLN   A 1 89  ? -5.575  -5.468  5.583   0.44 16.59  ? 95  GLN   A CG  1 
ATOM   732  C  CD  . GLN   A 1 89  ? -4.689  -4.431  6.226   0.44 16.22  ? 95  GLN   A CD  1 
ATOM   733  O  OE1 . GLN   A 1 89  ? -4.765  -4.178  7.428   0.44 16.55  ? 95  GLN   A OE1 1 
ATOM   734  N  NE2 . GLN   A 1 89  ? -3.841  -3.804  5.423   0.44 15.89  ? 95  GLN   A NE2 1 
ATOM   735  N  N   . SER   A 1 90  ? -7.383  -8.172  3.741   1.00 16.03  ? 96  SER   A N   1 
ATOM   736  C  CA  . SER   A 1 90  ? -7.373  -8.806  2.393   1.00 17.59  ? 96  SER   A CA  1 
ATOM   737  C  C   . SER   A 1 90  ? -6.337  -8.145  1.477   1.00 18.38  ? 96  SER   A C   1 
ATOM   738  O  O   . SER   A 1 90  ? -5.941  -6.994  1.743   1.00 18.81  ? 96  SER   A O   1 
ATOM   739  C  CB  . SER   A 1 90  ? -8.736  -8.780  1.769   1.00 19.33  ? 96  SER   A CB  1 
ATOM   740  O  OG  . SER   A 1 90  ? -9.125  -7.460  1.467   1.00 20.35  ? 96  SER   A OG  1 
ATOM   741  N  N   . HIS   A 1 91  ? -5.958  -8.846  0.407   1.00 17.06  ? 97  HIS   A N   1 
ATOM   742  C  CA  . HIS   A 1 91  ? -5.045  -8.337  -0.654  1.00 17.38  ? 97  HIS   A CA  1 
ATOM   743  C  C   . HIS   A 1 91  ? -3.761  -7.831  0.025   1.00 15.87  ? 97  HIS   A C   1 
ATOM   744  O  O   . HIS   A 1 91  ? -3.257  -6.778  -0.378  1.00 14.75  ? 97  HIS   A O   1 
ATOM   745  C  CB  . HIS   A 1 91  ? -5.740  -7.244  -1.503  1.00 17.74  ? 97  HIS   A CB  1 
ATOM   746  C  CG  . HIS   A 1 91  ? -6.981  -7.654  -2.233  1.00 18.93  ? 97  HIS   A CG  1 
ATOM   747  N  ND1 . HIS   A 1 91  ? -7.017  -7.763  -3.612  1.00 21.52  ? 97  HIS   A ND1 1 
ATOM   748  C  CD2 . HIS   A 1 91  ? -8.241  -7.901  -1.801  1.00 20.59  ? 97  HIS   A CD2 1 
ATOM   749  C  CE1 . HIS   A 1 91  ? -8.237  -8.099  -3.997  1.00 21.48  ? 97  HIS   A CE1 1 
ATOM   750  N  NE2 . HIS   A 1 91  ? -9.002  -8.200  -2.902  1.00 19.78  ? 97  HIS   A NE2 1 
ATOM   751  N  N   . LEU   A 1 92  ? -3.280  -8.533  1.051   1.00 14.99  ? 98  LEU   A N   1 
ATOM   752  C  CA  . LEU   A 1 92  ? -2.036  -8.217  1.774   1.00 15.63  ? 98  LEU   A CA  1 
ATOM   753  C  C   . LEU   A 1 92  ? -0.932  -9.134  1.258   1.00 14.64  ? 98  LEU   A C   1 
ATOM   754  O  O   . LEU   A 1 92  ? -1.178  -10.338 1.081   1.00 15.61  ? 98  LEU   A O   1 
ATOM   755  C  CB  . LEU   A 1 92  ? -2.229  -8.437  3.269   1.00 15.37  ? 98  LEU   A CB  1 
ATOM   756  C  CG  . LEU   A 1 92  ? -1.082  -7.963  4.137   1.00 17.43  ? 98  LEU   A CG  1 
ATOM   757  C  CD1 . LEU   A 1 92  ? -0.962  -6.462  3.986   1.00 16.98  ? 98  LEU   A CD1 1 
ATOM   758  C  CD2 . LEU   A 1 92  ? -1.336  -8.453  5.548   1.00 16.88  ? 98  LEU   A CD2 1 
ATOM   759  N  N   . MET   A 1 93  ? 0.257   -8.564  1.087   1.00 17.18  ? 99  MET   A N   1 
ATOM   760  C  CA  . MET   A 1 93  ? 1.470   -9.314  0.671   1.00 17.06  ? 99  MET   A CA  1 
ATOM   761  C  C   . MET   A 1 93  ? 2.483   -9.174  1.783   1.00 19.30  ? 99  MET   A C   1 
ATOM   762  O  O   . MET   A 1 93  ? 2.753   -8.069  2.208   1.00 19.70  ? 99  MET   A O   1 
ATOM   763  C  CB  . MET   A 1 93  ? 2.039   -8.763  -0.634  1.00 16.75  ? 99  MET   A CB  1 
ATOM   764  C  CG  . MET   A 1 93  ? 1.067   -8.842  -1.741  1.00 17.25  ? 99  MET   A CG  1 
ATOM   765  S  SD  . MET   A 1 93  ? 1.625   -7.963  -3.174  1.00 18.58  ? 99  MET   A SD  1 
ATOM   766  C  CE  . MET   A 1 93  ? 1.562   -6.229  -2.724  1.00 17.54  ? 99  MET   A CE  1 
ATOM   767  N  N   . LEU   A 1 94  ? 2.991   -10.309 2.245   1.00 19.90  ? 100 LEU   A N   1 
ATOM   768  C  CA  . LEU   A 1 94  ? 4.035   -10.333 3.264   1.00 20.48  ? 100 LEU   A CA  1 
ATOM   769  C  C   . LEU   A 1 94  ? 5.345   -10.515 2.515   1.00 19.07  ? 100 LEU   A C   1 
ATOM   770  O  O   . LEU   A 1 94  ? 5.411   -11.211 1.470   1.00 20.67  ? 100 LEU   A O   1 
ATOM   771  C  CB  . LEU   A 1 94  ? 3.767   -11.437 4.286   1.00 21.56  ? 100 LEU   A CB  1 
ATOM   772  C  CG  . LEU   A 1 94  ? 2.471   -11.261 5.071   1.00 23.88  ? 100 LEU   A CG  1 
ATOM   773  C  CD1 . LEU   A 1 94  ? 2.071   -12.556 5.759   1.00 27.22  ? 100 LEU   A CD1 1 
ATOM   774  C  CD2 . LEU   A 1 94  ? 2.564   -10.107 6.053   1.00 25.36  ? 100 LEU   A CD2 1 
ATOM   775  N  N   . ALA   A 1 95  ? 6.286   -9.765  2.993   1.00 18.08  ? 101 ALA   A N   1 
ATOM   776  C  CA  . ALA   A 1 95  ? 7.696   -10.019 2.735   1.00 17.97  ? 101 ALA   A CA  1 
ATOM   777  C  C   . ALA   A 1 95  ? 8.227   -10.238 4.122   1.00 17.60  ? 101 ALA   A C   1 
ATOM   778  O  O   . ALA   A 1 95  ? 7.559   -9.848  5.077   1.00 17.12  ? 101 ALA   A O   1 
ATOM   779  C  CB  . ALA   A 1 95  ? 8.356   -8.848  2.061   1.00 17.31  ? 101 ALA   A CB  1 
ATOM   780  N  N   . VAL   A 1 96  ? 9.413   -10.809 4.183   1.00 19.59  ? 102 VAL   A N   1 
ATOM   781  C  CA  . VAL   A 1 96  ? 10.217  -10.773 5.417   1.00 18.34  ? 102 VAL   A CA  1 
ATOM   782  C  C   . VAL   A 1 96  ? 10.959  -9.444  5.419   1.00 19.11  ? 102 VAL   A C   1 
ATOM   783  O  O   . VAL   A 1 96  ? 11.717  -9.163  4.449   1.00 20.25  ? 102 VAL   A O   1 
ATOM   784  C  CB  . VAL   A 1 96  ? 11.174  -11.971 5.465   1.00 19.68  ? 102 VAL   A CB  1 
ATOM   785  C  CG1 . VAL   A 1 96  ? 12.052  -11.921 6.694   1.00 21.14  ? 102 VAL   A CG1 1 
ATOM   786  C  CG2 . VAL   A 1 96  ? 10.408  -13.287 5.395   1.00 19.27  ? 102 VAL   A CG2 1 
ATOM   787  N  N   . GLY   A 1 97  ? 10.776  -8.654  6.466   0.44 18.18  ? 103 GLY   A N   1 
ATOM   788  C  CA  . GLY   A 1 97  ? 11.390  -7.323  6.549   0.44 17.94  ? 103 GLY   A CA  1 
ATOM   789  C  C   . GLY   A 1 97  ? 10.840  -6.575  7.730   0.44 17.75  ? 103 GLY   A C   1 
ATOM   790  O  O   . GLY   A 1 97  ? 9.700   -6.871  8.143   0.44 18.02  ? 103 GLY   A O   1 
ATOM   791  N  N   . HIS   A 1 98  ? 11.631  -5.656  8.266   0.44 16.37  ? 104 HIS   A N   1 
ATOM   792  C  CA  . HIS   A 1 98  ? 11.233  -4.843  9.432   0.44 16.49  ? 104 HIS   A CA  1 
ATOM   793  C  C   . HIS   A 1 98  ? 10.094  -3.913  9.015   0.44 15.69  ? 104 HIS   A C   1 
ATOM   794  O  O   . HIS   A 1 98  ? 10.144  -3.366  7.899   0.44 15.73  ? 104 HIS   A O   1 
ATOM   795  C  CB  . HIS   A 1 98  ? 12.409  -4.070  10.020  0.44 16.44  ? 104 HIS   A CB  1 
ATOM   796  C  CG  . HIS   A 1 98  ? 11.967  -3.257  11.181  0.44 16.47  ? 104 HIS   A CG  1 
ATOM   797  N  ND1 . HIS   A 1 98  ? 11.483  -3.841  12.333  0.44 15.76  ? 104 HIS   A ND1 1 
ATOM   798  C  CD2 . HIS   A 1 98  ? 11.835  -1.926  11.336  0.44 15.96  ? 104 HIS   A CD2 1 
ATOM   799  C  CE1 . HIS   A 1 98  ? 11.128  -2.899  13.177  0.44 16.02  ? 104 HIS   A CE1 1 
ATOM   800  N  NE2 . HIS   A 1 98  ? 11.327  -1.716  12.586  0.44 15.63  ? 104 HIS   A NE2 1 
ATOM   801  N  N   . SER   A 1 99  ? 9.112   -3.744  9.899   0.44 14.68  ? 105 SER   A N   1 
ATOM   802  C  CA  . SER   A 1 99  ? 8.001   -2.775  9.746   0.44 14.08  ? 105 SER   A CA  1 
ATOM   803  C  C   . SER   A 1 99  ? 7.374   -2.515  11.118  0.44 14.08  ? 105 SER   A C   1 
ATOM   804  O  O   . SER   A 1 99  ? 7.411   -3.434  11.976  0.44 13.82  ? 105 SER   A O   1 
ATOM   805  C  CB  . SER   A 1 99  ? 6.987   -3.246  8.730   0.44 13.74  ? 105 SER   A CB  1 
ATOM   806  O  OG  . SER   A 1 99  ? 6.169   -4.276  9.261   0.44 12.59  ? 105 SER   A OG  1 
ATOM   807  N  N   . GLU   A 1 100 ? 6.891   -1.286  11.304  0.44 14.70  ? 106 GLU   A N   1 
ATOM   808  C  CA  . GLU   A 1 100 ? 6.123   -0.791  12.478  0.44 15.30  ? 106 GLU   A CA  1 
ATOM   809  C  C   . GLU   A 1 100 ? 4.914   -0.035  11.927  0.44 15.61  ? 106 GLU   A C   1 
ATOM   810  O  O   . GLU   A 1 100 ? 4.848   0.206   10.727  0.44 15.07  ? 106 GLU   A O   1 
ATOM   811  C  CB  . GLU   A 1 100 ? 7.036   0.070   13.359  0.44 15.52  ? 106 GLU   A CB  1 
ATOM   812  C  CG  . GLU   A 1 100 ? 8.331   -0.619  13.759  0.44 15.95  ? 106 GLU   A CG  1 
ATOM   813  C  CD  . GLU   A 1 100 ? 9.345   0.273   14.458  0.44 16.20  ? 106 GLU   A CD  1 
ATOM   814  O  OE1 . GLU   A 1 100 ? 8.918   1.245   15.105  0.44 16.55  ? 106 GLU   A OE1 1 
ATOM   815  O  OE2 . GLU   A 1 100 ? 10.558  -0.005  14.351  0.44 16.27  ? 106 GLU   A OE2 1 
ATOM   816  N  N   . PRO   A 1 101 ? 3.912   0.369   12.743  0.44 15.76  ? 107 PRO   A N   1 
ATOM   817  C  CA  . PRO   A 1 101 ? 2.717   1.036   12.214  0.44 16.01  ? 107 PRO   A CA  1 
ATOM   818  C  C   . PRO   A 1 101 ? 2.990   2.226   11.279  0.44 16.17  ? 107 PRO   A C   1 
ATOM   819  O  O   . PRO   A 1 101 ? 2.430   2.229   10.197  0.44 15.88  ? 107 PRO   A O   1 
ATOM   820  C  CB  . PRO   A 1 101 ? 1.998   1.529   13.477  0.44 16.28  ? 107 PRO   A CB  1 
ATOM   821  C  CG  . PRO   A 1 101 ? 2.411   0.531   14.532  0.44 16.41  ? 107 PRO   A CG  1 
ATOM   822  C  CD  . PRO   A 1 101 ? 3.856   0.211   14.204  0.44 16.19  ? 107 PRO   A CD  1 
ATOM   823  N  N   . GLY   A 1 102 ? 3.832   3.171   11.711  0.44 15.81  ? 108 GLY   A N   1 
ATOM   824  C  CA  . GLY   A 1 102 ? 4.138   4.439   11.018  0.44 15.72  ? 108 GLY   A CA  1 
ATOM   825  C  C   . GLY   A 1 102 ? 4.801   4.253   9.659   0.44 15.46  ? 108 GLY   A C   1 
ATOM   826  O  O   . GLY   A 1 102 ? 4.882   5.246   8.919   0.44 15.25  ? 108 GLY   A O   1 
ATOM   827  N  N   . ASP   A 1 103 ? 5.283   3.045   9.338   0.44 15.84  ? 109 ASP   A N   1 
ATOM   828  C  CA  . ASP   A 1 103 ? 5.938   2.730   8.036   0.44 15.33  ? 109 ASP   A CA  1 
ATOM   829  C  C   . ASP   A 1 103 ? 4.897   2.715   6.914   0.44 15.26  ? 109 ASP   A C   1 
ATOM   830  O  O   . ASP   A 1 103 ? 5.295   2.691   5.732   0.44 14.18  ? 109 ASP   A O   1 
ATOM   831  C  CB  . ASP   A 1 103 ? 6.694   1.405   8.109   0.44 15.40  ? 109 ASP   A CB  1 
ATOM   832  C  CG  . ASP   A 1 103 ? 8.009   1.529   8.850   0.44 15.40  ? 109 ASP   A CG  1 
ATOM   833  O  OD1 . ASP   A 1 103 ? 8.651   2.580   8.700   0.44 14.87  ? 109 ASP   A OD1 1 
ATOM   834  O  OD2 . ASP   A 1 103 ? 8.372   0.572   9.564   0.44 16.19  ? 109 ASP   A OD2 1 
ATOM   835  N  N   . CYS   A 1 104 ? 3.617   2.711   7.280   1.00 15.42  ? 110 CYS   A N   1 
ATOM   836  C  CA  . CYS   A 1 104 ? 2.499   2.738   6.330   1.00 14.57  ? 110 CYS   A CA  1 
ATOM   837  C  C   . CYS   A 1 104 ? 2.663   3.840   5.341   1.00 11.46  ? 110 CYS   A C   1 
ATOM   838  O  O   . CYS   A 1 104 ? 2.948   4.956   5.725   1.00 15.34  ? 110 CYS   A O   1 
ATOM   839  C  CB  . CYS   A 1 104 ? 1.204   3.050   7.009   1.00 15.93  ? 110 CYS   A CB  1 
ATOM   840  S  SG  . CYS   A 1 104 ? 0.973   1.696   8.132   1.00 18.49  ? 110 CYS   A SG  1 
ATOM   841  N  N   . GLY   A 1 105 ? 2.389   3.465   4.091   1.00 8.89   ? 111 GLY   A N   1 
ATOM   842  C  CA  . GLY   A 1 105 ? 2.428   4.434   3.003   1.00 8.69   ? 111 GLY   A CA  1 
ATOM   843  C  C   . GLY   A 1 105 ? 3.698   4.297   2.176   1.00 8.80   ? 111 GLY   A C   1 
ATOM   844  O  O   . GLY   A 1 105 ? 3.786   4.943   1.124   1.00 8.25   ? 111 GLY   A O   1 
ATOM   845  N  N   . GLY   A 1 106 ? 4.765   3.703   2.729   1.00 8.24   ? 112 GLY   A N   1 
ATOM   846  C  CA  . GLY   A 1 106 ? 6.026   3.388   2.014   1.00 7.43   ? 112 GLY   A CA  1 
ATOM   847  C  C   . GLY   A 1 106 ? 5.755   2.662   0.716   1.00 6.04   ? 112 GLY   A C   1 
ATOM   848  O  O   . GLY   A 1 106 ? 5.033   1.651   0.776   1.00 5.82   ? 112 GLY   A O   1 
ATOM   849  N  N   . ILE   A 1 107 ? 6.414   3.045   -0.354  1.00 6.36   ? 113 ILE   A N   1 
ATOM   850  C  CA  . ILE   A 1 107 ? 6.167   2.381   -1.659  1.00 6.34   ? 113 ILE   A CA  1 
ATOM   851  C  C   . ILE   A 1 107 ? 6.996   1.119   -1.810  1.00 5.62   ? 113 ILE   A C   1 
ATOM   852  O  O   . ILE   A 1 107 ? 8.203   1.109   -1.448  1.00 5.08   ? 113 ILE   A O   1 
ATOM   853  C  CB  . ILE   A 1 107 ? 6.487   3.384   -2.775  1.00 7.96   ? 113 ILE   A CB  1 
ATOM   854  C  CG1 . ILE   A 1 107 ? 5.289   4.333   -2.846  1.00 9.51   ? 113 ILE   A CG1 1 
ATOM   855  C  CG2 . ILE   A 1 107 ? 6.726   2.707   -4.102  1.00 8.11   ? 113 ILE   A CG2 1 
ATOM   856  C  CD1 . ILE   A 1 107 ? 5.436   5.566   -3.749  1.00 10.47  ? 113 ILE   A CD1 1 
ATOM   857  N  N   . LEU   A 1 108 ? 6.325   0.076   -2.305  1.00 5.04   ? 114 LEU   A N   1 
ATOM   858  C  CA  . LEU   A 1 108 ? 6.949   -1.153  -2.864  1.00 5.39   ? 114 LEU   A CA  1 
ATOM   859  C  C   . LEU   A 1 108 ? 6.961   -0.978  -4.376  1.00 5.77   ? 114 LEU   A C   1 
ATOM   860  O  O   . LEU   A 1 108 ? 5.898   -0.729  -4.961  1.00 5.91   ? 114 LEU   A O   1 
ATOM   861  C  CB  . LEU   A 1 108 ? 6.140   -2.375  -2.455  1.00 5.21   ? 114 LEU   A CB  1 
ATOM   862  C  CG  . LEU   A 1 108 ? 6.614   -3.722  -3.013  1.00 5.97   ? 114 LEU   A CG  1 
ATOM   863  C  CD1 . LEU   A 1 108 ? 8.022   -4.061  -2.537  1.00 5.98   ? 114 LEU   A CD1 1 
ATOM   864  C  CD2 . LEU   A 1 108 ? 5.635   -4.826  -2.622  1.00 6.40   ? 114 LEU   A CD2 1 
ATOM   865  N  N   . ARG   A 1 109 ? 8.146   -1.088  -4.989  1.00 5.68   ? 115 ARG   A N   1 
ATOM   866  C  CA  . ARG   A 1 109 ? 8.273   -0.978  -6.492  1.00 6.46   ? 115 ARG   A CA  1 
ATOM   867  C  C   . ARG   A 1 109 ? 9.020   -2.179  -7.088  1.00 7.69   ? 115 ARG   A C   1 
ATOM   868  O  O   . ARG   A 1 109 ? 9.882   -2.711  -6.443  1.00 7.93   ? 115 ARG   A O   1 
ATOM   869  C  CB  . ARG   A 1 109 ? 8.932   0.347   -6.895  1.00 7.98   ? 115 ARG   A CB  1 
ATOM   870  C  CG  . ARG   A 1 109 ? 10.318  0.560   -6.302  1.00 9.77   ? 115 ARG   A CG  1 
ATOM   871  C  CD  . ARG   A 1 109 ? 10.905  1.954   -6.515  1.00 11.57  ? 115 ARG   A CD  1 
ATOM   872  N  NE  . ARG   A 1 109 ? 10.457  2.987   -5.587  1.00 13.55  ? 115 ARG   A NE  1 
ATOM   873  C  CZ  . ARG   A 1 109 ? 9.817   4.121   -5.919  1.00 15.50  ? 115 ARG   A CZ  1 
ATOM   874  N  NH1 . ARG   A 1 109 ? 9.431   4.368   -7.168  1.00 16.81  ? 115 ARG   A NH1 1 
ATOM   875  N  NH2 . ARG   A 1 109 ? 9.438   4.952   -4.967  1.00 15.90  ? 115 ARG   A NH2 1 
ATOM   876  N  N   . CYS   A 1 110 ? 8.645   -2.579  -8.314  1.00 9.14   ? 116 CYS   A N   1 
ATOM   877  C  CA  . CYS   A 1 110 ? 9.270   -3.682  -9.116  1.00 10.44  ? 116 CYS   A CA  1 
ATOM   878  C  C   . CYS   A 1 110 ? 9.638   -3.058  -10.451 1.00 12.85  ? 116 CYS   A C   1 
ATOM   879  O  O   . CYS   A 1 110 ? 9.531   -1.807  -10.595 1.00 12.19  ? 116 CYS   A O   1 
ATOM   880  C  CB  . CYS   A 1 110 ? 8.383   -4.906  -9.281  1.00 9.65   ? 116 CYS   A CB  1 
ATOM   881  S  SG  . CYS   A 1 110 ? 6.963   -4.546  -10.341 1.00 11.66  ? 116 CYS   A SG  1 
ATOM   882  N  N   . GLN   A 1 111 ? 10.064  -3.860  -11.423 1.00 15.92  ? 117 GLN   A N   1 
ATOM   883  C  CA  . GLN   A 1 111 ? 10.531  -3.298  -12.717 1.00 16.43  ? 117 GLN   A CA  1 
ATOM   884  C  C   . GLN   A 1 111 ? 9.325   -2.703  -13.465 1.00 16.12  ? 117 GLN   A C   1 
ATOM   885  O  O   . GLN   A 1 111 ? 9.527   -1.906  -14.395 1.00 19.01  ? 117 GLN   A O   1 
ATOM   886  C  CB  . GLN   A 1 111 ? 11.275  -4.363  -13.529 1.00 18.72  ? 117 GLN   A CB  1 
ATOM   887  C  CG  . GLN   A 1 111 ? 10.386  -5.490  -14.026 1.00 21.39  ? 117 GLN   A CG  1 
ATOM   888  C  CD  . GLN   A 1 111 ? 11.208  -6.496  -14.795 1.00 24.74  ? 117 GLN   A CD  1 
ATOM   889  O  OE1 . GLN   A 1 111 ? 11.551  -7.554  -14.287 1.00 29.84  ? 117 GLN   A OE1 1 
ATOM   890  N  NE2 . GLN   A 1 111 ? 11.544  -6.149  -16.030 1.00 26.25  ? 117 GLN   A NE2 1 
ATOM   891  N  N   . HIS   A 1 112 ? 8.112   -3.111  -13.096 1.00 15.49  ? 118 HIS   A N   1 
ATOM   892  C  CA  . HIS   A 1 112 ? 6.861   -2.717  -13.794 1.00 14.37  ? 118 HIS   A CA  1 
ATOM   893  C  C   . HIS   A 1 112 ? 6.242   -1.450  -13.186 1.00 15.66  ? 118 HIS   A C   1 
ATOM   894  O  O   . HIS   A 1 112 ? 5.217   -0.998  -13.751 1.00 15.97  ? 118 HIS   A O   1 
ATOM   895  C  CB  . HIS   A 1 112 ? 5.890   -3.880  -13.702 1.00 14.21  ? 118 HIS   A CB  1 
ATOM   896  C  CG  . HIS   A 1 112 ? 6.406   -5.130  -14.330 1.00 14.77  ? 118 HIS   A CG  1 
ATOM   897  N  ND1 . HIS   A 1 112 ? 6.579   -6.311  -13.647 1.00 12.10  ? 118 HIS   A ND1 1 
ATOM   898  C  CD2 . HIS   A 1 112 ? 6.698   -5.402  -15.622 1.00 14.54  ? 118 HIS   A CD2 1 
ATOM   899  C  CE1 . HIS   A 1 112 ? 7.054   -7.221  -14.478 1.00 15.02  ? 118 HIS   A CE1 1 
ATOM   900  N  NE2 . HIS   A 1 112 ? 7.116   -6.691  -15.694 1.00 16.66  ? 118 HIS   A NE2 1 
ATOM   901  N  N   . GLY   A 1 113 ? 6.810   -0.913  -12.091 1.00 16.78  ? 119 GLY   A N   1 
ATOM   902  C  CA  . GLY   A 1 113 ? 6.394   0.354   -11.433 1.00 16.97  ? 119 GLY   A CA  1 
ATOM   903  C  C   . GLY   A 1 113 ? 6.109   0.230   -9.942  1.00 18.56  ? 119 GLY   A C   1 
ATOM   904  O  O   . GLY   A 1 113 ? 6.722   -0.634  -9.241  1.00 15.30  ? 119 GLY   A O   1 
ATOM   905  N  N   . VAL   A 1 114 ? 5.150   1.023   -9.463  1.00 16.35  ? 120 VAL   A N   1 
ATOM   906  C  CA  . VAL   A 1 114 ? 4.681   0.959   -8.054  1.00 13.52  ? 120 VAL   A CA  1 
ATOM   907  C  C   . VAL   A 1 114 ? 3.818   -0.276  -7.931  1.00 13.00  ? 120 VAL   A C   1 
ATOM   908  O  O   . VAL   A 1 114 ? 2.847   -0.402  -8.728  1.00 16.12  ? 120 VAL   A O   1 
ATOM   909  C  CB  . VAL   A 1 114 ? 3.873   2.195   -7.648  1.00 13.18  ? 120 VAL   A CB  1 
ATOM   910  C  CG1 . VAL   A 1 114 ? 3.289   2.039   -6.260  1.00 12.64  ? 120 VAL   A CG1 1 
ATOM   911  C  CG2 . VAL   A 1 114 ? 4.705   3.422   -7.721  1.00 12.76  ? 120 VAL   A CG2 1 
ATOM   912  N  N   . VAL   A 1 115 ? 4.137   -1.169  -6.996  1.00 11.35  ? 121 VAL   A N   1 
ATOM   913  C  CA  . VAL   A 1 115 ? 3.386   -2.428  -6.723  1.00 11.63  ? 121 VAL   A CA  1 
ATOM   914  C  C   . VAL   A 1 115 ? 2.282   -2.175  -5.691  1.00 11.08  ? 121 VAL   A C   1 
ATOM   915  O  O   . VAL   A 1 115 ? 1.203   -2.756  -5.790  1.00 12.13  ? 121 VAL   A O   1 
ATOM   916  C  CB  . VAL   A 1 115 ? 4.330   -3.557  -6.251  1.00 11.31  ? 121 VAL   A CB  1 
ATOM   917  C  CG1 . VAL   A 1 115 ? 3.578   -4.796  -5.785  1.00 11.52  ? 121 VAL   A CG1 1 
ATOM   918  C  CG2 . VAL   A 1 115 ? 5.377   -3.857  -7.320  1.00 11.99  ? 121 VAL   A CG2 1 
ATOM   919  N  N   . GLY   A 1 116 ? 2.612   -1.440  -4.641  1.00 10.13  ? 122 GLY   A N   1 
ATOM   920  C  CA  . GLY   A 1 116 ? 1.684   -1.256  -3.544  1.00 8.77   ? 122 GLY   A CA  1 
ATOM   921  C  C   . GLY   A 1 116 ? 2.321   -0.411  -2.478  1.00 7.38   ? 122 GLY   A C   1 
ATOM   922  O  O   . GLY   A 1 116 ? 3.430   0.172   -2.741  1.00 8.20   ? 122 GLY   A O   1 
ATOM   923  N  N   . ILE   A 1 117 ? 1.614   -0.230  -1.370  0.44 7.45   ? 123 ILE   A N   1 
ATOM   924  C  CA  . ILE   A 1 117 ? 2.120   0.561   -0.221  0.44 7.18   ? 123 ILE   A CA  1 
ATOM   925  C  C   . ILE   A 1 117 ? 2.087   -0.352  0.997   0.44 7.02   ? 123 ILE   A C   1 
ATOM   926  O  O   . ILE   A 1 117 ? 1.285   -1.305  0.999   0.44 7.18   ? 123 ILE   A O   1 
ATOM   927  C  CB  . ILE   A 1 117 ? 1.323   1.866   0.000   0.44 7.34   ? 123 ILE   A CB  1 
ATOM   928  C  CG1 . ILE   A 1 117 ? -0.196  1.655   0.019   0.44 7.58   ? 123 ILE   A CG1 1 
ATOM   929  C  CG2 . ILE   A 1 117 ? 1.739   2.926   -1.009  0.44 7.39   ? 123 ILE   A CG2 1 
ATOM   930  C  CD1 . ILE   A 1 117 ? -0.967  2.847   0.559   0.44 7.57   ? 123 ILE   A CD1 1 
ATOM   931  N  N   . VAL   A 1 118 ? 2.927   -0.059  1.988   0.44 7.08   ? 124 VAL   A N   1 
ATOM   932  C  CA  . VAL   A 1 118 ? 2.977   -0.826  3.263   0.44 6.86   ? 124 VAL   A CA  1 
ATOM   933  C  C   . VAL   A 1 118 ? 1.609   -0.656  3.921   0.44 7.03   ? 124 VAL   A C   1 
ATOM   934  O  O   . VAL   A 1 118 ? 1.083   0.467   3.935   0.44 6.73   ? 124 VAL   A O   1 
ATOM   935  C  CB  . VAL   A 1 118 ? 4.120   -0.363  4.188   0.44 6.81   ? 124 VAL   A CB  1 
ATOM   936  C  CG1 . VAL   A 1 118 ? 3.989   -0.940  5.596   0.44 6.87   ? 124 VAL   A CG1 1 
ATOM   937  C  CG2 . VAL   A 1 118 ? 5.477   -0.709  3.590   0.44 6.83   ? 124 VAL   A CG2 1 
ATOM   938  N  N   . SER   A 1 119 ? 1.006   -1.746  4.381   0.44 7.25   ? 125 SER   A N   1 
ATOM   939  C  CA  . SER   A 1 119 ? -0.326  -1.690  5.038   0.44 7.93   ? 125 SER   A CA  1 
ATOM   940  C  C   . SER   A 1 119 ? -0.355  -2.506  6.338   0.44 8.10   ? 125 SER   A C   1 
ATOM   941  O  O   . SER   A 1 119 ? -0.979  -2.013  7.316   0.44 8.99   ? 125 SER   A O   1 
ATOM   942  C  CB  . SER   A 1 119 ? -1.407  -2.108  4.092   0.44 8.34   ? 125 SER   A CB  1 
ATOM   943  O  OG  . SER   A 1 119 ? -2.683  -1.866  4.660   0.44 9.31   ? 125 SER   A OG  1 
ATOM   944  N  N   . THR   A 1 120 ? 0.284   -3.679  6.381   0.44 8.63   ? 126 THR   A N   1 
ATOM   945  C  CA  . THR   A 1 120 ? 0.321   -4.547  7.597   0.44 8.88   ? 126 THR   A CA  1 
ATOM   946  C  C   . THR   A 1 120 ? 1.753   -4.994  7.908   0.44 9.31   ? 126 THR   A C   1 
ATOM   947  O  O   . THR   A 1 120 ? 2.656   -4.643  7.128   0.44 9.00   ? 126 THR   A O   1 
ATOM   948  C  CB  . THR   A 1 120 ? -0.519  -5.814  7.416   0.44 8.97   ? 126 THR   A CB  1 
ATOM   949  O  OG1 . THR   A 1 120 ? 0.282   -6.668  6.601   0.44 9.38   ? 126 THR   A OG1 1 
ATOM   950  C  CG2 . THR   A 1 120 ? -1.888  -5.544  6.833   0.44 9.18   ? 126 THR   A CG2 1 
ATOM   951  N  N   . GLY   A 1 121 ? 1.929   -5.771  8.983   0.44 9.90   ? 127 GLY   A N   1 
ATOM   952  C  CA  . GLY   A 1 121 ? 3.210   -6.437  9.299   0.44 10.58  ? 127 GLY   A CA  1 
ATOM   953  C  C   . GLY   A 1 121 ? 3.319   -6.827  10.761  0.44 11.62  ? 127 GLY   A C   1 
ATOM   954  O  O   . GLY   A 1 121 ? 2.280   -6.831  11.449  0.44 12.26  ? 127 GLY   A O   1 
ATOM   955  N  N   . GLY   A 1 122 ? 4.551   -7.122  11.198  0.44 11.87  ? 128 GLY   A N   1 
ATOM   956  C  CA  . GLY   A 1 122 ? 4.904   -7.593  12.555  0.44 12.26  ? 128 GLY   A CA  1 
ATOM   957  C  C   . GLY   A 1 122 ? 5.773   -8.845  12.513  0.44 13.03  ? 128 GLY   A C   1 
ATOM   958  O  O   . GLY   A 1 122 ? 5.626   -9.631  11.550  0.44 12.84  ? 128 GLY   A O   1 
ATOM   959  N  N   . ASN   A 1 123 ? 6.627   -9.036  13.527  0.44 13.89  ? 129 ASN   A N   1 
ATOM   960  C  CA  . ASN   A 1 123 ? 7.454   -10.256 13.750  0.44 14.23  ? 129 ASN   A CA  1 
ATOM   961  C  C   . ASN   A 1 123 ? 8.368   -10.506 12.544  0.44 14.33  ? 129 ASN   A C   1 
ATOM   962  O  O   . ASN   A 1 123 ? 8.523   -11.681 12.131  0.44 14.15  ? 129 ASN   A O   1 
ATOM   963  C  CB  . ASN   A 1 123 ? 6.572   -11.471 14.045  0.44 14.96  ? 129 ASN   A CB  1 
ATOM   964  C  CG  . ASN   A 1 123 ? 5.657   -11.256 15.230  0.44 15.54  ? 129 ASN   A CG  1 
ATOM   965  O  OD1 . ASN   A 1 123 ? 6.025   -10.574 16.185  0.44 16.89  ? 129 ASN   A OD1 1 
ATOM   966  N  ND2 . ASN   A 1 123 ? 4.461   -11.821 15.171  0.44 16.22  ? 129 ASN   A ND2 1 
ATOM   967  N  N   . GLY   A 1 124 ? 8.961   -9.438  12.008  0.44 14.06  ? 130 GLY   A N   1 
ATOM   968  C  CA  . GLY   A 1 124 ? 9.871   -9.490  10.850  0.44 13.67  ? 130 GLY   A CA  1 
ATOM   969  C  C   . GLY   A 1 124 ? 9.123   -9.719  9.547   0.44 13.36  ? 130 GLY   A C   1 
ATOM   970  O  O   . GLY   A 1 124 ? 9.745   -10.188 8.577   0.44 13.39  ? 130 GLY   A O   1 
ATOM   971  N  N   . LEU   A 1 125 ? 7.829   -9.384  9.516   0.44 13.05  ? 131 LEU   A N   1 
ATOM   972  C  CA  . LEU   A 1 125 ? 6.992   -9.441  8.293   0.44 12.79  ? 131 LEU   A CA  1 
ATOM   973  C  C   . LEU   A 1 125 ? 6.556   -8.023  7.931   0.44 11.83  ? 131 LEU   A C   1 
ATOM   974  O  O   . LEU   A 1 125 ? 6.601   -7.124  8.807   0.44 12.51  ? 131 LEU   A O   1 
ATOM   975  C  CB  . LEU   A 1 125 ? 5.780   -10.345 8.521   0.44 13.07  ? 131 LEU   A CB  1 
ATOM   976  C  CG  . LEU   A 1 125 ? 6.109   -11.788 8.898   0.44 13.37  ? 131 LEU   A CG  1 
ATOM   977  C  CD1 . LEU   A 1 125 ? 4.843   -12.617 9.043   0.44 13.36  ? 131 LEU   A CD1 1 
ATOM   978  C  CD2 . LEU   A 1 125 ? 7.039   -12.406 7.872   0.44 13.76  ? 131 LEU   A CD2 1 
ATOM   979  N  N   . VAL   A 1 126 ? 6.179   -7.848  6.669   0.44 10.77  ? 132 VAL   A N   1 
ATOM   980  C  CA  . VAL   A 1 126 ? 5.631   -6.576  6.127   0.44 10.06  ? 132 VAL   A CA  1 
ATOM   981  C  C   . VAL   A 1 126 ? 4.629   -6.955  5.041   0.44 9.74   ? 132 VAL   A C   1 
ATOM   982  O  O   . VAL   A 1 126 ? 4.968   -7.778  4.175   0.44 9.57   ? 132 VAL   A O   1 
ATOM   983  C  CB  . VAL   A 1 126 ? 6.761   -5.659  5.620   0.44 9.87   ? 132 VAL   A CB  1 
ATOM   984  C  CG1 . VAL   A 1 126 ? 7.582   -6.328  4.531   0.44 9.72   ? 132 VAL   A CG1 1 
ATOM   985  C  CG2 . VAL   A 1 126 ? 6.225   -4.310  5.162   0.44 9.83   ? 132 VAL   A CG2 1 
ATOM   986  N  N   . GLY   A 1 127 ? 3.418   -6.412  5.146   0.44 9.33   ? 133 GLY   A N   1 
ATOM   987  C  CA  . GLY   A 1 127 ? 2.318   -6.639  4.203   0.44 9.62   ? 133 GLY   A CA  1 
ATOM   988  C  C   . GLY   A 1 127 ? 2.115   -5.411  3.346   0.44 9.57   ? 133 GLY   A C   1 
ATOM   989  O  O   . GLY   A 1 127 ? 1.991   -4.321  3.915   0.44 9.72   ? 133 GLY   A O   1 
ATOM   990  N  N   . PHE   A 1 128 ? 2.099   -5.564  2.026   0.44 9.78   ? 134 PHE   A N   1 
ATOM   991  C  CA  . PHE   A 1 128 ? 1.871   -4.415  1.118   0.44 10.24  ? 134 PHE   A CA  1 
ATOM   992  C  C   . PHE   A 1 128 ? 0.458   -4.548  0.560   0.44 10.94  ? 134 PHE   A C   1 
ATOM   993  O  O   . PHE   A 1 128 ? 0.123   -5.603  -0.030  0.44 11.71  ? 134 PHE   A O   1 
ATOM   994  C  CB  . PHE   A 1 128 ? 2.942   -4.329  0.031   0.44 10.05  ? 134 PHE   A CB  1 
ATOM   995  C  CG  . PHE   A 1 128 ? 4.353   -4.472  0.529   0.44 9.61   ? 134 PHE   A CG  1 
ATOM   996  C  CD1 . PHE   A 1 128 ? 5.066   -3.374  0.976   0.44 9.26   ? 134 PHE   A CD1 1 
ATOM   997  C  CD2 . PHE   A 1 128 ? 4.971   -5.713  0.533   0.44 9.48   ? 134 PHE   A CD2 1 
ATOM   998  C  CE1 . PHE   A 1 128 ? 6.374   -3.512  1.411   0.44 9.07   ? 134 PHE   A CE1 1 
ATOM   999  C  CE2 . PHE   A 1 128 ? 6.276   -5.852  0.979   0.44 9.36   ? 134 PHE   A CE2 1 
ATOM   1000 C  CZ  . PHE   A 1 128 ? 6.974   -4.752  1.426   0.44 9.26   ? 134 PHE   A CZ  1 
ATOM   1001 N  N   . ALA   A 1 129 ? -0.358  -3.514  0.774   0.44 11.65  ? 135 ALA   A N   1 
ATOM   1002 C  CA  . ALA   A 1 129 ? -1.669  -3.373  0.116   0.44 12.34  ? 135 ALA   A CA  1 
ATOM   1003 C  C   . ALA   A 1 129 ? -1.388  -3.330  -1.382  0.44 12.68  ? 135 ALA   A C   1 
ATOM   1004 O  O   . ALA   A 1 129 ? -0.849  -2.314  -1.894  0.44 13.63  ? 135 ALA   A O   1 
ATOM   1005 C  CB  . ALA   A 1 129 ? -2.410  -2.160  0.606   0.44 11.91  ? 135 ALA   A CB  1 
ATOM   1006 N  N   . ASP   A 1 130 ? -1.662  -4.445  -2.045  1.00 13.97  ? 136 ASP   A N   1 
ATOM   1007 C  CA  . ASP   A 1 130 ? -1.473  -4.538  -3.478  1.00 13.45  ? 136 ASP   A CA  1 
ATOM   1008 C  C   . ASP   A 1 130 ? -2.406  -3.498  -4.118  1.00 14.53  ? 136 ASP   A C   1 
ATOM   1009 O  O   . ASP   A 1 130 ? -3.514  -3.245  -3.509  1.00 15.11  ? 136 ASP   A O   1 
ATOM   1010 C  CB  . ASP   A 1 130 ? -1.827  -5.956  -3.894  1.00 15.30  ? 136 ASP   A CB  1 
ATOM   1011 C  CG  . ASP   A 1 130 ? -1.709  -6.084  -5.383  1.00 15.58  ? 136 ASP   A CG  1 
ATOM   1012 O  OD1 . ASP   A 1 130 ? -0.649  -5.699  -5.906  1.00 17.08  ? 136 ASP   A OD1 1 
ATOM   1013 O  OD2 . ASP   A 1 130 ? -2.693  -6.563  -6.021  1.00 17.62  ? 136 ASP   A OD2 1 
ATOM   1014 N  N   . VAL   A 1 131 ? -1.971  -2.850  -5.192  1.00 13.28  ? 137 VAL   A N   1 
ATOM   1015 C  CA  . VAL   A 1 131 ? -2.804  -1.923  -6.019  1.00 14.30  ? 137 VAL   A CA  1 
ATOM   1016 C  C   . VAL   A 1 131 ? -2.870  -2.531  -7.419  1.00 14.45  ? 137 VAL   A C   1 
ATOM   1017 O  O   . VAL   A 1 131 ? -3.489  -1.924  -8.257  1.00 15.93  ? 137 VAL   A O   1 
ATOM   1018 C  CB  . VAL   A 1 131 ? -2.303  -0.459  -6.039  1.00 12.88  ? 137 VAL   A CB  1 
ATOM   1019 C  CG1 . VAL   A 1 131 ? -2.434  0.188   -4.656  1.00 12.60  ? 137 VAL   A CG1 1 
ATOM   1020 C  CG2 . VAL   A 1 131 ? -0.867  -0.299  -6.508  1.00 12.31  ? 137 VAL   A CG2 1 
ATOM   1021 N  N   . ARG   A 1 132 ? -2.239  -3.682  -7.660  1.00 13.46  ? 138 ARG   A N   1 
ATOM   1022 C  CA  . ARG   A 1 132 ? -2.016  -4.171  -9.036  1.00 13.09  ? 138 ARG   A CA  1 
ATOM   1023 C  C   . ARG   A 1 132 ? -3.341  -4.596  -9.649  1.00 15.15  ? 138 ARG   A C   1 
ATOM   1024 O  O   . ARG   A 1 132 ? -3.414  -4.544  -10.854 1.00 16.39  ? 138 ARG   A O   1 
ATOM   1025 C  CB  . ARG   A 1 132 ? -0.971  -5.287  -9.033  1.00 11.90  ? 138 ARG   A CB  1 
ATOM   1026 C  CG  . ARG   A 1 132 ? 0.427   -4.774  -8.724  1.00 11.31  ? 138 ARG   A CG  1 
ATOM   1027 C  CD  . ARG   A 1 132 ? 1.510   -5.850  -8.835  1.00 10.34  ? 138 ARG   A CD  1 
ATOM   1028 N  NE  . ARG   A 1 132 ? 1.299   -6.810  -7.779  1.00 13.01  ? 138 ARG   A NE  1 
ATOM   1029 C  CZ  . ARG   A 1 132 ? 2.019   -7.896  -7.554  1.00 11.13  ? 138 ARG   A CZ  1 
ATOM   1030 N  NH1 . ARG   A 1 132 ? 2.988   -8.254  -8.387  1.00 12.63  ? 138 ARG   A NH1 1 
ATOM   1031 N  NH2 . ARG   A 1 132 ? 1.750   -8.628  -6.491  1.00 12.84  ? 138 ARG   A NH2 1 
ATOM   1032 N  N   . ASP   A 1 133 ? -4.300  -5.071  -8.852  1.00 16.34  ? 139 ASP   A N   1 
ATOM   1033 C  CA  . ASP   A 1 133 ? -5.607  -5.585  -9.361  1.00 15.71  ? 139 ASP   A CA  1 
ATOM   1034 C  C   . ASP   A 1 133 ? -6.545  -4.410  -9.650  1.00 16.13  ? 139 ASP   A C   1 
ATOM   1035 O  O   . ASP   A 1 133 ? -7.583  -4.670  -10.293 1.00 16.81  ? 139 ASP   A O   1 
ATOM   1036 C  CB  . ASP   A 1 133 ? -6.253  -6.553  -8.364  1.00 17.11  ? 139 ASP   A CB  1 
ATOM   1037 C  CG  . ASP   A 1 133 ? -6.642  -5.872  -7.067  1.00 17.11  ? 139 ASP   A CG  1 
ATOM   1038 O  OD1 . ASP   A 1 133 ? -5.883  -4.992  -6.626  1.00 16.11  ? 139 ASP   A OD1 1 
ATOM   1039 O  OD2 . ASP   A 1 133 ? -7.705  -6.214  -6.506  1.00 18.34  ? 139 ASP   A OD2 1 
ATOM   1040 N  N   . LEU   A 1 134 ? -6.199  -3.188  -9.216  1.00 15.71  ? 140 LEU   A N   1 
ATOM   1041 C  CA  . LEU   A 1 134 ? -7.030  -1.954  -9.359  1.00 15.45  ? 140 LEU   A CA  1 
ATOM   1042 C  C   . LEU   A 1 134 ? -6.731  -1.369  -10.750 1.00 14.63  ? 140 LEU   A C   1 
ATOM   1043 O  O   . LEU   A 1 134 ? -6.116  -0.315  -10.851 1.00 12.72  ? 140 LEU   A O   1 
ATOM   1044 C  CB  . LEU   A 1 134 ? -6.741  -0.954  -8.208  1.00 13.71  ? 140 LEU   A CB  1 
ATOM   1045 C  CG  . LEU   A 1 134 ? -6.984  -1.444  -6.768  1.00 14.41  ? 140 LEU   A CG  1 
ATOM   1046 C  CD1 . LEU   A 1 134 ? -6.639  -0.382  -5.720  1.00 14.32  ? 140 LEU   A CD1 1 
ATOM   1047 C  CD2 . LEU   A 1 134 ? -8.407  -1.967  -6.590  1.00 15.66  ? 140 LEU   A CD2 1 
ATOM   1048 N  N   . LEU   A 1 135 ? -7.147  -2.077  -11.814 1.00 16.40  ? 141 LEU   A N   1 
ATOM   1049 C  CA  . LEU   A 1 135 ? -6.813  -1.720  -13.227 1.00 17.59  ? 141 LEU   A CA  1 
ATOM   1050 C  C   . LEU   A 1 135 ? -7.394  -0.355  -13.614 1.00 19.17  ? 141 LEU   A C   1 
ATOM   1051 O  O   . LEU   A 1 135 ? -6.870  0.256   -14.563 1.00 21.73  ? 141 LEU   A O   1 
ATOM   1052 C  CB  . LEU   A 1 135 ? -7.310  -2.804  -14.191 1.00 18.36  ? 141 LEU   A CB  1 
ATOM   1053 C  CG  . LEU   A 1 135 ? -7.006  -4.264  -13.831 1.00 18.09  ? 141 LEU   A CG  1 
ATOM   1054 C  CD1 . LEU   A 1 135 ? -7.363  -5.196  -14.992 1.00 18.22  ? 141 LEU   A CD1 1 
ATOM   1055 C  CD2 . LEU   A 1 135 ? -5.544  -4.444  -13.446 1.00 17.43  ? 141 LEU   A CD2 1 
ATOM   1056 N  N   . TRP   A 1 136 ? -8.434  0.104   -12.919 1.00 19.53  ? 142 TRP   A N   1 
ATOM   1057 C  CA  . TRP   A 1 136 ? -9.138  1.370   -13.252 1.00 20.30  ? 142 TRP   A CA  1 
ATOM   1058 C  C   . TRP   A 1 136 ? -8.275  2.597   -12.939 1.00 21.00  ? 142 TRP   A C   1 
ATOM   1059 O  O   . TRP   A 1 136 ? -8.610  3.660   -13.469 1.00 22.62  ? 142 TRP   A O   1 
ATOM   1060 C  CB  . TRP   A 1 136 ? -10.500 1.435   -12.557 1.00 19.42  ? 142 TRP   A CB  1 
ATOM   1061 C  CG  . TRP   A 1 136 ? -10.494 1.138   -11.088 1.00 19.50  ? 142 TRP   A CG  1 
ATOM   1062 C  CD1 . TRP   A 1 136 ? -10.885 -0.033  -10.497 1.00 18.70  ? 142 TRP   A CD1 1 
ATOM   1063 C  CD2 . TRP   A 1 136 ? -10.169 2.040   -10.012 1.00 17.69  ? 142 TRP   A CD2 1 
ATOM   1064 N  NE1 . TRP   A 1 136 ? -10.825 0.079   -9.130  1.00 19.13  ? 142 TRP   A NE1 1 
ATOM   1065 C  CE2 . TRP   A 1 136 ? -10.384 1.335   -8.808  1.00 19.00  ? 142 TRP   A CE2 1 
ATOM   1066 C  CE3 . TRP   A 1 136 ? -9.750  3.375   -9.941  1.00 18.15  ? 142 TRP   A CE3 1 
ATOM   1067 C  CZ2 . TRP   A 1 136 ? -10.151 1.918   -7.563  1.00 18.17  ? 142 TRP   A CZ2 1 
ATOM   1068 C  CZ3 . TRP   A 1 136 ? -9.520  3.944   -8.709  1.00 19.74  ? 142 TRP   A CZ3 1 
ATOM   1069 C  CH2 . TRP   A 1 136 ? -9.715  3.222   -7.542  1.00 19.21  ? 142 TRP   A CH2 1 
ATOM   1070 N  N   . LEU   A 1 137 ? -7.206  2.466   -12.140 1.00 20.43  ? 143 LEU   A N   1 
ATOM   1071 C  CA  . LEU   A 1 137 ? -6.320  3.599   -11.758 1.00 19.83  ? 143 LEU   A CA  1 
ATOM   1072 C  C   . LEU   A 1 137 ? -5.651  4.224   -12.983 1.00 22.34  ? 143 LEU   A C   1 
ATOM   1073 O  O   . LEU   A 1 137 ? -5.209  5.381   -12.876 1.00 26.51  ? 143 LEU   A O   1 
ATOM   1074 C  CB  . LEU   A 1 137 ? -5.250  3.106   -10.776 1.00 18.79  ? 143 LEU   A CB  1 
ATOM   1075 C  CG  . LEU   A 1 137 ? -5.723  2.834   -9.349  1.00 17.77  ? 143 LEU   A CG  1 
ATOM   1076 C  CD1 . LEU   A 1 137 ? -4.709  1.993   -8.597  1.00 17.89  ? 143 LEU   A CD1 1 
ATOM   1077 C  CD2 . LEU   A 1 137 ? -5.997  4.128   -8.605  1.00 18.52  ? 143 LEU   A CD2 1 
ATOM   1078 N  N   . ASP   A 1 138 ? -5.467  3.462   -14.068 1.00 29.38  ? 144 ASP   A N   1 
ATOM   1079 C  CA  . ASP   A 1 138 ? -4.574  3.869   -15.189 1.00 34.22  ? 144 ASP   A CA  1 
ATOM   1080 C  C   . ASP   A 1 138 ? -5.241  4.989   -16.005 1.00 41.32  ? 144 ASP   A C   1 
ATOM   1081 O  O   . ASP   A 1 138 ? -4.495  5.824   -16.567 1.00 41.69  ? 144 ASP   A O   1 
ATOM   1082 C  CB  . ASP   A 1 138 ? -4.153  2.653   -16.022 1.00 34.61  ? 144 ASP   A CB  1 
ATOM   1083 C  CG  . ASP   A 1 138 ? -3.022  1.835   -15.401 1.00 33.42  ? 144 ASP   A CG  1 
ATOM   1084 O  OD1 . ASP   A 1 138 ? -2.823  1.911   -14.164 1.00 29.69  ? 144 ASP   A OD1 1 
ATOM   1085 O  OD2 . ASP   A 1 138 ? -2.327  1.135   -16.163 1.00 36.95  ? 144 ASP   A OD2 1 
ATOM   1086 N  N   . GLU   A 1 139 ? -6.580  5.055   -15.996 1.00 47.76  ? 145 GLU   A N   1 
ATOM   1087 C  CA  . GLU   A 1 139 ? -7.394  5.967   -16.853 1.00 52.51  ? 145 GLU   A CA  1 
ATOM   1088 C  C   . GLU   A 1 139 ? -8.399  6.774   -16.014 1.00 56.90  ? 145 GLU   A C   1 
ATOM   1089 O  O   . GLU   A 1 139 ? -8.523  6.500   -14.800 1.00 60.70  ? 145 GLU   A O   1 
ATOM   1090 C  CB  . GLU   A 1 139 ? -8.135  5.139   -17.903 1.00 52.05  ? 145 GLU   A CB  1 
ATOM   1091 C  CG  . GLU   A 1 139 ? -9.180  4.203   -17.310 1.00 53.57  ? 145 GLU   A CG  1 
ATOM   1092 C  CD  . GLU   A 1 139 ? -9.167  2.779   -17.845 1.00 54.71  ? 145 GLU   A CD  1 
ATOM   1093 O  OE1 . GLU   A 1 139 ? -10.161 2.060   -17.626 1.00 57.83  ? 145 GLU   A OE1 1 
ATOM   1094 O  OE2 . GLU   A 1 139 ? -8.162  2.388   -18.468 1.00 53.89  ? 145 GLU   A OE2 1 
ATOM   1095 N  N   . GLU   A 1 140 ? -9.089  7.728   -16.661 1.00 60.08  ? 146 GLU   A N   1 
ATOM   1096 C  CA  . GLU   A 1 140 ? -10.242 8.497   -16.112 1.00 61.19  ? 146 GLU   A CA  1 
ATOM   1097 C  C   . GLU   A 1 140 ? -9.795  9.245   -14.850 1.00 63.21  ? 146 GLU   A C   1 
ATOM   1098 O  O   . GLU   A 1 140 ? -10.233 10.360  -14.546 1.00 64.08  ? 146 GLU   A O   1 
ATOM   1099 C  CB  . GLU   A 1 140 ? -11.417 7.544   -15.864 1.00 61.35  ? 146 GLU   A CB  1 
ATOM   1100 C  CG  . GLU   A 1 140 ? -12.420 8.014   -14.821 1.00 61.77  ? 146 GLU   A CG  1 
ATOM   1101 C  CD  . GLU   A 1 140 ? -13.421 9.055   -15.290 1.00 63.07  ? 146 GLU   A CD  1 
ATOM   1102 O  OE1 . GLU   A 1 140 ? -14.636 8.836   -15.091 1.00 62.99  ? 146 GLU   A OE1 1 
ATOM   1103 O  OE2 . GLU   A 1 140 ? -12.987 10.087  -15.841 1.00 63.13  ? 146 GLU   A OE2 1 
HETATM 1104 ZN ZN  . ZN    B 2 .   ? 6.434   -6.444  -11.588 1.00 13.45  ? 201 ZN    A ZN  1 
HETATM 1105 S  S   . DMS   C 3 .   ? 8.524   1.983   -13.680 1.00 105.26 ? 202 DMS   A S   1 
HETATM 1106 O  O   . DMS   C 3 .   ? 8.694   2.245   -15.150 1.00 107.51 ? 202 DMS   A O   1 
HETATM 1107 C  C1  . DMS   C 3 .   ? 10.037  1.242   -13.138 1.00 103.13 ? 202 DMS   A C1  1 
HETATM 1108 C  C2  . DMS   C 3 .   ? 8.726   3.549   -12.873 1.00 105.02 ? 202 DMS   A C2  1 
HETATM 1109 S  S   . DMS   D 3 .   ? -15.179 -3.691  2.060   1.00 82.07  ? 203 DMS   A S   1 
HETATM 1110 O  O   . DMS   D 3 .   ? -14.248 -3.462  3.217   1.00 79.11  ? 203 DMS   A O   1 
HETATM 1111 C  C1  . DMS   D 3 .   ? -15.589 -5.418  2.098   1.00 81.42  ? 203 DMS   A C1  1 
HETATM 1112 C  C2  . DMS   D 3 .   ? -16.756 -3.054  2.566   1.00 79.96  ? 203 DMS   A C2  1 
HETATM 1113 S  S   . DMS   E 3 .   ? 11.752  9.318   0.711   1.00 90.04  ? 204 DMS   A S   1 
HETATM 1114 O  O   . DMS   E 3 .   ? 13.234  9.305   0.972   1.00 89.88  ? 204 DMS   A O   1 
HETATM 1115 C  C1  . DMS   E 3 .   ? 11.526  10.299  -0.753  1.00 90.81  ? 204 DMS   A C1  1 
HETATM 1116 C  C2  . DMS   E 3 .   ? 11.365  7.735   0.016   1.00 87.43  ? 204 DMS   A C2  1 
HETATM 1117 S  S   . DMS   F 3 .   ? 15.437  -9.453  7.147   1.00 50.69  ? 205 DMS   A S   1 
HETATM 1118 O  O   . DMS   F 3 .   ? 15.892  -9.349  8.570   1.00 48.95  ? 205 DMS   A O   1 
HETATM 1119 C  C1  . DMS   F 3 .   ? 16.405  -8.274  6.238   1.00 48.53  ? 205 DMS   A C1  1 
HETATM 1120 C  C2  . DMS   F 3 .   ? 16.197  -10.925 6.496   1.00 49.61  ? 205 DMS   A C2  1 
HETATM 1121 S  S   . SO4   G 4 .   ? -10.607 -17.266 13.251  1.00 103.41 ? 206 SO4   A S   1 
HETATM 1122 O  O1  . SO4   G 4 .   ? -10.768 -18.011 12.031  1.00 101.69 ? 206 SO4   A O1  1 
HETATM 1123 O  O2  . SO4   G 4 .   ? -10.239 -18.158 14.318  1.00 101.47 ? 206 SO4   A O2  1 
HETATM 1124 O  O3  . SO4   G 4 .   ? -9.580  -16.276 13.081  1.00 103.09 ? 206 SO4   A O3  1 
HETATM 1125 O  O4  . SO4   G 4 .   ? -11.847 -16.615 13.578  1.00 106.28 ? 206 SO4   A O4  1 
HETATM 1126 N  N1  . A1BQ3 H 5 .   ? 1.282   -2.107  9.693   0.44 12.36  ? 207 A1BQ3 A N1  1 
HETATM 1127 C  C4  . A1BQ3 H 5 .   ? 1.498   -3.630  13.013  0.44 13.15  ? 207 A1BQ3 A C4  1 
HETATM 1128 C  C5  . A1BQ3 H 5 .   ? 2.661   -4.115  13.571  0.44 13.08  ? 207 A1BQ3 A C5  1 
HETATM 1129 C  C6  . A1BQ3 H 5 .   ? 3.883   -4.096  12.939  0.44 13.12  ? 207 A1BQ3 A C6  1 
HETATM 1130 C  C7  . A1BQ3 H 5 .   ? 3.966   -3.544  11.672  0.44 12.95  ? 207 A1BQ3 A C7  1 
HETATM 1131 C  C8  . A1BQ3 H 5 .   ? 2.816   -3.042  11.083  0.44 12.88  ? 207 A1BQ3 A C8  1 
HETATM 1132 N  N   . A1BQ3 H 5 .   ? 2.603   -2.461  9.868   0.44 12.85  ? 207 A1BQ3 A N   1 
HETATM 1133 C  C   . A1BQ3 H 5 .   ? 3.562   -2.249  8.798   0.44 12.86  ? 207 A1BQ3 A C   1 
HETATM 1134 O  O   . A1BQ3 H 5 .   ? -1.334  -2.619  12.074  0.44 12.87  ? 207 A1BQ3 A O   1 
HETATM 1135 C  C1  . A1BQ3 H 5 .   ? 0.659   -2.474  10.814  0.44 12.41  ? 207 A1BQ3 A C1  1 
HETATM 1136 C  C2  . A1BQ3 H 5 .   ? -0.790  -2.229  11.031  0.44 12.83  ? 207 A1BQ3 A C2  1 
HETATM 1137 C  C3  . A1BQ3 H 5 .   ? 1.581   -3.080  11.737  0.44 12.78  ? 207 A1BQ3 A C3  1 
HETATM 1138 F  F   . A1BQ3 H 5 .   ? 2.598   -4.619  14.829  0.44 14.04  ? 207 A1BQ3 A F   1 
HETATM 1139 N  N2  . A1BQ3 H 5 .   ? -1.447  -1.559  10.088  0.44 12.52  ? 207 A1BQ3 A N2  1 
HETATM 1140 O  O   . HOH   I 6 .   ? -15.766 4.811   -5.561  1.00 24.92  ? 301 HOH   A O   1 
HETATM 1141 O  O   . HOH   I 6 .   ? -11.148 7.009   -12.280 1.00 27.27  ? 302 HOH   A O   1 
HETATM 1142 O  O   . HOH   I 6 .   ? 8.352   -5.435  10.973  1.00 18.77  ? 303 HOH   A O   1 
HETATM 1143 O  O   . HOH   I 6 .   ? -6.330  17.864  -11.968 1.00 24.24  ? 304 HOH   A O   1 
HETATM 1144 O  O   . HOH   I 6 .   ? 4.847   11.120  4.362   1.00 34.82  ? 305 HOH   A O   1 
HETATM 1145 O  O   . HOH   I 6 .   ? -11.709 -6.099  0.371   1.00 37.38  ? 306 HOH   A O   1 
HETATM 1146 O  O   . HOH   I 6 .   ? 8.033   7.743   -11.092 1.00 28.93  ? 307 HOH   A O   1 
HETATM 1147 O  O   . HOH   I 6 .   ? 4.317   8.683   -4.969  1.00 22.30  ? 308 HOH   A O   1 
HETATM 1148 O  O   . HOH   I 6 .   ? 2.863   10.051  -12.812 1.00 28.73  ? 309 HOH   A O   1 
HETATM 1149 O  O   . HOH   I 6 .   ? -11.875 1.479   -16.040 1.00 29.72  ? 310 HOH   A O   1 
HETATM 1150 O  O   . HOH   I 6 .   ? -10.073 -1.642  -13.183 1.00 52.24  ? 311 HOH   A O   1 
HETATM 1151 O  O   . HOH   I 6 .   ? -2.897  -13.949 -4.536  1.00 34.06  ? 312 HOH   A O   1 
HETATM 1152 O  O   . HOH   I 6 .   ? 3.544   0.667   8.563   0.44 31.27  ? 313 HOH   A O   1 
HETATM 1153 O  O   . HOH   I 6 .   ? 10.542  -11.906 1.990   1.00 16.26  ? 314 HOH   A O   1 
HETATM 1154 O  O   . HOH   I 6 .   ? -12.380 -2.982  -2.600  1.00 25.27  ? 315 HOH   A O   1 
HETATM 1155 O  O   . HOH   I 6 .   ? -16.002 0.461   -0.913  1.00 31.89  ? 316 HOH   A O   1 
HETATM 1156 O  O   . HOH   I 6 .   ? -1.060  2.585   -17.708 1.00 31.22  ? 317 HOH   A O   1 
HETATM 1157 O  O   . HOH   I 6 .   ? 11.751  9.391   5.370   1.00 24.09  ? 318 HOH   A O   1 
HETATM 1158 O  O   . HOH   I 6 .   ? -5.456  10.945  -12.621 1.00 22.50  ? 319 HOH   A O   1 
HETATM 1159 O  O   . HOH   I 6 .   ? -2.410  18.229  -7.125  1.00 41.01  ? 320 HOH   A O   1 
HETATM 1160 O  O   . HOH   I 6 .   ? 2.056   12.396  -0.310  1.00 64.69  ? 321 HOH   A O   1 
HETATM 1161 O  O   . HOH   I 6 .   ? 5.748   6.659   -13.811 1.00 22.47  ? 322 HOH   A O   1 
HETATM 1162 O  O   . HOH   I 6 .   ? -10.924 4.326   -14.149 1.00 30.02  ? 323 HOH   A O   1 
HETATM 1163 O  O   . HOH   I 6 .   ? -8.341  13.329  -9.931  1.00 25.67  ? 324 HOH   A O   1 
HETATM 1164 O  O   . HOH   I 6 .   ? 2.715   11.852  -14.581 1.00 137.16 ? 325 HOH   A O   1 
HETATM 1165 O  O   . HOH   I 6 .   ? -4.757  -7.710  -5.067  1.00 23.87  ? 326 HOH   A O   1 
HETATM 1166 O  O   . HOH   I 6 .   ? 14.025  10.337  7.587   1.00 23.08  ? 327 HOH   A O   1 
HETATM 1167 O  O   . HOH   I 6 .   ? 6.962   -13.670 11.810  1.00 52.68  ? 328 HOH   A O   1 
HETATM 1168 O  O   . HOH   I 6 .   ? -0.127  -12.677 1.225   1.00 28.20  ? 329 HOH   A O   1 
HETATM 1169 O  O   . HOH   I 6 .   ? 2.852   -10.954 -7.095  1.00 34.35  ? 330 HOH   A O   1 
HETATM 1170 O  O   . HOH   I 6 .   ? -2.512  10.907  4.750   1.00 22.99  ? 331 HOH   A O   1 
HETATM 1171 O  O   . HOH   I 6 .   ? -3.728  -3.233  9.589   0.44 17.45  ? 332 HOH   A O   1 
HETATM 1172 O  O   . HOH   I 6 .   ? -0.779  3.481   -14.163 1.00 28.50  ? 333 HOH   A O   1 
HETATM 1173 O  O   . HOH   I 6 .   ? -5.618  -2.354  18.540  1.00 42.39  ? 334 HOH   A O   1 
HETATM 1174 O  O   . HOH   I 6 .   ? -3.258  18.251  -13.072 1.00 84.37  ? 335 HOH   A O   1 
HETATM 1175 O  O   . HOH   I 6 .   ? -2.557  -0.877  -17.794 1.00 32.60  ? 336 HOH   A O   1 
HETATM 1176 O  O   . HOH   I 6 .   ? -0.820  6.379   3.554   1.00 10.92  ? 337 HOH   A O   1 
HETATM 1177 O  O   . HOH   I 6 .   ? 20.468  0.729   9.475   1.00 25.14  ? 338 HOH   A O   1 
HETATM 1178 O  O   . HOH   I 6 .   ? -16.841 3.196   4.224   1.00 20.83  ? 339 HOH   A O   1 
HETATM 1179 O  O   . HOH   I 6 .   ? -14.294 14.180  6.606   1.00 19.63  ? 340 HOH   A O   1 
HETATM 1180 O  O   . HOH   I 6 .   ? -5.354  12.764  -14.465 1.00 75.02  ? 341 HOH   A O   1 
HETATM 1181 O  O   . HOH   I 6 .   ? -10.051 -9.071  5.378   1.00 25.96  ? 342 HOH   A O   1 
HETATM 1182 O  O   . HOH   I 6 .   ? 7.683   -3.836  14.553  1.00 33.33  ? 343 HOH   A O   1 
HETATM 1183 O  O   . HOH   I 6 .   ? -0.899  -9.862  20.125  1.00 82.81  ? 344 HOH   A O   1 
HETATM 1184 O  O   . HOH   I 6 .   ? 7.770   3.288   5.085   1.00 14.27  ? 345 HOH   A O   1 
HETATM 1185 O  O   . HOH   I 6 .   ? -6.270  4.787   18.113  1.00 80.08  ? 346 HOH   A O   1 
HETATM 1186 O  O   . HOH   I 6 .   ? -3.511  -16.109 5.835   1.00 22.10  ? 347 HOH   A O   1 
HETATM 1187 O  O   . HOH   I 6 .   ? -1.264  12.633  3.725   1.00 25.89  ? 348 HOH   A O   1 
HETATM 1188 O  O   . HOH   I 6 .   ? -10.377 -0.416  -16.718 1.00 40.09  ? 349 HOH   A O   1 
HETATM 1189 O  O   . HOH   I 6 .   ? -2.029  5.125   -17.330 1.00 31.44  ? 350 HOH   A O   1 
HETATM 1190 O  O   . HOH   I 6 .   ? -0.656  -14.072 11.204  1.00 33.88  ? 351 HOH   A O   1 
HETATM 1191 O  O   . HOH   I 6 .   ? -5.135  -4.915  9.978   1.00 20.36  ? 352 HOH   A O   1 
HETATM 1192 O  O   . HOH   I 6 .   ? -4.490  -4.828  0.994   1.00 18.04  ? 353 HOH   A O   1 
HETATM 1193 O  O   . HOH   I 6 .   ? -8.549  -7.078  -10.997 1.00 34.96  ? 354 HOH   A O   1 
HETATM 1194 O  O   . HOH   I 6 .   ? -4.603  5.252   15.694  1.00 66.64  ? 355 HOH   A O   1 
HETATM 1195 O  O   . HOH   I 6 .   ? -15.572 18.310  -2.517  1.00 26.50  ? 356 HOH   A O   1 
HETATM 1196 O  O   . HOH   I 6 .   ? 15.802  -6.665  2.607   1.00 25.02  ? 357 HOH   A O   1 
HETATM 1197 O  O   . HOH   I 6 .   ? 14.052  -10.152 3.522   1.00 23.18  ? 358 HOH   A O   1 
HETATM 1198 O  O   . HOH   I 6 .   ? -2.700  -12.997 19.152  1.00 39.56  ? 359 HOH   A O   1 
HETATM 1199 O  O   . HOH   I 6 .   ? -9.516  2.915   8.045   1.00 17.01  ? 360 HOH   A O   1 
HETATM 1200 O  O   . HOH   I 6 .   ? -2.495  -8.501  -7.921  1.00 19.42  ? 361 HOH   A O   1 
HETATM 1201 O  O   . HOH   I 6 .   ? -1.846  9.583   11.391  1.00 43.98  ? 362 HOH   A O   1 
HETATM 1202 O  O   . HOH   I 6 .   ? 19.131  -2.206  8.258   1.00 19.86  ? 363 HOH   A O   1 
HETATM 1203 O  O   . HOH   I 6 .   ? -9.724  11.410  8.435   1.00 21.49  ? 364 HOH   A O   1 
HETATM 1204 O  O   . HOH   I 6 .   ? 4.252   11.004  -7.771  1.00 28.62  ? 365 HOH   A O   1 
HETATM 1205 O  O   . HOH   I 6 .   ? 16.021  -9.630  -0.415  1.00 31.81  ? 366 HOH   A O   1 
HETATM 1206 O  O   . HOH   I 6 .   ? -17.490 3.776   -0.411  1.00 21.98  ? 367 HOH   A O   1 
HETATM 1207 O  O   . HOH   I 6 .   ? -7.312  3.869   12.406  1.00 24.59  ? 368 HOH   A O   1 
HETATM 1208 O  O   . HOH   I 6 .   ? 7.774   -6.782  14.606  1.00 52.40  ? 369 HOH   A O   1 
HETATM 1209 O  O   . HOH   I 6 .   ? 7.114   6.026   4.494   1.00 18.90  ? 370 HOH   A O   1 
HETATM 1210 O  O   . HOH   I 6 .   ? 12.371  -9.597  9.179   1.00 26.06  ? 371 HOH   A O   1 
HETATM 1211 O  O   . HOH   I 6 .   ? 11.803  -0.340  -10.046 1.00 21.69  ? 372 HOH   A O   1 
HETATM 1212 O  O   . HOH   I 6 .   ? 14.709  -4.911  12.205  1.00 49.71  ? 373 HOH   A O   1 
HETATM 1213 O  O   . HOH   I 6 .   ? -8.037  8.533   8.898   1.00 27.00  ? 374 HOH   A O   1 
HETATM 1214 O  O   . HOH   I 6 .   ? 4.665   3.505   14.326  1.00 25.39  ? 375 HOH   A O   1 
HETATM 1215 O  O   . HOH   I 6 .   ? -13.772 -4.557  6.410   1.00 27.68  ? 376 HOH   A O   1 
HETATM 1216 O  O   . HOH   I 6 .   ? -7.051  -11.255 -0.469  1.00 16.51  ? 377 HOH   A O   1 
HETATM 1217 O  O   . HOH   I 6 .   ? 10.521  2.038   -2.960  1.00 14.95  ? 378 HOH   A O   1 
HETATM 1218 O  O   . HOH   I 6 .   ? -14.661 0.021   3.728   1.00 19.11  ? 379 HOH   A O   1 
HETATM 1219 O  O   . HOH   I 6 .   ? -6.822  -14.751 0.052   1.00 63.10  ? 380 HOH   A O   1 
HETATM 1220 O  O   . HOH   I 6 .   ? -6.077  14.581  -2.269  1.00 19.74  ? 381 HOH   A O   1 
HETATM 1221 O  O   . HOH   I 6 .   ? 18.973  -2.209  1.878   1.00 23.09  ? 382 HOH   A O   1 
HETATM 1222 O  O   . HOH   I 6 .   ? 0.225   4.458   10.255  1.00 21.02  ? 383 HOH   A O   1 
HETATM 1223 O  O   . HOH   I 6 .   ? -0.359  -15.473 -2.540  1.00 30.55  ? 384 HOH   A O   1 
HETATM 1224 O  O   . HOH   I 6 .   ? -6.037  15.250  0.055   1.00 22.41  ? 385 HOH   A O   1 
HETATM 1225 O  O   . HOH   I 6 .   ? 0.358   -9.918  12.304  1.00 30.97  ? 386 HOH   A O   1 
HETATM 1226 O  O   . HOH   I 6 .   ? 5.271   6.915   -0.252  1.00 22.97  ? 387 HOH   A O   1 
HETATM 1227 O  O   . HOH   I 6 .   ? 2.383   7.704   9.452   1.00 29.29  ? 388 HOH   A O   1 
HETATM 1228 O  O   . HOH   I 6 .   ? -4.452  -1.851  -15.451 1.00 47.13  ? 389 HOH   A O   1 
HETATM 1229 O  O   . HOH   I 6 .   ? 12.920  -0.804  15.698  1.00 24.92  ? 390 HOH   A O   1 
HETATM 1230 O  O   . HOH   I 6 .   ? 4.244   -10.586 -14.451 1.00 14.91  ? 391 HOH   A O   1 
HETATM 1231 O  O   . HOH   I 6 .   ? -4.802  -3.863  -1.048  1.00 13.19  ? 392 HOH   A O   1 
HETATM 1232 O  O   . HOH   I 6 .   ? -4.925  15.432  1.880   1.00 26.90  ? 393 HOH   A O   1 
HETATM 1233 O  O   . HOH   I 6 .   ? 0.482   11.049  2.512   1.00 26.17  ? 394 HOH   A O   1 
HETATM 1234 O  O   . HOH   I 6 .   ? -3.023  -8.472  18.817  1.00 17.26  ? 395 HOH   A O   1 
HETATM 1235 O  O   . HOH   I 6 .   ? 5.969   -14.619 -8.628  1.00 39.59  ? 396 HOH   A O   1 
HETATM 1236 O  O   . HOH   I 6 .   ? 18.288  2.803   0.833   1.00 16.26  ? 397 HOH   A O   1 
HETATM 1237 O  O   . HOH   I 6 .   ? 14.487  -10.793 -3.003  1.00 26.16  ? 398 HOH   A O   1 
HETATM 1238 O  O   . HOH   I 6 .   ? 8.408   -8.261  -17.710 1.00 25.08  ? 399 HOH   A O   1 
HETATM 1239 O  O   . HOH   I 6 .   ? -12.120 1.139   9.190   1.00 33.85  ? 400 HOH   A O   1 
HETATM 1240 O  O   . HOH   I 6 .   ? 12.271  -1.085  -14.312 1.00 34.22  ? 401 HOH   A O   1 
HETATM 1241 O  O   . HOH   I 6 .   ? 3.029   -10.801 -5.129  1.00 22.99  ? 402 HOH   A O   1 
HETATM 1242 O  O   . HOH   I 6 .   ? 11.905  -6.674  12.591  1.00 29.05  ? 403 HOH   A O   1 
HETATM 1243 O  O   . HOH   I 6 .   ? -0.479  -10.046 -9.132  1.00 19.64  ? 404 HOH   A O   1 
HETATM 1244 O  O   . HOH   I 6 .   ? -11.596 -20.607 11.096  1.00 36.62  ? 405 HOH   A O   1 
HETATM 1245 O  O   . HOH   I 6 .   ? 1.298   15.086  -17.929 1.00 47.56  ? 406 HOH   A O   1 
HETATM 1246 O  O   . HOH   I 6 .   ? 19.393  6.501   5.870   1.00 30.47  ? 407 HOH   A O   1 
HETATM 1247 O  O   . HOH   I 6 .   ? 11.513  1.801   16.394  1.00 20.65  ? 408 HOH   A O   1 
HETATM 1248 O  O   . HOH   I 6 .   ? 8.346   7.591   -5.410  1.00 16.53  ? 409 HOH   A O   1 
HETATM 1249 O  O   . HOH   I 6 .   ? -16.444 15.011  -3.037  1.00 21.68  ? 410 HOH   A O   1 
HETATM 1250 O  O   . HOH   I 6 .   ? 3.143   -3.695  -16.212 1.00 15.93  ? 411 HOH   A O   1 
HETATM 1251 O  O   . HOH   I 6 .   ? 3.668   -18.120 -6.193  1.00 45.41  ? 412 HOH   A O   1 
HETATM 1252 O  O   . HOH   I 6 .   ? -11.239 -9.058  9.440   1.00 75.14  ? 413 HOH   A O   1 
HETATM 1253 O  O   . HOH   I 6 .   ? -10.153 -5.881  -8.067  1.00 27.41  ? 414 HOH   A O   1 
HETATM 1254 O  O   . HOH   I 6 .   ? -0.913  12.845  -8.097  1.00 18.70  ? 415 HOH   A O   1 
HETATM 1255 O  O   . HOH   I 6 .   ? -6.222  -11.412 -3.058  1.00 21.90  ? 416 HOH   A O   1 
HETATM 1256 O  O   . HOH   I 6 .   ? 11.379  -7.230  -9.917  1.00 26.60  ? 417 HOH   A O   1 
HETATM 1257 O  O   . HOH   I 6 .   ? 5.302   -0.923  -16.696 1.00 32.16  ? 418 HOH   A O   1 
HETATM 1258 O  O   . HOH   I 6 .   ? -1.519  -13.622 13.552  1.00 94.24  ? 419 HOH   A O   1 
HETATM 1259 O  O   . HOH   I 6 .   ? -13.243 14.635  -6.702  1.00 33.56  ? 420 HOH   A O   1 
HETATM 1260 O  O   . HOH   I 6 .   ? 8.125   5.462   -0.291  1.00 14.60  ? 421 HOH   A O   1 
HETATM 1261 O  O   . HOH   I 6 .   ? -16.545 13.239  -1.032  1.00 22.42  ? 422 HOH   A O   1 
HETATM 1262 O  O   . HOH   I 6 .   ? -1.957  -6.698  -12.285 1.00 15.92  ? 423 HOH   A O   1 
HETATM 1263 O  O   . HOH   I 6 .   ? -3.344  11.626  8.589   1.00 25.30  ? 424 HOH   A O   1 
HETATM 1264 O  O   . HOH   I 6 .   ? 16.491  -3.938  10.634  1.00 25.52  ? 425 HOH   A O   1 
HETATM 1265 O  O   . HOH   I 6 .   ? 14.426  -7.548  -5.004  1.00 30.48  ? 426 HOH   A O   1 
HETATM 1266 O  O   . HOH   I 6 .   ? 0.827   -6.506  14.188  0.44 20.47  ? 427 HOH   A O   1 
HETATM 1267 O  O   . HOH   I 6 .   ? -0.228  -13.078 20.118  1.00 27.32  ? 428 HOH   A O   1 
HETATM 1268 O  O   . HOH   I 6 .   ? 6.777   8.105   6.652   1.00 30.67  ? 429 HOH   A O   1 
HETATM 1269 O  O   . HOH   I 6 .   ? -4.986  9.361   10.751  1.00 32.91  ? 430 HOH   A O   1 
HETATM 1270 O  O   . HOH   I 6 .   ? 1.101   -9.226  18.536  1.00 30.89  ? 431 HOH   A O   1 
HETATM 1271 O  O   . HOH   I 6 .   ? -9.039  17.756  -5.886  1.00 30.46  ? 432 HOH   A O   1 
HETATM 1272 O  O   . HOH   I 6 .   ? 3.966   -7.998  -16.586 1.00 23.63  ? 433 HOH   A O   1 
HETATM 1273 O  O   . HOH   I 6 .   ? -10.030 -3.701  -11.847 1.00 23.46  ? 434 HOH   A O   1 
HETATM 1274 O  O   . HOH   I 6 .   ? -0.152  15.127  -6.939  1.00 23.00  ? 435 HOH   A O   1 
HETATM 1275 O  O   . HOH   I 6 .   ? 8.518   7.003   -8.476  1.00 17.19  ? 436 HOH   A O   1 
HETATM 1276 O  O   . HOH   I 6 .   ? -11.864 -2.225  -7.368  1.00 21.62  ? 437 HOH   A O   1 
HETATM 1277 O  O   . HOH   I 6 .   ? 10.434  5.537   -2.104  1.00 18.36  ? 438 HOH   A O   1 
HETATM 1278 O  O   . HOH   I 6 .   ? -14.841 20.123  2.689   1.00 26.59  ? 439 HOH   A O   1 
HETATM 1279 O  O   . HOH   I 6 .   ? -7.687  17.157  6.111   1.00 23.92  ? 440 HOH   A O   1 
HETATM 1280 O  O   . HOH   I 6 .   ? 2.678   -9.729  10.382  1.00 31.71  ? 441 HOH   A O   1 
HETATM 1281 O  O   . HOH   I 6 .   ? 15.856  8.582   2.493   1.00 35.99  ? 442 HOH   A O   1 
HETATM 1282 O  O   . HOH   I 6 .   ? -0.106  3.631   11.416  1.00 29.18  ? 443 HOH   A O   1 
HETATM 1283 O  O   . HOH   I 6 .   ? 4.132   10.537  -0.632  1.00 24.30  ? 444 HOH   A O   1 
HETATM 1284 O  O   . HOH   I 6 .   ? 14.012  -4.538  6.542   1.00 17.52  ? 445 HOH   A O   1 
HETATM 1285 O  O   . HOH   I 6 .   ? -7.057  -6.393  19.187  1.00 21.54  ? 446 HOH   A O   1 
HETATM 1286 O  O   . HOH   I 6 .   ? 13.147  -10.824 1.290   1.00 13.27  ? 447 HOH   A O   1 
HETATM 1287 O  O   . HOH   I 6 .   ? 13.538  -6.572  4.491   1.00 20.90  ? 448 HOH   A O   1 
HETATM 1288 O  O   . HOH   I 6 .   ? -0.059  17.909  -14.776 1.00 29.50  ? 449 HOH   A O   1 
HETATM 1289 O  O   . HOH   I 6 .   ? 6.332   -7.431  16.649  1.00 39.54  ? 450 HOH   A O   1 
HETATM 1290 O  O   . HOH   I 6 .   ? 0.779   -13.011 9.287   1.00 29.28  ? 451 HOH   A O   1 
HETATM 1291 O  O   . HOH   I 6 .   ? -13.742 -3.815  8.606   1.00 28.14  ? 452 HOH   A O   1 
HETATM 1292 O  O   . HOH   I 6 .   ? -9.941  7.508   7.997   1.00 22.31  ? 453 HOH   A O   1 
HETATM 1293 O  O   . HOH   I 6 .   ? 2.401   -16.388 -4.391  1.00 25.93  ? 454 HOH   A O   1 
HETATM 1294 O  O   . HOH   I 6 .   ? 0.849   12.493  -16.107 1.00 30.75  ? 455 HOH   A O   1 
HETATM 1295 O  O   . HOH   I 6 .   ? -0.320  8.794   4.572   1.00 19.56  ? 456 HOH   A O   1 
HETATM 1296 O  O   . HOH   I 6 .   ? 9.872   2.443   -9.753  1.00 30.78  ? 457 HOH   A O   1 
HETATM 1297 O  O   . HOH   I 6 .   ? 12.899  -7.760  10.428  1.00 39.78  ? 458 HOH   A O   1 
HETATM 1298 O  O   . HOH   I 6 .   ? 9.865   -11.485 -10.087 1.00 29.35  ? 459 HOH   A O   1 
HETATM 1299 O  O   . HOH   I 6 .   ? 2.048   -10.834 13.184  1.00 27.86  ? 460 HOH   A O   1 
HETATM 1300 O  O   . HOH   I 6 .   ? 7.173   -13.582 -13.541 1.00 30.79  ? 461 HOH   A O   1 
HETATM 1301 O  O   . HOH   I 6 .   ? 0.441   -10.350 8.846   0.44 64.49  ? 462 HOH   A O   1 
HETATM 1302 O  O   . HOH   I 6 .   ? -6.433  18.387  -4.746  1.00 48.27  ? 463 HOH   A O   1 
HETATM 1303 O  O   . HOH   I 6 .   ? -4.608  6.608   18.850  1.00 57.06  ? 464 HOH   A O   1 
HETATM 1304 O  O   . HOH   I 6 .   ? -11.299 -4.175  -5.451  1.00 29.14  ? 465 HOH   A O   1 
HETATM 1305 O  O   . HOH   I 6 .   ? -7.007  9.717   -14.056 1.00 26.43  ? 466 HOH   A O   1 
HETATM 1306 O  O   . HOH   I 6 .   ? 0.768   6.598   11.126  1.00 30.40  ? 467 HOH   A O   1 
HETATM 1307 O  O   . HOH   I 6 .   ? -11.108 -10.081 11.848  1.00 29.61  ? 468 HOH   A O   1 
HETATM 1308 O  O   . HOH   I 6 .   ? -17.008 11.184  -3.447  1.00 22.14  ? 469 HOH   A O   1 
HETATM 1309 O  O   . HOH   I 6 .   ? -15.750 3.256   -3.339  1.00 31.63  ? 470 HOH   A O   1 
HETATM 1310 O  O   . HOH   I 6 .   ? 0.103   19.796  -12.638 1.00 32.96  ? 471 HOH   A O   1 
HETATM 1311 O  O   . HOH   I 6 .   ? 6.786   4.958   -10.854 1.00 25.10  ? 472 HOH   A O   1 
HETATM 1312 O  O   . HOH   I 6 .   ? -7.423  11.867  -11.593 1.00 64.01  ? 473 HOH   A O   1 
HETATM 1313 O  O   . HOH   I 6 .   ? -15.552 8.362   -8.335  1.00 37.25  ? 474 HOH   A O   1 
HETATM 1314 O  O   . HOH   I 6 .   ? 1.696   -6.287  17.960  1.00 49.63  ? 475 HOH   A O   1 
HETATM 1315 O  O   . HOH   I 6 .   ? -10.724 -3.645  -9.349  1.00 32.54  ? 476 HOH   A O   1 
HETATM 1316 O  O   . HOH   I 6 .   ? 6.092   1.828   -17.375 1.00 38.80  ? 477 HOH   A O   1 
HETATM 1317 O  O   . HOH   I 6 .   ? 1.420   -12.087 10.991  1.00 32.93  ? 478 HOH   A O   1 
HETATM 1318 O  O   . HOH   I 6 .   ? -7.275  15.137  8.857   1.00 26.95  ? 479 HOH   A O   1 
HETATM 1319 O  O   . HOH   I 6 .   ? -1.378  21.738  -11.739 1.00 35.11  ? 480 HOH   A O   1 
HETATM 1320 O  O   . HOH   I 6 .   ? -5.001  -11.842 17.887  1.00 75.85  ? 481 HOH   A O   1 
HETATM 1321 O  O   . HOH   I 6 .   ? 9.095   -9.940  -15.576 1.00 23.81  ? 482 HOH   A O   1 
HETATM 1322 O  O   . HOH   I 6 .   ? -6.619  3.094   20.148  1.00 43.37  ? 483 HOH   A O   1 
HETATM 1323 O  O   . HOH   I 6 .   ? -6.235  -10.581 -5.862  1.00 35.09  ? 484 HOH   A O   1 
HETATM 1324 O  O   . HOH   I 6 .   ? -12.926 -9.009  2.153   1.00 42.40  ? 485 HOH   A O   1 
HETATM 1325 O  O   . HOH   I 6 .   ? -1.532  15.123  3.322   1.00 25.17  ? 486 HOH   A O   1 
HETATM 1326 O  O   . HOH   I 6 .   ? 7.236   -10.608 -13.488 1.00 36.41  ? 487 HOH   A O   1 
HETATM 1327 O  O   . HOH   I 6 .   ? 1.451   -1.758  16.686  1.00 38.61  ? 488 HOH   A O   1 
HETATM 1328 O  O   . HOH   I 6 .   ? -2.465  15.688  -2.707  1.00 29.32  ? 489 HOH   A O   1 
HETATM 1329 O  O   . HOH   I 6 .   ? 19.131  -1.218  10.273  1.00 32.31  ? 490 HOH   A O   1 
HETATM 1330 O  O   . HOH   I 6 .   ? 17.652  5.405   0.358   1.00 28.62  ? 491 HOH   A O   1 
HETATM 1331 O  O   . HOH   I 6 .   ? -0.529  10.535  6.294   1.00 27.77  ? 492 HOH   A O   1 
HETATM 1332 O  O   . HOH   I 6 .   ? -0.505  -7.371  19.735  1.00 47.90  ? 493 HOH   A O   1 
HETATM 1333 O  O   . HOH   I 6 .   ? -14.562 -0.186  -10.401 1.00 33.18  ? 494 HOH   A O   1 
HETATM 1334 O  O   . HOH   I 6 .   ? 15.617  -5.278  8.607   1.00 35.12  ? 495 HOH   A O   1 
HETATM 1335 O  O   . HOH   I 6 .   ? -13.565 3.027   -9.352  1.00 27.80  ? 496 HOH   A O   1 
HETATM 1336 O  O   . HOH   I 6 .   ? 5.785   0.914   17.628  1.00 27.42  ? 497 HOH   A O   1 
HETATM 1337 O  O   . HOH   I 6 .   ? 5.471   12.687  -6.937  1.00 30.19  ? 498 HOH   A O   1 
HETATM 1338 O  O   . HOH   I 6 .   ? -1.485  16.589  -0.493  1.00 31.04  ? 499 HOH   A O   1 
HETATM 1339 O  O   . HOH   I 6 .   ? 2.762   4.970   -18.544 1.00 31.42  ? 500 HOH   A O   1 
HETATM 1340 O  O   . HOH   I 6 .   ? 1.674   9.424   13.459  1.00 28.42  ? 501 HOH   A O   1 
HETATM 1341 O  O   . HOH   I 6 .   ? 0.427   9.058   10.026  1.00 25.70  ? 502 HOH   A O   1 
HETATM 1342 O  O   . HOH   I 6 .   ? 5.345   15.738  -10.840 1.00 28.98  ? 503 HOH   A O   1 
HETATM 1343 O  O   . HOH   I 6 .   ? 8.456   6.114   -16.622 1.00 32.44  ? 504 HOH   A O   1 
HETATM 1344 O  O   . HOH   I 6 .   ? -4.038  -10.228 -7.503  1.00 32.03  ? 505 HOH   A O   1 
HETATM 1345 O  O   . HOH   I 6 .   ? 2.933   15.214  -6.503  1.00 26.89  ? 506 HOH   A O   1 
HETATM 1346 O  O   . HOH   I 6 .   ? -1.742  13.345  6.267   1.00 47.03  ? 507 HOH   A O   1 
HETATM 1347 O  O   . HOH   I 6 .   ? -1.798  19.777  -14.535 1.00 36.10  ? 508 HOH   A O   1 
HETATM 1348 O  O   . HOH   I 6 .   ? 19.878  6.253   8.603   1.00 21.86  ? 509 HOH   A O   1 
HETATM 1349 O  O   . HOH   I 6 .   ? 18.317  -5.429  7.746   1.00 33.26  ? 510 HOH   A O   1 
HETATM 1350 O  O   . HOH   I 6 .   ? -16.161 20.137  -0.428  1.00 23.87  ? 511 HOH   A O   1 
HETATM 1351 O  O   . HOH   I 6 .   ? -0.815  16.418  -4.875  1.00 29.85  ? 512 HOH   A O   1 
HETATM 1352 O  O   . HOH   I 6 .   ? 3.184   7.424   12.760  1.00 26.21  ? 513 HOH   A O   1 
HETATM 1353 O  O   . HOH   I 6 .   ? 3.872   19.251  -9.575  1.00 36.01  ? 514 HOH   A O   1 
HETATM 1354 O  O   . HOH   I 6 .   ? 17.999  -6.681  3.337   1.00 24.76  ? 515 HOH   A O   1 
HETATM 1355 O  O   . HOH   I 6 .   ? -2.730  -13.427 -7.141  1.00 21.84  ? 516 HOH   A O   1 
HETATM 1356 O  O   . HOH   I 6 .   ? 19.286  9.210   4.867   1.00 33.27  ? 517 HOH   A O   1 
HETATM 1357 O  O   . HOH   I 6 .   ? -13.259 3.624   -13.396 1.00 27.74  ? 518 HOH   A O   1 
HETATM 1358 O  O   . HOH   I 6 .   ? 10.963  -10.444 16.273  1.00 24.24  ? 519 HOH   A O   1 
HETATM 1359 O  O   . HOH   I 6 .   ? 15.544  -10.287 -13.701 1.00 27.37  ? 520 HOH   A O   1 
HETATM 1360 O  O   . HOH   I 6 .   ? -11.836 -7.353  -8.832  1.00 45.57  ? 521 HOH   A O   1 
HETATM 1361 O  O   . HOH   I 6 .   ? 19.003  -5.064  2.926   1.00 23.02  ? 522 HOH   A O   1 
HETATM 1362 O  O   . HOH   I 6 .   ? -11.144 -14.514 7.046   1.00 27.34  ? 523 HOH   A O   1 
HETATM 1363 O  O   . HOH   I 6 .   ? -12.622 -11.957 6.984   1.00 34.78  ? 524 HOH   A O   1 
HETATM 1364 O  O   . HOH   I 6 .   ? 20.252  -3.204  4.230   1.00 22.48  ? 525 HOH   A O   1 
HETATM 1365 O  O   . HOH   I 6 .   ? 11.133  -2.716  -19.865 1.00 27.18  ? 526 HOH   A O   1 
HETATM 1366 O  O   . HOH   I 6 .   ? -13.471 -13.402 3.818   1.00 50.00  ? 527 HOH   A O   1 
HETATM 1367 O  O   . HOH   I 6 .   ? -2.353  24.396  -22.086 1.00 37.65  ? 528 HOH   A O   1 
# 
